data_6R4V
#
_entry.id   6R4V
#
_cell.length_a   68.450
_cell.length_b   153.010
_cell.length_c   198.590
_cell.angle_alpha   90.00
_cell.angle_beta   90.00
_cell.angle_gamma   90.00
#
_symmetry.space_group_name_H-M   'P 21 21 21'
#
loop_
_entity.id
_entity.type
_entity.pdbx_description
1 polymer 'Geranylgeranyl pyrophosphate synthase'
2 non-polymer 'MAGNESIUM ION'
3 non-polymer IBANDRONATE
4 non-polymer GLYCEROL
5 water water
#
_entity_poly.entity_id   1
_entity_poly.type   'polypeptide(L)'
_entity_poly.pdbx_seq_one_letter_code
;GSGSGSGMEKTQETVQRILLEPYKYLLQLPGKQVRTKLSQAFNHWLKVPEDKLQIIIEVTEMLHNASLLIDDIEDNSKLR
RGFPVAHSIYGIPSVINSANYVYFLGLEKVLTLDHQDAVKLFTRQLLELHQGQGLDIYWRDNYTCPTEEEYKAMVLQKTG
GLFGLAVGLMQLFSDYKEDLKPLLNTLGLFFQIRDDYANLHSKEYSENKSFCEDLTEGKFSFPTIHAIWSRPESTQVQNI
LRQRTENIDIKKYCVHYLEDVGSFEYTRNTLKELEAKAYKQIDARGGNPELVALVKHLSKMFKEENE
;
_entity_poly.pdbx_strand_id   A,C,F,E,B,D
#
# COMPACT_ATOMS: atom_id res chain seq x y z
N GLN A 12 -0.59 40.28 1.63
CA GLN A 12 -1.52 39.88 0.58
C GLN A 12 -0.79 39.48 -0.69
N GLU A 13 0.11 40.34 -1.16
CA GLU A 13 0.95 39.98 -2.31
C GLU A 13 1.66 38.65 -2.07
N THR A 14 2.00 38.35 -0.82
CA THR A 14 2.61 37.06 -0.50
C THR A 14 1.58 35.93 -0.54
N VAL A 15 0.31 36.21 -0.27
CA VAL A 15 -0.73 35.21 -0.42
C VAL A 15 -0.81 34.75 -1.87
N GLN A 16 -0.78 35.70 -2.80
CA GLN A 16 -0.86 35.37 -4.22
C GLN A 16 0.33 34.53 -4.66
N ARG A 17 1.51 34.82 -4.12
CA ARG A 17 2.71 34.05 -4.48
C ARG A 17 2.58 32.61 -3.99
N ILE A 18 2.07 32.42 -2.77
CA ILE A 18 1.81 31.07 -2.27
C ILE A 18 0.81 30.36 -3.17
N LEU A 19 -0.28 31.05 -3.54
CA LEU A 19 -1.32 30.43 -4.35
C LEU A 19 -0.86 30.13 -5.76
N LEU A 20 0.11 30.88 -6.28
CA LEU A 20 0.53 30.73 -7.66
C LEU A 20 1.77 29.85 -7.82
N GLU A 21 2.41 29.46 -6.72
CA GLU A 21 3.69 28.75 -6.84
C GLU A 21 3.61 27.49 -7.70
N PRO A 22 2.58 26.63 -7.59
CA PRO A 22 2.51 25.52 -8.55
C PRO A 22 2.38 25.99 -9.99
N TYR A 23 1.63 27.06 -10.22
CA TYR A 23 1.50 27.58 -11.58
C TYR A 23 2.83 28.11 -12.09
N LYS A 24 3.49 28.98 -11.30
CA LYS A 24 4.80 29.49 -11.69
C LYS A 24 5.82 28.38 -11.85
N TYR A 25 5.69 27.31 -11.07
CA TYR A 25 6.58 26.17 -11.21
C TYR A 25 6.47 25.57 -12.61
N LEU A 26 5.24 25.37 -13.09
CA LEU A 26 5.07 24.76 -14.40
C LEU A 26 5.58 25.68 -15.50
N LEU A 27 5.44 27.00 -15.31
CA LEU A 27 5.89 27.97 -16.30
C LEU A 27 7.40 28.02 -16.46
N GLN A 28 8.12 27.41 -15.53
CA GLN A 28 9.58 27.36 -15.58
C GLN A 28 9.94 26.60 -16.83
N LEU A 29 9.19 25.54 -17.07
CA LEU A 29 9.42 24.68 -18.22
C LEU A 29 9.23 25.46 -19.49
N PRO A 30 10.07 25.20 -20.47
CA PRO A 30 9.92 25.93 -21.72
C PRO A 30 8.94 25.20 -22.61
N GLY A 31 7.75 25.76 -22.73
CA GLY A 31 6.73 25.22 -23.59
C GLY A 31 6.96 25.76 -24.99
N LYS A 32 6.39 25.12 -25.98
CA LYS A 32 6.52 25.55 -27.36
C LYS A 32 5.72 26.81 -27.64
N GLN A 33 4.84 27.18 -26.70
CA GLN A 33 3.97 28.34 -26.91
C GLN A 33 3.35 28.33 -28.31
N VAL A 34 3.00 27.13 -28.78
CA VAL A 34 2.43 26.95 -30.10
C VAL A 34 1.14 27.74 -30.22
N ARG A 35 0.40 27.86 -29.12
CA ARG A 35 -0.84 28.62 -29.16
C ARG A 35 -0.57 30.10 -29.42
N THR A 36 0.51 30.67 -28.86
CA THR A 36 0.89 32.02 -29.24
C THR A 36 1.33 32.07 -30.70
N LYS A 37 2.20 31.14 -31.11
CA LYS A 37 2.65 31.13 -32.50
C LYS A 37 1.49 30.92 -33.44
N LEU A 38 0.49 30.14 -33.00
CA LEU A 38 -0.73 30.00 -33.77
C LEU A 38 -1.52 31.31 -33.76
N SER A 39 -1.58 31.97 -32.60
CA SER A 39 -2.18 33.29 -32.51
C SER A 39 -1.50 34.27 -33.48
N GLN A 40 -0.17 34.31 -33.45
CA GLN A 40 0.56 35.19 -34.36
C GLN A 40 0.27 34.83 -35.81
N ALA A 41 0.23 33.53 -36.13
CA ALA A 41 -0.08 33.11 -37.49
C ALA A 41 -1.51 33.51 -37.88
N PHE A 42 -2.48 33.31 -36.98
CA PHE A 42 -3.85 33.66 -37.30
C PHE A 42 -4.05 35.18 -37.38
N ASN A 43 -3.21 35.96 -36.69
CA ASN A 43 -3.29 37.40 -36.83
C ASN A 43 -2.92 37.87 -38.24
N HIS A 44 -2.26 37.01 -39.03
CA HIS A 44 -2.05 37.32 -40.43
C HIS A 44 -3.37 37.64 -41.14
N TRP A 45 -4.43 36.91 -40.79
CA TRP A 45 -5.77 37.21 -41.30
C TRP A 45 -6.48 38.26 -40.46
N LEU A 46 -6.40 38.15 -39.13
CA LEU A 46 -7.33 38.88 -38.26
C LEU A 46 -6.87 40.30 -37.94
N LYS A 47 -5.57 40.55 -37.92
CA LYS A 47 -5.00 41.89 -37.73
C LYS A 47 -5.57 42.58 -36.48
N VAL A 48 -5.42 41.91 -35.35
CA VAL A 48 -5.91 42.42 -34.07
C VAL A 48 -4.91 43.47 -33.57
N PRO A 49 -5.37 44.61 -33.05
CA PRO A 49 -4.43 45.55 -32.42
C PRO A 49 -3.64 44.90 -31.30
N GLU A 50 -2.38 45.28 -31.17
CA GLU A 50 -1.45 44.58 -30.28
C GLU A 50 -1.95 44.56 -28.84
N ASP A 51 -2.59 45.64 -28.39
CA ASP A 51 -3.02 45.70 -26.99
C ASP A 51 -4.06 44.62 -26.70
N LYS A 52 -5.03 44.43 -27.59
CA LYS A 52 -5.99 43.36 -27.42
C LYS A 52 -5.33 41.99 -27.57
N LEU A 53 -4.47 41.85 -28.60
CA LEU A 53 -3.84 40.56 -28.87
C LEU A 53 -3.01 40.07 -27.69
N GLN A 54 -2.26 40.97 -27.06
CA GLN A 54 -1.43 40.57 -25.92
C GLN A 54 -2.29 40.04 -24.78
N ILE A 55 -3.42 40.70 -24.50
CA ILE A 55 -4.35 40.24 -23.47
C ILE A 55 -4.91 38.87 -23.84
N ILE A 56 -5.31 38.69 -25.11
CA ILE A 56 -5.89 37.41 -25.53
C ILE A 56 -4.87 36.29 -25.41
N ILE A 57 -3.62 36.56 -25.80
CA ILE A 57 -2.57 35.55 -25.69
C ILE A 57 -2.34 35.17 -24.23
N GLU A 58 -2.37 36.16 -23.33
CA GLU A 58 -2.17 35.89 -21.90
C GLU A 58 -3.30 35.03 -21.35
N VAL A 59 -4.55 35.38 -21.66
CA VAL A 59 -5.68 34.55 -21.26
C VAL A 59 -5.49 33.13 -21.74
N THR A 60 -5.11 32.97 -23.02
CA THR A 60 -5.03 31.64 -23.61
C THR A 60 -3.96 30.79 -22.93
N GLU A 61 -2.75 31.34 -22.74
CA GLU A 61 -1.69 30.57 -22.10
C GLU A 61 -1.99 30.33 -20.62
N MET A 62 -2.62 31.29 -19.94
CA MET A 62 -3.04 31.06 -18.56
C MET A 62 -3.95 29.84 -18.46
N LEU A 63 -5.00 29.81 -19.28
CA LEU A 63 -5.95 28.69 -19.25
C LEU A 63 -5.27 27.41 -19.68
N HIS A 64 -4.40 27.49 -20.67
CA HIS A 64 -3.71 26.30 -21.16
C HIS A 64 -2.88 25.67 -20.06
N ASN A 65 -2.01 26.46 -19.41
CA ASN A 65 -1.15 25.93 -18.37
C ASN A 65 -1.94 25.46 -17.16
N ALA A 66 -2.98 26.21 -16.77
CA ALA A 66 -3.83 25.78 -15.67
C ALA A 66 -4.51 24.45 -15.99
N SER A 67 -4.97 24.29 -17.23
CA SER A 67 -5.62 23.04 -17.62
C SER A 67 -4.62 21.89 -17.65
N LEU A 68 -3.34 22.16 -17.92
CA LEU A 68 -2.35 21.10 -17.86
C LEU A 68 -2.13 20.63 -16.42
N LEU A 69 -2.11 21.56 -15.46
CA LEU A 69 -2.02 21.18 -14.06
C LEU A 69 -3.14 20.22 -13.67
N ILE A 70 -4.38 20.55 -14.05
CA ILE A 70 -5.53 19.70 -13.73
C ILE A 70 -5.44 18.38 -14.49
N ASP A 71 -5.07 18.42 -15.77
CA ASP A 71 -5.00 17.21 -16.58
C ASP A 71 -3.98 16.22 -16.03
N ASP A 72 -2.84 16.72 -15.54
CA ASP A 72 -1.84 15.83 -14.99
C ASP A 72 -2.33 15.16 -13.71
N ILE A 73 -3.15 15.86 -12.93
CA ILE A 73 -3.79 15.24 -11.77
C ILE A 73 -4.80 14.19 -12.23
N GLU A 74 -5.68 14.55 -13.16
CA GLU A 74 -6.70 13.61 -13.62
C GLU A 74 -6.09 12.37 -14.25
N ASP A 75 -4.87 12.48 -14.78
CA ASP A 75 -4.24 11.40 -15.54
C ASP A 75 -3.13 10.68 -14.81
N ASN A 76 -2.85 11.02 -13.55
CA ASN A 76 -1.79 10.36 -12.78
C ASN A 76 -0.44 10.42 -13.51
N SER A 77 -0.18 11.54 -14.18
CA SER A 77 1.04 11.68 -14.94
C SER A 77 2.22 11.94 -14.02
N LYS A 78 3.42 11.57 -14.47
CA LYS A 78 4.64 11.75 -13.69
C LYS A 78 5.49 12.91 -14.17
N LEU A 79 5.65 13.07 -15.48
CA LEU A 79 6.47 14.14 -16.02
C LEU A 79 5.64 14.99 -16.97
N ARG A 80 5.96 16.28 -17.01
CA ARG A 80 5.45 17.17 -18.05
C ARG A 80 6.58 18.07 -18.52
N ARG A 81 6.79 18.09 -19.83
CA ARG A 81 7.86 18.87 -20.44
C ARG A 81 9.21 18.51 -19.83
N GLY A 82 9.37 17.23 -19.48
CA GLY A 82 10.61 16.72 -18.95
C GLY A 82 10.87 17.00 -17.49
N PHE A 83 9.95 17.70 -16.81
CA PHE A 83 10.03 18.04 -15.39
C PHE A 83 8.96 17.27 -14.60
N PRO A 84 9.19 17.00 -13.32
CA PRO A 84 8.12 16.39 -12.51
C PRO A 84 6.86 17.24 -12.53
N VAL A 85 5.70 16.57 -12.61
CA VAL A 85 4.43 17.29 -12.54
C VAL A 85 4.31 18.04 -11.21
N ALA A 86 3.60 19.18 -11.26
CA ALA A 86 3.57 20.07 -10.10
C ALA A 86 2.99 19.38 -8.87
N HIS A 87 1.96 18.54 -9.05
CA HIS A 87 1.33 17.94 -7.88
C HIS A 87 2.22 16.90 -7.23
N SER A 88 3.23 16.39 -7.93
CA SER A 88 4.18 15.47 -7.30
C SER A 88 5.15 16.19 -6.38
N ILE A 89 5.21 17.52 -6.46
CA ILE A 89 6.01 18.33 -5.56
C ILE A 89 5.16 18.99 -4.49
N TYR A 90 4.10 19.70 -4.90
CA TYR A 90 3.28 20.48 -3.97
C TYR A 90 2.07 19.72 -3.44
N GLY A 91 1.77 18.56 -4.01
CA GLY A 91 0.59 17.84 -3.57
C GLY A 91 -0.62 18.14 -4.43
N ILE A 92 -1.51 17.14 -4.51
CA ILE A 92 -2.72 17.29 -5.31
C ILE A 92 -3.62 18.41 -4.80
N PRO A 93 -3.94 18.52 -3.50
CA PRO A 93 -4.84 19.59 -3.06
C PRO A 93 -4.35 20.99 -3.41
N SER A 94 -3.06 21.28 -3.19
CA SER A 94 -2.53 22.61 -3.53
C SER A 94 -2.67 22.90 -5.02
N VAL A 95 -2.38 21.92 -5.87
CA VAL A 95 -2.37 22.18 -7.31
C VAL A 95 -3.77 22.35 -7.87
N ILE A 96 -4.73 21.55 -7.38
CA ILE A 96 -6.12 21.75 -7.80
C ILE A 96 -6.56 23.19 -7.54
N ASN A 97 -6.41 23.66 -6.30
CA ASN A 97 -6.88 25.00 -5.96
C ASN A 97 -6.14 26.06 -6.76
N SER A 98 -4.83 25.86 -6.94
CA SER A 98 -4.02 26.85 -7.65
C SER A 98 -4.39 26.92 -9.12
N ALA A 99 -4.57 25.75 -9.74
CA ALA A 99 -5.01 25.69 -11.13
C ALA A 99 -6.38 26.34 -11.31
N ASN A 100 -7.33 25.99 -10.43
CA ASN A 100 -8.67 26.56 -10.52
C ASN A 100 -8.64 28.06 -10.24
N TYR A 101 -7.77 28.49 -9.32
CA TYR A 101 -7.54 29.91 -9.09
C TYR A 101 -7.15 30.62 -10.38
N VAL A 102 -6.26 30.01 -11.17
CA VAL A 102 -5.82 30.63 -12.42
C VAL A 102 -6.93 30.68 -13.45
N TYR A 103 -7.82 29.67 -13.48
CA TYR A 103 -8.99 29.74 -14.35
C TYR A 103 -9.73 31.07 -14.17
N PHE A 104 -9.97 31.45 -12.92
CA PHE A 104 -10.75 32.64 -12.62
C PHE A 104 -9.93 33.91 -12.72
N LEU A 105 -8.60 33.83 -12.54
CA LEU A 105 -7.76 34.95 -12.93
C LEU A 105 -7.80 35.16 -14.43
N GLY A 106 -7.93 34.06 -15.20
CA GLY A 106 -8.11 34.21 -16.64
C GLY A 106 -9.43 34.86 -16.98
N LEU A 107 -10.49 34.49 -16.27
CA LEU A 107 -11.76 35.19 -16.42
C LEU A 107 -11.60 36.67 -16.09
N GLU A 108 -10.87 36.98 -15.01
CA GLU A 108 -10.66 38.37 -14.62
C GLU A 108 -9.98 39.20 -15.71
N LYS A 109 -8.91 38.66 -16.31
CA LYS A 109 -8.17 39.30 -17.41
C LYS A 109 -9.05 39.39 -18.68
N VAL A 110 -9.94 38.40 -18.88
CA VAL A 110 -10.82 38.44 -20.05
C VAL A 110 -11.71 39.68 -19.98
N LEU A 111 -12.09 40.09 -18.77
CA LEU A 111 -12.91 41.29 -18.60
C LEU A 111 -12.19 42.55 -19.09
N THR A 112 -10.86 42.59 -18.98
CA THR A 112 -10.13 43.79 -19.40
C THR A 112 -10.17 44.01 -20.91
N LEU A 113 -10.62 43.01 -21.69
CA LEU A 113 -10.81 43.23 -23.12
C LEU A 113 -11.90 44.25 -23.40
N ASP A 114 -12.79 44.50 -22.44
CA ASP A 114 -13.87 45.49 -22.56
C ASP A 114 -14.69 45.28 -23.84
N HIS A 115 -15.16 44.05 -24.03
CA HIS A 115 -16.04 43.71 -25.14
C HIS A 115 -17.23 42.94 -24.61
N GLN A 116 -18.42 43.32 -25.06
CA GLN A 116 -19.66 42.74 -24.54
C GLN A 116 -19.74 41.23 -24.72
N ASP A 117 -19.07 40.69 -25.74
CA ASP A 117 -19.19 39.27 -26.06
C ASP A 117 -18.02 38.43 -25.59
N ALA A 118 -17.00 39.04 -24.98
CA ALA A 118 -15.81 38.28 -24.60
C ALA A 118 -16.13 37.19 -23.57
N VAL A 119 -16.93 37.54 -22.56
CA VAL A 119 -17.20 36.58 -21.48
C VAL A 119 -18.06 35.43 -21.98
N LYS A 120 -19.05 35.73 -22.83
CA LYS A 120 -19.91 34.69 -23.38
C LYS A 120 -19.10 33.69 -24.18
N LEU A 121 -18.12 34.18 -24.92
CA LEU A 121 -17.24 33.30 -25.68
C LEU A 121 -16.34 32.49 -24.75
N PHE A 122 -15.78 33.15 -23.73
CA PHE A 122 -15.00 32.44 -22.71
C PHE A 122 -15.82 31.30 -22.11
N THR A 123 -17.05 31.60 -21.69
CA THR A 123 -17.92 30.61 -21.09
C THR A 123 -18.23 29.47 -22.06
N ARG A 124 -18.63 29.81 -23.29
CA ARG A 124 -18.94 28.78 -24.28
C ARG A 124 -17.76 27.86 -24.48
N GLN A 125 -16.55 28.42 -24.59
CA GLN A 125 -15.41 27.58 -24.88
C GLN A 125 -15.00 26.78 -23.65
N LEU A 126 -15.11 27.33 -22.45
CA LEU A 126 -14.73 26.43 -21.36
C LEU A 126 -15.76 25.33 -21.13
N LEU A 127 -17.03 25.57 -21.44
CA LEU A 127 -17.97 24.46 -21.36
C LEU A 127 -17.59 23.40 -22.36
N GLU A 128 -17.13 23.82 -23.55
CA GLU A 128 -16.71 22.88 -24.57
C GLU A 128 -15.48 22.10 -24.13
N LEU A 129 -14.50 22.79 -23.56
CA LEU A 129 -13.29 22.12 -23.08
C LEU A 129 -13.61 21.03 -22.05
N HIS A 130 -14.53 21.31 -21.12
CA HIS A 130 -14.82 20.34 -20.06
C HIS A 130 -15.66 19.17 -20.57
N GLN A 131 -16.45 19.36 -21.62
CA GLN A 131 -17.17 18.23 -22.21
C GLN A 131 -16.22 17.27 -22.91
N GLY A 132 -15.25 17.81 -23.66
CA GLY A 132 -14.26 16.95 -24.27
C GLY A 132 -13.43 16.23 -23.23
N GLN A 133 -12.89 16.98 -22.26
CA GLN A 133 -12.10 16.37 -21.20
C GLN A 133 -12.90 15.33 -20.42
N GLY A 134 -14.16 15.65 -20.11
CA GLY A 134 -14.99 14.71 -19.36
C GLY A 134 -15.22 13.41 -20.11
N LEU A 135 -15.40 13.50 -21.44
CA LEU A 135 -15.58 12.29 -22.24
C LEU A 135 -14.31 11.46 -22.26
N ASP A 136 -13.16 12.12 -22.42
CA ASP A 136 -11.88 11.41 -22.36
C ASP A 136 -11.73 10.66 -21.04
N ILE A 137 -12.11 11.29 -19.93
CA ILE A 137 -11.99 10.64 -18.63
C ILE A 137 -13.03 9.54 -18.48
N TYR A 138 -14.26 9.81 -18.93
CA TYR A 138 -15.34 8.82 -18.81
C TYR A 138 -14.98 7.51 -19.50
N TRP A 139 -14.54 7.57 -20.75
CA TRP A 139 -14.21 6.34 -21.47
C TRP A 139 -13.09 5.57 -20.77
N ARG A 140 -12.05 6.28 -20.35
CA ARG A 140 -10.89 5.62 -19.76
C ARG A 140 -11.27 4.93 -18.45
N ASP A 141 -11.99 5.62 -17.58
CA ASP A 141 -12.25 5.12 -16.24
C ASP A 141 -13.49 4.24 -16.16
N ASN A 142 -14.28 4.16 -17.23
CA ASN A 142 -15.37 3.19 -17.33
C ASN A 142 -15.05 2.08 -18.34
N TYR A 143 -13.84 2.04 -18.87
CA TYR A 143 -13.35 0.94 -19.71
C TYR A 143 -14.26 0.68 -20.92
N THR A 144 -14.58 1.75 -21.65
CA THR A 144 -15.35 1.62 -22.89
C THR A 144 -14.58 2.37 -23.96
N CYS A 145 -13.98 1.64 -24.87
CA CYS A 145 -13.13 2.27 -25.86
C CYS A 145 -14.01 2.99 -26.88
N PRO A 146 -13.71 4.24 -27.20
CA PRO A 146 -14.53 4.94 -28.21
C PRO A 146 -14.20 4.43 -29.60
N THR A 147 -15.17 4.58 -30.49
CA THR A 147 -14.89 4.48 -31.92
C THR A 147 -13.98 5.61 -32.35
N GLU A 148 -13.37 5.46 -33.52
CA GLU A 148 -12.51 6.52 -34.03
C GLU A 148 -13.28 7.82 -34.21
N GLU A 149 -14.51 7.76 -34.71
CA GLU A 149 -15.30 8.96 -34.91
C GLU A 149 -15.62 9.64 -33.58
N GLU A 150 -15.99 8.86 -32.57
CA GLU A 150 -16.25 9.43 -31.25
C GLU A 150 -15.01 10.09 -30.68
N TYR A 151 -13.84 9.45 -30.85
CA TYR A 151 -12.58 10.02 -30.38
C TYR A 151 -12.31 11.37 -31.04
N LYS A 152 -12.44 11.45 -32.37
CA LYS A 152 -12.16 12.69 -33.05
C LYS A 152 -13.09 13.81 -32.60
N ALA A 153 -14.38 13.51 -32.45
CA ALA A 153 -15.33 14.55 -32.03
C ALA A 153 -14.98 15.11 -30.65
N MET A 154 -14.57 14.26 -29.70
CA MET A 154 -14.18 14.77 -28.39
C MET A 154 -12.88 15.56 -28.47
N VAL A 155 -11.94 15.16 -29.33
CA VAL A 155 -10.69 15.90 -29.49
C VAL A 155 -10.97 17.31 -29.96
N LEU A 156 -11.97 17.47 -30.84
CA LEU A 156 -12.35 18.81 -31.30
C LEU A 156 -12.83 19.68 -30.14
N GLN A 157 -13.51 19.08 -29.17
CA GLN A 157 -13.90 19.83 -27.97
C GLN A 157 -12.72 20.03 -27.04
N LYS A 158 -12.00 18.96 -26.73
CA LYS A 158 -10.93 19.01 -25.73
C LYS A 158 -9.76 19.86 -26.20
N THR A 159 -9.29 19.63 -27.43
CA THR A 159 -8.13 20.34 -27.95
C THR A 159 -8.52 21.53 -28.82
N GLY A 160 -9.52 21.37 -29.69
CA GLY A 160 -10.00 22.49 -30.48
C GLY A 160 -10.64 23.57 -29.62
N GLY A 161 -11.16 23.18 -28.45
CA GLY A 161 -11.80 24.14 -27.54
C GLY A 161 -10.96 25.38 -27.29
N LEU A 162 -9.71 25.18 -26.90
CA LEU A 162 -8.85 26.32 -26.55
C LEU A 162 -8.35 27.05 -27.79
N PHE A 163 -8.08 26.33 -28.88
CA PHE A 163 -7.83 27.00 -30.15
C PHE A 163 -8.95 27.98 -30.47
N GLY A 164 -10.21 27.51 -30.35
CA GLY A 164 -11.35 28.33 -30.69
C GLY A 164 -11.54 29.52 -29.75
N LEU A 165 -11.08 29.40 -28.51
CA LEU A 165 -11.15 30.53 -27.61
C LEU A 165 -10.23 31.66 -28.07
N ALA A 166 -8.98 31.33 -28.37
CA ALA A 166 -8.03 32.34 -28.83
C ALA A 166 -8.52 33.01 -30.12
N VAL A 167 -8.87 32.22 -31.13
CA VAL A 167 -9.27 32.80 -32.40
C VAL A 167 -10.60 33.53 -32.28
N GLY A 168 -11.56 32.95 -31.57
CA GLY A 168 -12.85 33.60 -31.41
C GLY A 168 -12.73 34.96 -30.74
N LEU A 169 -11.89 35.07 -29.71
CA LEU A 169 -11.66 36.35 -29.06
C LEU A 169 -11.01 37.33 -30.02
N MET A 170 -10.04 36.86 -30.81
CA MET A 170 -9.42 37.70 -31.83
C MET A 170 -10.47 38.24 -32.80
N GLN A 171 -11.42 37.40 -33.20
CA GLN A 171 -12.41 37.81 -34.19
C GLN A 171 -13.31 38.93 -33.65
N LEU A 172 -13.45 39.02 -32.33
CA LEU A 172 -14.20 40.13 -31.74
C LEU A 172 -13.57 41.48 -32.08
N PHE A 173 -12.28 41.51 -32.38
CA PHE A 173 -11.59 42.76 -32.67
C PHE A 173 -11.09 42.80 -34.11
N SER A 174 -11.77 42.07 -35.02
CA SER A 174 -11.33 41.92 -36.39
C SER A 174 -12.50 42.13 -37.35
N ASP A 175 -12.19 42.71 -38.51
CA ASP A 175 -13.10 42.80 -39.64
C ASP A 175 -13.09 41.56 -40.54
N TYR A 176 -12.18 40.62 -40.30
CA TYR A 176 -12.06 39.42 -41.14
C TYR A 176 -13.32 38.57 -41.04
N LYS A 177 -13.90 38.22 -42.20
CA LYS A 177 -15.21 37.58 -42.24
C LYS A 177 -15.17 36.15 -42.77
N GLU A 178 -14.00 35.54 -42.93
CA GLU A 178 -14.01 34.14 -43.35
C GLU A 178 -14.20 33.20 -42.16
N ASP A 179 -14.67 31.99 -42.46
CA ASP A 179 -14.93 30.97 -41.45
C ASP A 179 -13.64 30.21 -41.20
N LEU A 180 -13.09 30.34 -39.99
CA LEU A 180 -11.87 29.65 -39.62
C LEU A 180 -12.13 28.33 -38.90
N LYS A 181 -13.40 27.99 -38.63
CA LYS A 181 -13.69 26.80 -37.84
C LYS A 181 -13.21 25.52 -38.51
N PRO A 182 -13.42 25.29 -39.81
CA PRO A 182 -12.91 24.04 -40.42
C PRO A 182 -11.41 23.87 -40.29
N LEU A 183 -10.64 24.96 -40.42
CA LEU A 183 -9.21 24.85 -40.26
C LEU A 183 -8.83 24.60 -38.79
N LEU A 184 -9.51 25.28 -37.86
CA LEU A 184 -9.28 25.02 -36.44
C LEU A 184 -9.54 23.57 -36.09
N ASN A 185 -10.58 22.98 -36.70
CA ASN A 185 -10.89 21.57 -36.45
C ASN A 185 -9.75 20.68 -36.92
N THR A 186 -9.22 20.94 -38.12
CA THR A 186 -8.10 20.17 -38.62
C THR A 186 -6.89 20.31 -37.71
N LEU A 187 -6.54 21.55 -37.34
CA LEU A 187 -5.38 21.77 -36.48
C LEU A 187 -5.56 21.12 -35.11
N GLY A 188 -6.79 21.13 -34.59
CA GLY A 188 -7.03 20.46 -33.31
C GLY A 188 -6.81 18.96 -33.38
N LEU A 189 -7.37 18.30 -34.39
CA LEU A 189 -7.14 16.87 -34.58
C LEU A 189 -5.66 16.60 -34.83
N PHE A 190 -5.04 17.39 -35.70
CA PHE A 190 -3.63 17.21 -36.03
C PHE A 190 -2.77 17.27 -34.77
N PHE A 191 -2.98 18.29 -33.94
CA PHE A 191 -2.15 18.45 -32.75
C PHE A 191 -2.32 17.31 -31.76
N GLN A 192 -3.56 16.86 -31.54
CA GLN A 192 -3.79 15.83 -30.52
C GLN A 192 -3.28 14.48 -30.98
N ILE A 193 -3.56 14.10 -32.22
CA ILE A 193 -3.10 12.81 -32.72
C ILE A 193 -1.57 12.80 -32.80
N ARG A 194 -0.97 13.91 -33.21
CA ARG A 194 0.49 14.03 -33.17
C ARG A 194 1.01 13.80 -31.76
N ASP A 195 0.28 14.29 -30.76
CA ASP A 195 0.69 14.12 -29.37
C ASP A 195 0.46 12.69 -28.89
N ASP A 196 -0.67 12.06 -29.28
CA ASP A 196 -0.88 10.64 -28.99
C ASP A 196 0.23 9.81 -29.58
N TYR A 197 0.64 10.14 -30.80
CA TYR A 197 1.68 9.40 -31.48
C TYR A 197 3.02 9.56 -30.78
N ALA A 198 3.41 10.81 -30.47
CA ALA A 198 4.69 11.03 -29.80
C ALA A 198 4.78 10.30 -28.48
N ASN A 199 3.67 10.25 -27.73
CA ASN A 199 3.71 9.67 -26.39
C ASN A 199 4.06 8.18 -26.42
N LEU A 200 3.62 7.45 -27.46
CA LEU A 200 3.84 6.01 -27.53
C LEU A 200 4.96 5.60 -28.47
N HIS A 201 5.39 6.47 -29.38
CA HIS A 201 6.39 6.10 -30.37
C HIS A 201 7.76 6.67 -30.07
N SER A 202 7.84 7.87 -29.51
CA SER A 202 9.11 8.46 -29.12
C SER A 202 9.61 7.85 -27.81
N GLU A 207 12.10 16.05 -24.68
CA GLU A 207 11.25 15.15 -23.91
C GLU A 207 10.04 15.87 -23.34
N ASN A 208 9.01 15.11 -23.00
CA ASN A 208 7.80 15.65 -22.39
C ASN A 208 7.34 14.74 -21.26
N LYS A 209 6.74 13.60 -21.60
CA LYS A 209 6.33 12.61 -20.60
C LYS A 209 7.40 11.53 -20.46
N SER A 210 7.28 10.73 -19.41
CA SER A 210 8.15 9.57 -19.26
C SER A 210 7.68 8.48 -20.22
N PHE A 211 8.25 7.28 -20.09
CA PHE A 211 8.06 6.23 -21.08
C PHE A 211 6.61 5.78 -21.15
N CYS A 212 6.02 5.91 -22.36
CA CYS A 212 4.63 5.57 -22.62
C CYS A 212 3.70 5.80 -21.44
N GLU A 213 3.63 7.04 -20.94
CA GLU A 213 2.76 7.35 -19.81
C GLU A 213 1.29 7.10 -20.12
N ASP A 214 0.90 7.28 -21.40
CA ASP A 214 -0.48 7.04 -21.80
C ASP A 214 -0.93 5.61 -21.48
N LEU A 215 -0.02 4.63 -21.61
CA LEU A 215 -0.41 3.26 -21.25
C LEU A 215 -0.61 3.12 -19.76
N THR A 216 0.27 3.74 -18.96
CA THR A 216 0.08 3.71 -17.51
C THR A 216 -1.22 4.39 -17.11
N GLU A 217 -1.55 5.50 -17.78
CA GLU A 217 -2.81 6.19 -17.51
C GLU A 217 -4.00 5.32 -17.85
N GLY A 218 -3.85 4.45 -18.85
CA GLY A 218 -4.95 3.60 -19.29
C GLY A 218 -5.89 4.24 -20.29
N LYS A 219 -5.52 5.39 -20.83
CA LYS A 219 -6.40 6.12 -21.75
C LYS A 219 -6.42 5.45 -23.11
N PHE A 220 -7.52 5.67 -23.83
CA PHE A 220 -7.64 5.28 -25.23
C PHE A 220 -7.18 6.46 -26.09
N SER A 221 -6.07 6.27 -26.79
CA SER A 221 -5.52 7.26 -27.72
C SER A 221 -5.55 6.67 -29.12
N PHE A 222 -5.21 7.51 -30.12
CA PHE A 222 -5.38 7.09 -31.51
C PHE A 222 -4.70 5.77 -31.84
N PRO A 223 -3.45 5.51 -31.45
CA PRO A 223 -2.86 4.19 -31.79
C PRO A 223 -3.57 3.02 -31.12
N THR A 224 -3.90 3.13 -29.83
CA THR A 224 -4.52 2.00 -29.15
C THR A 224 -5.96 1.80 -29.60
N ILE A 225 -6.66 2.88 -29.93
CA ILE A 225 -7.99 2.74 -30.50
C ILE A 225 -7.92 1.96 -31.80
N HIS A 226 -6.91 2.24 -32.63
CA HIS A 226 -6.76 1.50 -33.88
C HIS A 226 -6.52 0.02 -33.62
N ALA A 227 -5.59 -0.30 -32.72
CA ALA A 227 -5.27 -1.70 -32.45
C ALA A 227 -6.48 -2.46 -31.91
N ILE A 228 -7.28 -1.81 -31.07
CA ILE A 228 -8.43 -2.49 -30.45
C ILE A 228 -9.46 -2.85 -31.51
N TRP A 229 -9.84 -1.88 -32.34
CA TRP A 229 -10.90 -2.12 -33.30
C TRP A 229 -10.44 -2.97 -34.47
N SER A 230 -9.18 -2.85 -34.90
CA SER A 230 -8.75 -3.57 -36.09
C SER A 230 -8.41 -5.02 -35.83
N ARG A 231 -8.19 -5.40 -34.56
CA ARG A 231 -7.97 -6.79 -34.17
C ARG A 231 -8.93 -7.13 -33.04
N PRO A 232 -10.22 -7.26 -33.36
CA PRO A 232 -11.22 -7.44 -32.30
C PRO A 232 -11.14 -8.78 -31.59
N GLU A 233 -10.42 -9.75 -32.14
CA GLU A 233 -10.34 -11.06 -31.49
C GLU A 233 -9.32 -11.11 -30.36
N SER A 234 -8.56 -10.03 -30.14
CA SER A 234 -7.65 -9.94 -29.01
C SER A 234 -8.08 -8.77 -28.15
N THR A 235 -8.02 -8.96 -26.83
CA THR A 235 -8.34 -7.92 -25.86
C THR A 235 -7.10 -7.49 -25.07
N GLN A 236 -5.93 -7.75 -25.63
CA GLN A 236 -4.67 -7.53 -24.96
C GLN A 236 -4.50 -6.07 -24.56
N VAL A 237 -4.80 -5.15 -25.48
CA VAL A 237 -4.55 -3.73 -25.21
C VAL A 237 -5.50 -3.23 -24.13
N GLN A 238 -6.80 -3.55 -24.25
CA GLN A 238 -7.75 -3.16 -23.22
C GLN A 238 -7.29 -3.62 -21.85
N ASN A 239 -6.84 -4.87 -21.76
CA ASN A 239 -6.42 -5.41 -20.47
C ASN A 239 -5.16 -4.71 -19.96
N ILE A 240 -4.19 -4.45 -20.85
CA ILE A 240 -2.97 -3.76 -20.45
C ILE A 240 -3.30 -2.37 -19.92
N LEU A 241 -4.15 -1.64 -20.63
CA LEU A 241 -4.58 -0.32 -20.16
C LEU A 241 -5.30 -0.41 -18.81
N ARG A 242 -6.10 -1.45 -18.62
CA ARG A 242 -6.83 -1.61 -17.37
C ARG A 242 -5.89 -1.85 -16.19
N GLN A 243 -4.72 -2.44 -16.44
CA GLN A 243 -3.74 -2.71 -15.38
C GLN A 243 -3.16 -1.44 -14.77
N ARG A 244 -3.22 -0.30 -15.47
CA ARG A 244 -2.66 0.96 -14.98
C ARG A 244 -1.21 0.76 -14.53
N THR A 245 -0.43 0.06 -15.34
CA THR A 245 0.86 -0.43 -14.90
C THR A 245 2.00 0.50 -15.32
N GLU A 246 3.02 0.55 -14.47
CA GLU A 246 4.28 1.21 -14.79
C GLU A 246 5.34 0.26 -15.29
N ASN A 247 5.00 -1.02 -15.42
CA ASN A 247 5.98 -2.03 -15.79
C ASN A 247 6.49 -1.75 -17.20
N ILE A 248 7.79 -1.55 -17.32
CA ILE A 248 8.38 -1.19 -18.61
C ILE A 248 8.22 -2.32 -19.60
N ASP A 249 8.32 -3.57 -19.13
CA ASP A 249 8.25 -4.73 -20.03
C ASP A 249 6.86 -4.89 -20.61
N ILE A 250 5.82 -4.70 -19.80
CA ILE A 250 4.46 -4.76 -20.34
C ILE A 250 4.26 -3.66 -21.37
N LYS A 251 4.82 -2.48 -21.11
CA LYS A 251 4.66 -1.36 -22.04
C LYS A 251 5.39 -1.62 -23.35
N LYS A 252 6.64 -2.07 -23.26
CA LYS A 252 7.39 -2.41 -24.48
C LYS A 252 6.67 -3.50 -25.26
N TYR A 253 6.12 -4.49 -24.55
CA TYR A 253 5.31 -5.51 -25.21
C TYR A 253 4.13 -4.88 -25.94
N CYS A 254 3.45 -3.93 -25.30
CA CYS A 254 2.25 -3.37 -25.91
C CYS A 254 2.61 -2.48 -27.11
N VAL A 255 3.77 -1.83 -27.06
CA VAL A 255 4.24 -1.06 -28.21
C VAL A 255 4.59 -1.98 -29.37
N HIS A 256 5.20 -3.14 -29.08
CA HIS A 256 5.50 -4.10 -30.14
C HIS A 256 4.24 -4.55 -30.86
N TYR A 257 3.18 -4.82 -30.09
CA TYR A 257 1.91 -5.22 -30.68
C TYR A 257 1.34 -4.11 -31.56
N LEU A 258 1.30 -2.88 -31.03
CA LEU A 258 0.81 -1.74 -31.81
C LEU A 258 1.57 -1.61 -33.13
N GLU A 259 2.89 -1.76 -33.07
CA GLU A 259 3.69 -1.73 -34.29
C GLU A 259 3.31 -2.85 -35.24
N ASP A 260 3.15 -4.06 -34.70
CA ASP A 260 2.94 -5.24 -35.53
C ASP A 260 1.58 -5.22 -36.24
N VAL A 261 0.56 -4.62 -35.64
CA VAL A 261 -0.76 -4.60 -36.26
C VAL A 261 -0.95 -3.32 -37.07
N GLY A 262 0.12 -2.55 -37.25
CA GLY A 262 0.07 -1.39 -38.11
C GLY A 262 -0.51 -0.13 -37.48
N SER A 263 -0.62 -0.08 -36.16
CA SER A 263 -1.25 1.08 -35.52
C SER A 263 -0.41 2.35 -35.71
N PHE A 264 0.92 2.23 -35.68
CA PHE A 264 1.75 3.42 -35.85
C PHE A 264 1.77 3.90 -37.30
N GLU A 265 1.82 2.96 -38.24
CA GLU A 265 1.67 3.32 -39.65
C GLU A 265 0.32 3.96 -39.92
N TYR A 266 -0.76 3.42 -39.34
CA TYR A 266 -2.08 4.00 -39.52
C TYR A 266 -2.14 5.41 -38.94
N THR A 267 -1.49 5.63 -37.79
CA THR A 267 -1.49 6.95 -37.18
C THR A 267 -0.69 7.94 -38.02
N ARG A 268 0.47 7.51 -38.53
CA ARG A 268 1.27 8.37 -39.40
C ARG A 268 0.51 8.78 -40.66
N ASN A 269 -0.22 7.84 -41.27
CA ASN A 269 -0.99 8.17 -42.47
C ASN A 269 -2.11 9.15 -42.14
N THR A 270 -2.81 8.93 -41.03
CA THR A 270 -3.82 9.88 -40.58
C THR A 270 -3.22 11.26 -40.40
N LEU A 271 -2.02 11.33 -39.80
CA LEU A 271 -1.37 12.62 -39.62
C LEU A 271 -0.96 13.25 -40.96
N LYS A 272 -0.49 12.42 -41.90
CA LYS A 272 -0.10 12.97 -43.20
C LYS A 272 -1.30 13.49 -43.97
N GLU A 273 -2.46 12.82 -43.84
CA GLU A 273 -3.67 13.34 -44.46
C GLU A 273 -4.11 14.64 -43.81
N LEU A 274 -4.00 14.72 -42.48
CA LEU A 274 -4.40 15.94 -41.77
C LEU A 274 -3.48 17.11 -42.13
N GLU A 275 -2.18 16.86 -42.26
CA GLU A 275 -1.27 17.91 -42.68
C GLU A 275 -1.64 18.42 -44.07
N ALA A 276 -1.88 17.51 -45.02
CA ALA A 276 -2.23 17.91 -46.38
C ALA A 276 -3.54 18.71 -46.38
N LYS A 277 -4.50 18.28 -45.57
CA LYS A 277 -5.77 19.00 -45.48
C LYS A 277 -5.58 20.41 -44.96
N ALA A 278 -4.72 20.59 -43.95
CA ALA A 278 -4.43 21.92 -43.45
C ALA A 278 -3.94 22.84 -44.56
N TYR A 279 -3.00 22.36 -45.39
CA TYR A 279 -2.49 23.20 -46.47
C TYR A 279 -3.61 23.60 -47.44
N LYS A 280 -4.49 22.65 -47.78
CA LYS A 280 -5.60 22.97 -48.68
C LYS A 280 -6.51 24.02 -48.05
N GLN A 281 -6.82 23.87 -46.76
CA GLN A 281 -7.68 24.82 -46.06
C GLN A 281 -7.01 26.18 -45.87
N ILE A 282 -5.69 26.21 -45.68
CA ILE A 282 -4.99 27.48 -45.61
C ILE A 282 -5.01 28.16 -46.97
N ASP A 283 -4.86 27.39 -48.04
CA ASP A 283 -4.96 27.94 -49.39
C ASP A 283 -6.37 28.41 -49.69
N ALA A 284 -7.38 27.75 -49.11
CA ALA A 284 -8.75 28.19 -49.26
C ALA A 284 -9.01 29.55 -48.61
N ARG A 285 -8.14 29.99 -47.70
CA ARG A 285 -8.28 31.28 -47.03
C ARG A 285 -7.23 32.30 -47.49
N GLY A 286 -6.66 32.13 -48.68
CA GLY A 286 -5.75 33.11 -49.22
C GLY A 286 -4.28 32.88 -48.91
N GLY A 287 -3.93 31.79 -48.24
CA GLY A 287 -2.56 31.56 -47.87
C GLY A 287 -2.23 32.13 -46.50
N ASN A 288 -1.14 31.63 -45.92
CA ASN A 288 -0.67 32.06 -44.61
C ASN A 288 0.72 31.46 -44.40
N PRO A 289 1.78 32.13 -44.87
CA PRO A 289 3.13 31.55 -44.77
C PRO A 289 3.51 31.14 -43.35
N GLU A 290 3.14 31.94 -42.34
CA GLU A 290 3.49 31.60 -40.96
C GLU A 290 2.80 30.33 -40.50
N LEU A 291 1.51 30.19 -40.80
CA LEU A 291 0.81 28.98 -40.39
C LEU A 291 1.30 27.76 -41.17
N VAL A 292 1.59 27.94 -42.46
CA VAL A 292 2.12 26.84 -43.27
C VAL A 292 3.44 26.34 -42.67
N ALA A 293 4.34 27.27 -42.34
CA ALA A 293 5.64 26.90 -41.78
C ALA A 293 5.49 26.19 -40.44
N LEU A 294 4.50 26.59 -39.64
CA LEU A 294 4.27 25.96 -38.35
C LEU A 294 3.77 24.53 -38.52
N VAL A 295 2.79 24.32 -39.40
CA VAL A 295 2.29 22.97 -39.67
C VAL A 295 3.42 22.07 -40.18
N LYS A 296 4.21 22.58 -41.13
CA LYS A 296 5.32 21.81 -41.66
C LYS A 296 6.33 21.47 -40.58
N HIS A 297 6.63 22.45 -39.71
CA HIS A 297 7.57 22.20 -38.62
C HIS A 297 7.05 21.12 -37.68
N LEU A 298 5.78 21.20 -37.29
CA LEU A 298 5.19 20.19 -36.43
C LEU A 298 5.11 18.83 -37.09
N SER A 299 5.13 18.79 -38.43
CA SER A 299 4.98 17.52 -39.13
C SER A 299 6.28 16.75 -39.24
N LYS A 300 7.40 17.36 -38.83
CA LYS A 300 8.65 16.62 -38.72
C LYS A 300 8.56 15.46 -37.74
N MET A 301 7.61 15.51 -36.79
CA MET A 301 7.52 14.51 -35.73
C MET A 301 7.29 13.12 -36.32
N PHE A 302 6.61 13.03 -37.44
CA PHE A 302 6.45 11.77 -38.14
C PHE A 302 7.34 11.83 -39.38
N LYS A 303 7.12 10.94 -40.33
CA LYS A 303 8.02 10.79 -41.49
C LYS A 303 9.37 10.28 -41.03
N LYS B 10 5.52 -44.93 3.80
CA LYS B 10 4.15 -44.50 4.02
C LYS B 10 4.11 -43.28 4.93
N THR B 11 5.04 -43.23 5.87
CA THR B 11 5.15 -42.12 6.81
C THR B 11 5.46 -40.84 6.04
N GLN B 12 6.26 -41.00 4.99
CA GLN B 12 6.67 -39.89 4.15
C GLN B 12 5.44 -39.28 3.50
N GLU B 13 4.35 -40.04 3.55
CA GLU B 13 3.06 -39.68 2.98
C GLU B 13 2.37 -38.58 3.76
N THR B 14 3.06 -38.04 4.76
CA THR B 14 2.49 -36.96 5.56
C THR B 14 2.29 -35.79 4.60
N VAL B 15 2.98 -35.86 3.48
CA VAL B 15 2.92 -34.83 2.46
C VAL B 15 1.43 -34.68 2.14
N GLN B 16 0.73 -35.80 2.09
CA GLN B 16 -0.72 -35.78 1.85
C GLN B 16 -1.42 -34.87 2.85
N ARG B 17 -0.98 -34.90 4.10
CA ARG B 17 -1.57 -34.04 5.12
C ARG B 17 -1.26 -32.57 4.84
N ILE B 18 -0.03 -32.28 4.41
CA ILE B 18 0.36 -30.92 4.06
C ILE B 18 -0.50 -30.40 2.91
N LEU B 19 -0.64 -31.19 1.84
CA LEU B 19 -1.35 -30.72 0.66
C LEU B 19 -2.84 -30.55 0.91
N LEU B 20 -3.40 -31.30 1.85
CA LEU B 20 -4.83 -31.30 2.06
C LEU B 20 -5.28 -30.35 3.17
N GLU B 21 -4.34 -29.76 3.92
CA GLU B 21 -4.73 -28.98 5.09
C GLU B 21 -5.69 -27.84 4.77
N PRO B 22 -5.52 -27.05 3.69
CA PRO B 22 -6.55 -26.05 3.38
C PRO B 22 -7.91 -26.68 3.10
N TYR B 23 -7.92 -27.84 2.43
CA TYR B 23 -9.19 -28.52 2.15
C TYR B 23 -9.86 -28.98 3.43
N LYS B 24 -9.11 -29.66 4.30
CA LYS B 24 -9.65 -30.09 5.59
C LYS B 24 -10.08 -28.90 6.42
N TYR B 25 -9.37 -27.77 6.30
CA TYR B 25 -9.77 -26.57 7.04
C TYR B 25 -11.16 -26.12 6.63
N LEU B 26 -11.45 -26.13 5.34
CA LEU B 26 -12.76 -25.67 4.86
C LEU B 26 -13.86 -26.62 5.32
N LEU B 27 -13.56 -27.92 5.35
CA LEU B 27 -14.46 -28.96 5.85
C LEU B 27 -14.68 -28.90 7.36
N GLN B 28 -14.00 -28.01 8.10
CA GLN B 28 -14.21 -27.95 9.55
C GLN B 28 -15.64 -27.63 9.90
N LEU B 29 -16.40 -27.13 8.95
CA LEU B 29 -17.80 -26.76 9.17
C LEU B 29 -18.45 -27.06 7.83
N PRO B 30 -19.11 -28.19 7.69
CA PRO B 30 -19.90 -28.40 6.48
C PRO B 30 -20.88 -27.25 6.35
N GLY B 31 -20.94 -26.66 5.17
CA GLY B 31 -22.09 -25.83 4.92
C GLY B 31 -23.25 -26.80 4.81
N LYS B 32 -24.21 -26.52 3.95
CA LYS B 32 -25.21 -27.54 3.78
C LYS B 32 -24.58 -28.67 2.97
N GLN B 33 -25.30 -29.76 2.86
CA GLN B 33 -24.88 -30.82 1.96
C GLN B 33 -26.05 -30.90 1.00
N VAL B 34 -26.39 -29.73 0.46
CA VAL B 34 -27.54 -29.60 -0.41
C VAL B 34 -27.36 -30.48 -1.64
N ARG B 35 -26.14 -30.55 -2.16
CA ARG B 35 -25.90 -31.44 -3.29
C ARG B 35 -26.03 -32.90 -2.88
N THR B 36 -25.62 -33.23 -1.65
CA THR B 36 -25.87 -34.57 -1.13
C THR B 36 -27.38 -34.81 -0.95
N LYS B 37 -28.06 -33.87 -0.28
CA LYS B 37 -29.50 -34.00 -0.09
C LYS B 37 -30.24 -33.94 -1.43
N LEU B 38 -29.72 -33.19 -2.39
CA LEU B 38 -30.33 -33.17 -3.72
C LEU B 38 -30.15 -34.50 -4.42
N SER B 39 -28.95 -35.09 -4.32
CA SER B 39 -28.71 -36.43 -4.86
C SER B 39 -29.71 -37.44 -4.31
N GLN B 40 -29.89 -37.44 -2.98
CA GLN B 40 -30.85 -38.36 -2.36
C GLN B 40 -32.26 -38.11 -2.89
N ALA B 41 -32.63 -36.84 -3.06
CA ALA B 41 -33.95 -36.52 -3.59
C ALA B 41 -34.09 -37.04 -5.02
N PHE B 42 -33.07 -36.85 -5.85
CA PHE B 42 -33.14 -37.34 -7.23
C PHE B 42 -33.09 -38.86 -7.31
N ASN B 43 -32.51 -39.53 -6.31
CA ASN B 43 -32.53 -40.99 -6.33
C ASN B 43 -33.94 -41.56 -6.19
N HIS B 44 -34.90 -40.73 -5.75
CA HIS B 44 -36.29 -41.15 -5.77
C HIS B 44 -36.70 -41.59 -7.16
N TRP B 45 -36.23 -40.88 -8.19
CA TRP B 45 -36.48 -41.30 -9.56
C TRP B 45 -35.44 -42.32 -10.04
N LEU B 46 -34.17 -42.09 -9.74
CA LEU B 46 -33.09 -42.78 -10.43
C LEU B 46 -32.77 -44.15 -9.84
N LYS B 47 -33.00 -44.34 -8.54
CA LYS B 47 -32.86 -45.65 -7.89
C LYS B 47 -31.49 -46.28 -8.19
N VAL B 48 -30.44 -45.52 -7.89
CA VAL B 48 -29.05 -45.88 -8.12
C VAL B 48 -28.58 -46.84 -7.03
N PRO B 49 -27.85 -47.91 -7.36
CA PRO B 49 -27.30 -48.78 -6.30
C PRO B 49 -26.46 -47.98 -5.31
N GLU B 50 -26.57 -48.36 -4.04
CA GLU B 50 -26.01 -47.56 -2.96
C GLU B 50 -24.50 -47.35 -3.10
N ASP B 51 -23.79 -48.38 -3.56
CA ASP B 51 -22.33 -48.27 -3.68
C ASP B 51 -21.94 -47.21 -4.71
N LYS B 52 -22.61 -47.20 -5.88
CA LYS B 52 -22.32 -46.16 -6.87
C LYS B 52 -22.74 -44.79 -6.38
N LEU B 53 -23.91 -44.71 -5.75
CA LEU B 53 -24.41 -43.43 -5.26
C LEU B 53 -23.44 -42.79 -4.27
N GLN B 54 -22.86 -43.60 -3.37
CA GLN B 54 -21.94 -43.08 -2.37
C GLN B 54 -20.69 -42.49 -3.02
N ILE B 55 -20.16 -43.16 -4.04
CA ILE B 55 -19.01 -42.62 -4.76
C ILE B 55 -19.38 -41.30 -5.45
N ILE B 56 -20.54 -41.26 -6.10
CA ILE B 56 -20.95 -40.05 -6.83
C ILE B 56 -21.08 -38.87 -5.88
N ILE B 57 -21.67 -39.09 -4.71
CA ILE B 57 -21.79 -38.02 -3.71
C ILE B 57 -20.42 -37.54 -3.26
N GLU B 58 -19.48 -38.46 -3.05
CA GLU B 58 -18.14 -38.07 -2.63
C GLU B 58 -17.45 -37.23 -3.69
N VAL B 59 -17.49 -37.69 -4.95
CA VAL B 59 -16.92 -36.91 -6.04
C VAL B 59 -17.54 -35.52 -6.08
N THR B 60 -18.87 -35.46 -5.95
CA THR B 60 -19.58 -34.18 -6.08
C THR B 60 -19.16 -33.21 -5.00
N GLU B 61 -19.12 -33.66 -3.75
CA GLU B 61 -18.75 -32.77 -2.65
C GLU B 61 -17.27 -32.38 -2.71
N MET B 62 -16.38 -33.32 -3.10
CA MET B 62 -14.97 -32.98 -3.30
C MET B 62 -14.82 -31.83 -4.28
N LEU B 63 -15.44 -31.95 -5.45
CA LEU B 63 -15.34 -30.90 -6.47
C LEU B 63 -15.98 -29.62 -5.97
N HIS B 64 -17.10 -29.73 -5.27
CA HIS B 64 -17.79 -28.55 -4.76
C HIS B 64 -16.88 -27.76 -3.82
N ASN B 65 -16.32 -28.44 -2.82
CA ASN B 65 -15.47 -27.75 -1.84
C ASN B 65 -14.20 -27.20 -2.50
N ALA B 66 -13.59 -27.98 -3.40
CA ALA B 66 -12.41 -27.49 -4.11
C ALA B 66 -12.73 -26.24 -4.91
N SER B 67 -13.88 -26.21 -5.56
CA SER B 67 -14.26 -25.03 -6.35
C SER B 67 -14.54 -23.82 -5.46
N LEU B 68 -14.98 -24.04 -4.22
CA LEU B 68 -15.16 -22.92 -3.29
C LEU B 68 -13.81 -22.31 -2.90
N LEU B 69 -12.80 -23.15 -2.67
CA LEU B 69 -11.45 -22.65 -2.42
C LEU B 69 -10.98 -21.76 -3.57
N ILE B 70 -11.13 -22.22 -4.81
CA ILE B 70 -10.70 -21.45 -5.97
C ILE B 70 -11.56 -20.20 -6.12
N ASP B 71 -12.87 -20.35 -5.98
CA ASP B 71 -13.78 -19.24 -6.20
C ASP B 71 -13.48 -18.08 -5.24
N ASP B 72 -13.18 -18.40 -3.98
CA ASP B 72 -12.89 -17.36 -2.99
C ASP B 72 -11.58 -16.64 -3.29
N ILE B 73 -10.60 -17.33 -3.88
CA ILE B 73 -9.39 -16.65 -4.32
C ILE B 73 -9.69 -15.73 -5.49
N GLU B 74 -10.43 -16.23 -6.49
CA GLU B 74 -10.77 -15.43 -7.67
C GLU B 74 -11.61 -14.20 -7.31
N ASP B 75 -12.32 -14.27 -6.18
CA ASP B 75 -13.27 -13.23 -5.79
C ASP B 75 -12.79 -12.37 -4.63
N ASN B 76 -11.58 -12.59 -4.11
CA ASN B 76 -11.06 -11.79 -3.00
C ASN B 76 -12.02 -11.81 -1.81
N SER B 77 -12.62 -12.97 -1.57
CA SER B 77 -13.60 -13.10 -0.50
C SER B 77 -12.90 -13.17 0.86
N LYS B 78 -13.61 -12.78 1.91
CA LYS B 78 -13.04 -12.78 3.27
C LYS B 78 -13.53 -13.92 4.15
N LEU B 79 -14.83 -14.22 4.13
CA LEU B 79 -15.40 -15.29 4.94
C LEU B 79 -16.11 -16.29 4.05
N ARG B 80 -16.09 -17.56 4.46
CA ARG B 80 -16.97 -18.59 3.92
C ARG B 80 -17.48 -19.46 5.06
N ARG B 81 -18.79 -19.68 5.09
CA ARG B 81 -19.45 -20.44 6.16
C ARG B 81 -19.14 -19.82 7.53
N GLY B 82 -19.00 -18.50 7.56
CA GLY B 82 -18.74 -17.79 8.78
C GLY B 82 -17.31 -17.87 9.27
N PHE B 83 -16.43 -18.59 8.55
CA PHE B 83 -15.02 -18.78 8.86
C PHE B 83 -14.15 -18.02 7.87
N PRO B 84 -12.96 -17.60 8.28
CA PRO B 84 -12.02 -17.00 7.32
C PRO B 84 -11.78 -17.94 6.15
N VAL B 85 -11.70 -17.36 4.94
CA VAL B 85 -11.39 -18.16 3.77
C VAL B 85 -10.01 -18.81 3.95
N ALA B 86 -9.85 -20.00 3.36
CA ALA B 86 -8.64 -20.77 3.60
C ALA B 86 -7.39 -20.02 3.14
N HIS B 87 -7.48 -19.29 2.02
CA HIS B 87 -6.29 -18.62 1.50
C HIS B 87 -5.90 -17.41 2.35
N SER B 88 -6.79 -16.92 3.21
CA SER B 88 -6.41 -15.85 4.13
C SER B 88 -5.57 -16.36 5.29
N ILE B 89 -5.53 -17.67 5.51
CA ILE B 89 -4.67 -18.27 6.54
C ILE B 89 -3.43 -18.91 5.93
N TYR B 90 -3.60 -19.78 4.94
CA TYR B 90 -2.49 -20.55 4.39
C TYR B 90 -1.82 -19.85 3.21
N GLY B 91 -2.44 -18.81 2.68
CA GLY B 91 -1.89 -18.12 1.54
C GLY B 91 -2.52 -18.59 0.24
N ILE B 92 -2.54 -17.69 -0.74
CA ILE B 92 -3.11 -18.02 -2.05
C ILE B 92 -2.36 -19.14 -2.76
N PRO B 93 -1.01 -19.13 -2.84
CA PRO B 93 -0.34 -20.22 -3.59
C PRO B 93 -0.64 -21.61 -3.04
N SER B 94 -0.61 -21.79 -1.72
CA SER B 94 -0.91 -23.10 -1.15
C SER B 94 -2.32 -23.56 -1.51
N VAL B 95 -3.29 -22.65 -1.47
CA VAL B 95 -4.69 -23.03 -1.64
C VAL B 95 -5.02 -23.32 -3.09
N ILE B 96 -4.46 -22.56 -4.04
CA ILE B 96 -4.61 -22.89 -5.45
C ILE B 96 -4.17 -24.32 -5.71
N ASN B 97 -2.94 -24.64 -5.30
CA ASN B 97 -2.40 -25.97 -5.54
C ASN B 97 -3.23 -27.04 -4.84
N SER B 98 -3.65 -26.77 -3.61
CA SER B 98 -4.39 -27.76 -2.83
C SER B 98 -5.76 -28.02 -3.44
N ALA B 99 -6.47 -26.95 -3.84
CA ALA B 99 -7.76 -27.11 -4.51
C ALA B 99 -7.61 -27.88 -5.81
N ASN B 100 -6.60 -27.53 -6.61
CA ASN B 100 -6.39 -28.22 -7.88
C ASN B 100 -6.00 -29.67 -7.65
N TYR B 101 -5.21 -29.93 -6.61
CA TYR B 101 -4.93 -31.32 -6.22
C TYR B 101 -6.21 -32.10 -5.99
N VAL B 102 -7.17 -31.49 -5.30
CA VAL B 102 -8.43 -32.17 -4.99
C VAL B 102 -9.25 -32.40 -6.26
N TYR B 103 -9.18 -31.49 -7.23
CA TYR B 103 -9.79 -31.73 -8.54
C TYR B 103 -9.39 -33.09 -9.09
N PHE B 104 -8.11 -33.40 -9.05
CA PHE B 104 -7.59 -34.62 -9.65
C PHE B 104 -7.77 -35.82 -8.75
N LEU B 105 -7.85 -35.61 -7.42
CA LEU B 105 -8.33 -36.67 -6.55
C LEU B 105 -9.78 -37.01 -6.84
N GLY B 106 -10.57 -36.01 -7.23
CA GLY B 106 -11.93 -36.29 -7.67
C GLY B 106 -11.97 -37.08 -8.96
N LEU B 107 -11.11 -36.73 -9.93
CA LEU B 107 -11.00 -37.53 -11.15
C LEU B 107 -10.59 -38.95 -10.82
N GLU B 108 -9.62 -39.10 -9.92
CA GLU B 108 -9.20 -40.44 -9.50
C GLU B 108 -10.39 -41.23 -8.94
N LYS B 109 -11.23 -40.59 -8.14
CA LYS B 109 -12.37 -41.27 -7.55
C LYS B 109 -13.42 -41.60 -8.61
N VAL B 110 -13.59 -40.73 -9.61
CA VAL B 110 -14.56 -41.01 -10.67
C VAL B 110 -14.20 -42.28 -11.43
N LEU B 111 -12.90 -42.58 -11.56
CA LEU B 111 -12.47 -43.81 -12.21
C LEU B 111 -13.00 -45.06 -11.51
N THR B 112 -13.15 -45.02 -10.18
CA THR B 112 -13.63 -46.20 -9.44
C THR B 112 -15.09 -46.52 -9.70
N LEU B 113 -15.86 -45.62 -10.33
CA LEU B 113 -17.21 -45.97 -10.75
C LEU B 113 -17.23 -47.08 -11.79
N ASP B 114 -16.11 -47.31 -12.48
CA ASP B 114 -15.98 -48.39 -13.46
C ASP B 114 -17.09 -48.33 -14.51
N HIS B 115 -17.25 -47.16 -15.12
CA HIS B 115 -18.18 -46.98 -16.21
C HIS B 115 -17.49 -46.25 -17.35
N GLN B 116 -17.65 -46.76 -18.57
CA GLN B 116 -16.93 -46.22 -19.72
C GLN B 116 -17.22 -44.74 -19.96
N ASP B 117 -18.38 -44.25 -19.55
CA ASP B 117 -18.80 -42.88 -19.82
C ASP B 117 -18.65 -41.93 -18.63
N ALA B 118 -18.20 -42.43 -17.48
CA ALA B 118 -18.11 -41.56 -16.29
C ALA B 118 -17.10 -40.43 -16.50
N VAL B 119 -15.92 -40.77 -17.03
CA VAL B 119 -14.89 -39.76 -17.21
C VAL B 119 -15.28 -38.78 -18.31
N LYS B 120 -15.94 -39.27 -19.37
CA LYS B 120 -16.42 -38.37 -20.41
C LYS B 120 -17.41 -37.36 -19.84
N LEU B 121 -18.29 -37.82 -18.96
CA LEU B 121 -19.27 -36.92 -18.35
C LEU B 121 -18.60 -35.98 -17.36
N PHE B 122 -17.69 -36.50 -16.54
CA PHE B 122 -16.88 -35.66 -15.65
C PHE B 122 -16.22 -34.53 -16.43
N THR B 123 -15.56 -34.88 -17.53
CA THR B 123 -14.89 -33.89 -18.36
C THR B 123 -15.87 -32.85 -18.90
N ARG B 124 -16.99 -33.32 -19.47
CA ARG B 124 -17.98 -32.41 -20.03
C ARG B 124 -18.47 -31.41 -19.01
N GLN B 125 -18.75 -31.87 -17.78
CA GLN B 125 -19.33 -30.98 -16.78
C GLN B 125 -18.31 -30.01 -16.22
N LEU B 126 -17.06 -30.44 -16.06
CA LEU B 126 -16.03 -29.51 -15.59
C LEU B 126 -15.68 -28.46 -16.64
N LEU B 127 -15.78 -28.80 -17.93
CA LEU B 127 -15.61 -27.78 -18.96
C LEU B 127 -16.74 -26.77 -18.89
N GLU B 128 -17.97 -27.22 -18.65
CA GLU B 128 -19.10 -26.30 -18.53
C GLU B 128 -18.96 -25.41 -17.31
N LEU B 129 -18.56 -25.99 -16.17
CA LEU B 129 -18.36 -25.22 -14.95
C LEU B 129 -17.35 -24.09 -15.16
N HIS B 130 -16.24 -24.38 -15.86
CA HIS B 130 -15.23 -23.36 -16.05
C HIS B 130 -15.66 -22.31 -17.06
N GLN B 131 -16.54 -22.66 -18.00
CA GLN B 131 -17.08 -21.65 -18.91
C GLN B 131 -17.99 -20.69 -18.15
N GLY B 132 -18.84 -21.22 -17.27
CA GLY B 132 -19.67 -20.36 -16.46
C GLY B 132 -18.86 -19.45 -15.56
N GLN B 133 -17.92 -20.04 -14.82
CA GLN B 133 -17.07 -19.27 -13.94
C GLN B 133 -16.27 -18.22 -14.73
N GLY B 134 -15.76 -18.60 -15.90
CA GLY B 134 -15.00 -17.67 -16.71
C GLY B 134 -15.83 -16.46 -17.16
N LEU B 135 -17.10 -16.69 -17.49
CA LEU B 135 -17.97 -15.58 -17.87
C LEU B 135 -18.25 -14.65 -16.69
N ASP B 136 -18.54 -15.24 -15.52
CA ASP B 136 -18.73 -14.46 -14.30
C ASP B 136 -17.53 -13.56 -14.03
N ILE B 137 -16.32 -14.11 -14.18
CA ILE B 137 -15.11 -13.33 -13.94
C ILE B 137 -14.89 -12.31 -15.04
N TYR B 138 -15.11 -12.71 -16.29
CA TYR B 138 -14.89 -11.83 -17.43
C TYR B 138 -15.73 -10.55 -17.31
N TRP B 139 -17.04 -10.71 -17.06
CA TRP B 139 -17.92 -9.55 -16.97
C TRP B 139 -17.48 -8.63 -15.84
N ARG B 140 -17.16 -9.21 -14.68
CA ARG B 140 -16.80 -8.42 -13.51
C ARG B 140 -15.52 -7.63 -13.74
N ASP B 141 -14.49 -8.30 -14.26
CA ASP B 141 -13.17 -7.70 -14.35
C ASP B 141 -12.96 -6.91 -15.63
N ASN B 142 -13.87 -7.01 -16.58
CA ASN B 142 -13.87 -6.13 -17.75
C ASN B 142 -14.99 -5.11 -17.66
N TYR B 143 -15.68 -5.04 -16.53
CA TYR B 143 -16.67 -3.99 -16.23
C TYR B 143 -17.74 -3.90 -17.32
N THR B 144 -18.31 -5.05 -17.67
CA THR B 144 -19.41 -5.12 -18.63
C THR B 144 -20.55 -5.90 -17.99
N CYS B 145 -21.61 -5.20 -17.63
CA CYS B 145 -22.70 -5.83 -16.91
C CYS B 145 -23.46 -6.73 -17.88
N PRO B 146 -23.78 -7.97 -17.49
CA PRO B 146 -24.55 -8.83 -18.39
C PRO B 146 -26.01 -8.43 -18.38
N THR B 147 -26.70 -8.78 -19.47
CA THR B 147 -28.15 -8.75 -19.44
C THR B 147 -28.65 -9.84 -18.48
N GLU B 148 -29.92 -9.72 -18.07
CA GLU B 148 -30.47 -10.74 -17.19
C GLU B 148 -30.40 -12.12 -17.84
N GLU B 149 -30.70 -12.20 -19.14
CA GLU B 149 -30.69 -13.48 -19.85
C GLU B 149 -29.28 -14.06 -19.94
N GLU B 150 -28.27 -13.22 -20.24
CA GLU B 150 -26.89 -13.71 -20.25
C GLU B 150 -26.48 -14.22 -18.88
N TYR B 151 -26.86 -13.50 -17.83
CA TYR B 151 -26.55 -13.93 -16.47
C TYR B 151 -27.16 -15.30 -16.17
N LYS B 152 -28.43 -15.49 -16.53
CA LYS B 152 -29.09 -16.76 -16.24
C LYS B 152 -28.40 -17.91 -16.95
N ALA B 153 -28.06 -17.70 -18.23
CA ALA B 153 -27.36 -18.73 -19.00
C ALA B 153 -26.01 -19.07 -18.36
N MET B 154 -25.31 -18.05 -17.85
CA MET B 154 -24.03 -18.33 -17.19
C MET B 154 -24.24 -19.12 -15.91
N VAL B 155 -25.30 -18.82 -15.16
CA VAL B 155 -25.59 -19.52 -13.92
C VAL B 155 -25.89 -20.99 -14.19
N LEU B 156 -26.58 -21.27 -15.30
CA LEU B 156 -26.86 -22.66 -15.65
C LEU B 156 -25.57 -23.44 -15.82
N GLN B 157 -24.54 -22.81 -16.38
CA GLN B 157 -23.25 -23.49 -16.49
C GLN B 157 -22.53 -23.52 -15.14
N LYS B 158 -22.41 -22.37 -14.48
CA LYS B 158 -21.61 -22.26 -13.26
C LYS B 158 -22.21 -23.07 -12.12
N THR B 159 -23.52 -22.96 -11.90
CA THR B 159 -24.16 -23.65 -10.79
C THR B 159 -24.81 -24.96 -11.22
N GLY B 160 -25.50 -24.97 -12.36
CA GLY B 160 -26.07 -26.21 -12.87
C GLY B 160 -25.00 -27.23 -13.26
N GLY B 161 -23.81 -26.75 -13.61
CA GLY B 161 -22.73 -27.64 -14.02
C GLY B 161 -22.50 -28.78 -13.06
N LEU B 162 -22.37 -28.46 -11.77
CA LEU B 162 -22.09 -29.49 -10.78
C LEU B 162 -23.33 -30.30 -10.44
N PHE B 163 -24.50 -29.66 -10.43
CA PHE B 163 -25.76 -30.40 -10.37
C PHE B 163 -25.81 -31.46 -11.46
N GLY B 164 -25.49 -31.06 -12.70
CA GLY B 164 -25.57 -31.97 -13.82
C GLY B 164 -24.54 -33.08 -13.75
N LEU B 165 -23.42 -32.84 -13.08
CA LEU B 165 -22.44 -33.90 -12.88
C LEU B 165 -22.97 -34.99 -11.95
N ALA B 166 -23.50 -34.59 -10.79
CA ALA B 166 -24.04 -35.58 -9.86
C ALA B 166 -25.19 -36.34 -10.51
N VAL B 167 -26.17 -35.62 -11.05
CA VAL B 167 -27.33 -36.28 -11.63
C VAL B 167 -26.96 -37.05 -12.90
N GLY B 168 -26.09 -36.46 -13.74
CA GLY B 168 -25.66 -37.18 -14.94
C GLY B 168 -24.95 -38.48 -14.61
N LEU B 169 -24.08 -38.48 -13.60
CA LEU B 169 -23.42 -39.72 -13.20
C LEU B 169 -24.43 -40.74 -12.68
N MET B 170 -25.40 -40.29 -11.88
CA MET B 170 -26.43 -41.19 -11.38
C MET B 170 -27.18 -41.89 -12.52
N GLN B 171 -27.50 -41.14 -13.58
CA GLN B 171 -28.27 -41.71 -14.69
C GLN B 171 -27.51 -42.78 -15.45
N LEU B 172 -26.18 -42.75 -15.39
CA LEU B 172 -25.39 -43.84 -15.99
C LEU B 172 -25.73 -45.19 -15.37
N PHE B 173 -26.21 -45.21 -14.13
CA PHE B 173 -26.50 -46.45 -13.41
C PHE B 173 -28.00 -46.60 -13.13
N SER B 174 -28.84 -46.01 -13.97
CA SER B 174 -30.26 -45.96 -13.71
C SER B 174 -31.04 -46.39 -14.96
N ASP B 175 -32.16 -47.05 -14.74
CA ASP B 175 -33.10 -47.33 -15.82
C ASP B 175 -34.02 -46.15 -16.11
N TYR B 176 -34.07 -45.15 -15.22
CA TYR B 176 -34.88 -43.97 -15.43
C TYR B 176 -34.19 -43.09 -16.48
N LYS B 177 -34.85 -42.91 -17.63
CA LYS B 177 -34.23 -42.23 -18.76
C LYS B 177 -34.95 -40.95 -19.17
N GLU B 178 -35.85 -40.42 -18.33
CA GLU B 178 -36.53 -39.19 -18.66
C GLU B 178 -35.58 -38.01 -18.51
N ASP B 179 -35.93 -36.89 -19.16
CA ASP B 179 -35.04 -35.73 -19.21
C ASP B 179 -35.24 -34.89 -17.94
N LEU B 180 -34.22 -34.89 -17.08
CA LEU B 180 -34.25 -34.12 -15.84
C LEU B 180 -33.60 -32.76 -15.99
N LYS B 181 -33.03 -32.48 -17.16
CA LYS B 181 -32.27 -31.24 -17.33
C LYS B 181 -33.10 -29.98 -17.11
N PRO B 182 -34.34 -29.86 -17.61
CA PRO B 182 -35.11 -28.63 -17.32
C PRO B 182 -35.32 -28.37 -15.84
N LEU B 183 -35.50 -29.41 -15.01
CA LEU B 183 -35.65 -29.21 -13.58
C LEU B 183 -34.33 -28.83 -12.93
N LEU B 184 -33.22 -29.46 -13.33
CA LEU B 184 -31.90 -29.08 -12.84
C LEU B 184 -31.60 -27.62 -13.14
N ASN B 185 -32.02 -27.16 -14.32
CA ASN B 185 -31.81 -25.77 -14.71
C ASN B 185 -32.56 -24.84 -13.76
N THR B 186 -33.81 -25.18 -13.45
CA THR B 186 -34.57 -24.36 -12.51
C THR B 186 -33.89 -24.33 -11.15
N LEU B 187 -33.50 -25.50 -10.64
CA LEU B 187 -32.84 -25.56 -9.33
C LEU B 187 -31.50 -24.83 -9.33
N GLY B 188 -30.76 -24.88 -10.43
CA GLY B 188 -29.51 -24.15 -10.50
C GLY B 188 -29.71 -22.65 -10.42
N LEU B 189 -30.63 -22.12 -11.24
CA LEU B 189 -30.95 -20.69 -11.18
C LEU B 189 -31.47 -20.30 -9.80
N PHE B 190 -32.40 -21.10 -9.27
CA PHE B 190 -32.98 -20.86 -7.96
C PHE B 190 -31.89 -20.78 -6.90
N PHE B 191 -30.98 -21.74 -6.90
CA PHE B 191 -29.94 -21.77 -5.86
C PHE B 191 -29.04 -20.54 -5.94
N GLN B 192 -28.65 -20.14 -7.14
CA GLN B 192 -27.68 -19.06 -7.27
C GLN B 192 -28.32 -17.72 -6.92
N ILE B 193 -29.53 -17.46 -7.43
CA ILE B 193 -30.20 -16.20 -7.16
C ILE B 193 -30.50 -16.08 -5.67
N ARG B 194 -30.90 -17.20 -5.05
CA ARG B 194 -31.07 -17.23 -3.60
C ARG B 194 -29.78 -16.85 -2.89
N ASP B 195 -28.65 -17.30 -3.41
CA ASP B 195 -27.37 -16.96 -2.81
C ASP B 195 -27.01 -15.50 -3.08
N ASP B 196 -27.29 -15.01 -4.30
CA ASP B 196 -27.09 -13.59 -4.61
C ASP B 196 -27.92 -12.71 -3.68
N TYR B 197 -29.15 -13.11 -3.42
CA TYR B 197 -30.04 -12.35 -2.56
C TYR B 197 -29.52 -12.34 -1.12
N ALA B 198 -29.18 -13.52 -0.59
CA ALA B 198 -28.69 -13.59 0.79
C ALA B 198 -27.44 -12.73 0.98
N ASN B 199 -26.54 -12.71 -0.01
CA ASN B 199 -25.28 -12.02 0.16
C ASN B 199 -25.47 -10.51 0.35
N LEU B 200 -26.49 -9.93 -0.27
CA LEU B 200 -26.73 -8.49 -0.19
C LEU B 200 -27.87 -8.09 0.72
N HIS B 201 -28.76 -9.00 1.10
CA HIS B 201 -29.93 -8.60 1.87
C HIS B 201 -29.85 -8.92 3.35
N SER B 202 -28.99 -9.85 3.76
CA SER B 202 -28.88 -10.22 5.16
C SER B 202 -27.67 -9.54 5.82
N SER B 206 -21.08 -12.98 9.22
CA SER B 206 -22.41 -13.44 9.59
C SER B 206 -22.54 -14.95 9.45
N GLU B 207 -23.61 -15.40 8.78
CA GLU B 207 -23.85 -16.83 8.67
C GLU B 207 -22.96 -17.49 7.62
N ASN B 208 -22.64 -16.78 6.53
CA ASN B 208 -21.79 -17.31 5.48
C ASN B 208 -20.65 -16.34 5.17
N LYS B 209 -20.93 -15.35 4.31
CA LYS B 209 -19.95 -14.32 4.03
C LYS B 209 -20.16 -13.12 4.96
N SER B 210 -19.16 -12.24 5.00
CA SER B 210 -19.28 -11.00 5.75
C SER B 210 -20.15 -10.01 4.99
N PHE B 211 -20.18 -8.77 5.45
CA PHE B 211 -21.13 -7.78 4.96
C PHE B 211 -20.93 -7.44 3.49
N CYS B 212 -21.99 -7.64 2.70
CA CYS B 212 -22.05 -7.40 1.26
C CYS B 212 -20.72 -7.61 0.55
N GLU B 213 -20.13 -8.80 0.69
CA GLU B 213 -18.86 -9.08 0.03
C GLU B 213 -18.98 -9.01 -1.49
N ASP B 214 -20.15 -9.33 -2.04
CA ASP B 214 -20.36 -9.26 -3.48
C ASP B 214 -20.10 -7.85 -4.01
N LEU B 215 -20.44 -6.82 -3.23
CA LEU B 215 -20.15 -5.45 -3.67
C LEU B 215 -18.66 -5.17 -3.68
N THR B 216 -17.94 -5.61 -2.64
CA THR B 216 -16.49 -5.43 -2.59
C THR B 216 -15.83 -6.18 -3.74
N GLU B 217 -16.34 -7.36 -4.07
CA GLU B 217 -15.82 -8.15 -5.18
C GLU B 217 -16.01 -7.42 -6.52
N GLY B 218 -17.05 -6.61 -6.65
CA GLY B 218 -17.35 -5.96 -7.91
C GLY B 218 -18.19 -6.80 -8.84
N LYS B 219 -18.75 -7.91 -8.36
CA LYS B 219 -19.48 -8.82 -9.22
C LYS B 219 -20.83 -8.23 -9.61
N PHE B 220 -21.31 -8.61 -10.78
CA PHE B 220 -22.69 -8.36 -11.19
C PHE B 220 -23.51 -9.56 -10.75
N SER B 221 -24.39 -9.35 -9.78
CA SER B 221 -25.28 -10.38 -9.28
C SER B 221 -26.71 -9.98 -9.57
N PHE B 222 -27.66 -10.88 -9.29
CA PHE B 222 -29.04 -10.64 -9.70
C PHE B 222 -29.60 -9.32 -9.19
N PRO B 223 -29.44 -8.94 -7.92
CA PRO B 223 -29.98 -7.63 -7.50
C PRO B 223 -29.31 -6.45 -8.19
N THR B 224 -27.97 -6.45 -8.34
CA THR B 224 -27.31 -5.31 -8.95
C THR B 224 -27.56 -5.23 -10.44
N ILE B 225 -27.70 -6.38 -11.11
CA ILE B 225 -28.07 -6.37 -12.52
C ILE B 225 -29.42 -5.70 -12.72
N HIS B 226 -30.38 -5.99 -11.84
CA HIS B 226 -31.68 -5.34 -11.94
C HIS B 226 -31.56 -3.84 -11.75
N ALA B 227 -30.82 -3.40 -10.73
CA ALA B 227 -30.67 -1.97 -10.48
C ALA B 227 -30.00 -1.28 -11.65
N ILE B 228 -29.01 -1.94 -12.26
CA ILE B 228 -28.29 -1.33 -13.37
C ILE B 228 -29.21 -1.13 -14.56
N TRP B 229 -29.94 -2.18 -14.96
CA TRP B 229 -30.78 -2.11 -16.15
C TRP B 229 -32.06 -1.33 -15.92
N SER B 230 -32.66 -1.41 -14.74
CA SER B 230 -33.97 -0.80 -14.54
C SER B 230 -33.89 0.70 -14.28
N ARG B 231 -32.72 1.23 -13.95
CA ARG B 231 -32.50 2.67 -13.79
C ARG B 231 -31.31 3.09 -14.63
N PRO B 232 -31.45 3.11 -15.95
CA PRO B 232 -30.30 3.35 -16.84
C PRO B 232 -29.76 4.77 -16.81
N GLU B 233 -30.47 5.72 -16.21
CA GLU B 233 -29.97 7.08 -16.13
C GLU B 233 -28.97 7.27 -14.99
N SER B 234 -28.73 6.24 -14.19
CA SER B 234 -27.74 6.29 -13.14
C SER B 234 -26.68 5.21 -13.38
N THR B 235 -25.42 5.54 -13.12
CA THR B 235 -24.32 4.58 -13.18
C THR B 235 -23.72 4.35 -11.79
N GLN B 236 -24.52 4.62 -10.75
CA GLN B 236 -24.04 4.57 -9.37
C GLN B 236 -23.54 3.18 -9.01
N VAL B 237 -24.32 2.15 -9.35
CA VAL B 237 -23.99 0.79 -8.94
C VAL B 237 -22.73 0.33 -9.65
N GLN B 238 -22.66 0.55 -10.97
CA GLN B 238 -21.46 0.21 -11.73
C GLN B 238 -20.23 0.85 -11.12
N ASN B 239 -20.32 2.13 -10.75
CA ASN B 239 -19.15 2.83 -10.22
C ASN B 239 -18.76 2.27 -8.86
N ILE B 240 -19.73 2.00 -7.99
CA ILE B 240 -19.44 1.41 -6.68
C ILE B 240 -18.78 0.06 -6.85
N LEU B 241 -19.33 -0.79 -7.74
CA LEU B 241 -18.72 -2.09 -8.00
C LEU B 241 -17.29 -1.94 -8.51
N ARG B 242 -17.04 -0.93 -9.34
CA ARG B 242 -15.69 -0.70 -9.86
C ARG B 242 -14.70 -0.28 -8.77
N GLN B 243 -15.20 0.36 -7.71
CA GLN B 243 -14.33 0.80 -6.61
C GLN B 243 -13.73 -0.35 -5.83
N ARG B 244 -14.32 -1.55 -5.91
CA ARG B 244 -13.82 -2.71 -5.16
C ARG B 244 -13.59 -2.33 -3.69
N THR B 245 -14.57 -1.66 -3.11
CA THR B 245 -14.35 -0.98 -1.83
C THR B 245 -14.79 -1.86 -0.67
N GLU B 246 -14.10 -1.71 0.45
CA GLU B 246 -14.51 -2.31 1.70
C GLU B 246 -15.24 -1.33 2.61
N ASN B 247 -15.45 -0.10 2.16
CA ASN B 247 -16.06 0.93 3.01
C ASN B 247 -17.51 0.57 3.32
N ILE B 248 -17.81 0.44 4.61
CA ILE B 248 -19.13 0.00 5.03
C ILE B 248 -20.20 1.01 4.64
N ASP B 249 -19.87 2.29 4.67
CA ASP B 249 -20.87 3.31 4.35
C ASP B 249 -21.24 3.30 2.88
N ILE B 250 -20.26 3.13 1.98
CA ILE B 250 -20.57 3.02 0.56
C ILE B 250 -21.43 1.80 0.30
N LYS B 251 -21.14 0.69 0.99
CA LYS B 251 -21.92 -0.53 0.80
C LYS B 251 -23.34 -0.38 1.34
N LYS B 252 -23.49 0.23 2.51
CA LYS B 252 -24.82 0.51 3.06
C LYS B 252 -25.60 1.43 2.13
N TYR B 253 -24.95 2.45 1.58
CA TYR B 253 -25.61 3.34 0.63
C TYR B 253 -26.14 2.57 -0.57
N CYS B 254 -25.32 1.65 -1.11
CA CYS B 254 -25.68 0.92 -2.32
C CYS B 254 -26.81 -0.07 -2.07
N VAL B 255 -26.88 -0.63 -0.86
CA VAL B 255 -28.00 -1.49 -0.49
C VAL B 255 -29.29 -0.68 -0.38
N HIS B 256 -29.22 0.53 0.17
CA HIS B 256 -30.40 1.39 0.24
C HIS B 256 -30.94 1.68 -1.15
N TYR B 257 -30.05 1.96 -2.11
CA TYR B 257 -30.46 2.19 -3.49
C TYR B 257 -31.14 0.96 -4.09
N LEU B 258 -30.51 -0.21 -3.93
CA LEU B 258 -31.13 -1.45 -4.41
C LEU B 258 -32.52 -1.61 -3.83
N GLU B 259 -32.67 -1.36 -2.53
CA GLU B 259 -33.96 -1.45 -1.88
C GLU B 259 -34.94 -0.46 -2.49
N ASP B 260 -34.51 0.80 -2.66
CA ASP B 260 -35.43 1.85 -3.09
C ASP B 260 -35.89 1.66 -4.53
N VAL B 261 -35.07 1.08 -5.40
CA VAL B 261 -35.47 0.90 -6.79
C VAL B 261 -36.12 -0.46 -7.01
N GLY B 262 -36.38 -1.19 -5.92
CA GLY B 262 -37.14 -2.44 -6.01
C GLY B 262 -36.34 -3.67 -6.38
N SER B 263 -35.01 -3.60 -6.32
CA SER B 263 -34.19 -4.73 -6.75
C SER B 263 -34.38 -5.95 -5.85
N PHE B 264 -34.59 -5.72 -4.55
CA PHE B 264 -34.81 -6.84 -3.64
C PHE B 264 -36.21 -7.43 -3.81
N GLU B 265 -37.21 -6.58 -3.98
CA GLU B 265 -38.55 -7.07 -4.29
C GLU B 265 -38.57 -7.84 -5.60
N TYR B 266 -37.85 -7.34 -6.61
CA TYR B 266 -37.77 -8.03 -7.89
C TYR B 266 -37.06 -9.38 -7.74
N THR B 267 -36.03 -9.45 -6.90
CA THR B 267 -35.34 -10.70 -6.68
C THR B 267 -36.21 -11.70 -5.95
N ARG B 268 -36.94 -11.25 -4.92
CA ARG B 268 -37.88 -12.14 -4.24
C ARG B 268 -38.93 -12.68 -5.19
N ASN B 269 -39.44 -11.81 -6.08
CA ASN B 269 -40.48 -12.25 -7.02
C ASN B 269 -39.94 -13.31 -7.96
N THR B 270 -38.74 -13.12 -8.48
CA THR B 270 -38.09 -14.13 -9.32
C THR B 270 -37.93 -15.46 -8.57
N LEU B 271 -37.49 -15.39 -7.31
CA LEU B 271 -37.31 -16.61 -6.53
C LEU B 271 -38.64 -17.31 -6.30
N LYS B 272 -39.71 -16.55 -6.03
CA LYS B 272 -41.02 -17.16 -5.81
C LYS B 272 -41.54 -17.82 -7.08
N GLU B 273 -41.26 -17.22 -8.25
CA GLU B 273 -41.60 -17.84 -9.52
C GLU B 273 -40.80 -19.12 -9.77
N LEU B 274 -39.49 -19.10 -9.44
CA LEU B 274 -38.66 -20.28 -9.66
C LEU B 274 -39.08 -21.43 -8.76
N GLU B 275 -39.41 -21.13 -7.50
CA GLU B 275 -39.92 -22.16 -6.60
C GLU B 275 -41.22 -22.78 -7.14
N ALA B 276 -42.15 -21.93 -7.58
CA ALA B 276 -43.41 -22.43 -8.14
C ALA B 276 -43.16 -23.28 -9.39
N LYS B 277 -42.22 -22.83 -10.23
CA LYS B 277 -41.89 -23.59 -11.44
C LYS B 277 -41.31 -24.95 -11.08
N ALA B 278 -40.43 -24.99 -10.07
CA ALA B 278 -39.89 -26.26 -9.59
C ALA B 278 -41.01 -27.24 -9.18
N TYR B 279 -41.99 -26.75 -8.43
CA TYR B 279 -43.09 -27.63 -8.00
C TYR B 279 -43.87 -28.17 -9.19
N LYS B 280 -44.14 -27.31 -10.18
CA LYS B 280 -44.84 -27.76 -11.38
C LYS B 280 -44.01 -28.79 -12.13
N GLN B 281 -42.71 -28.56 -12.28
CA GLN B 281 -41.86 -29.50 -12.98
C GLN B 281 -41.73 -30.83 -12.24
N ILE B 282 -41.72 -30.79 -10.90
CA ILE B 282 -41.71 -32.02 -10.13
C ILE B 282 -43.04 -32.75 -10.27
N ASP B 283 -44.16 -32.00 -10.29
CA ASP B 283 -45.45 -32.63 -10.44
C ASP B 283 -45.62 -33.26 -11.82
N ALA B 284 -45.06 -32.63 -12.86
CA ALA B 284 -45.08 -33.21 -14.20
C ALA B 284 -44.31 -34.52 -14.28
N ARG B 285 -43.43 -34.79 -13.33
CA ARG B 285 -42.63 -36.01 -13.32
C ARG B 285 -43.15 -37.04 -12.32
N GLY B 286 -44.40 -36.91 -11.89
CA GLY B 286 -44.99 -37.88 -10.99
C GLY B 286 -44.83 -37.59 -9.51
N GLY B 287 -44.25 -36.46 -9.15
CA GLY B 287 -44.03 -36.14 -7.75
C GLY B 287 -42.66 -36.58 -7.24
N ASN B 288 -42.27 -35.99 -6.12
CA ASN B 288 -41.01 -36.25 -5.42
C ASN B 288 -41.08 -35.56 -4.07
N PRO B 289 -41.65 -36.21 -3.05
CA PRO B 289 -41.79 -35.54 -1.74
C PRO B 289 -40.49 -35.00 -1.16
N GLU B 290 -39.37 -35.71 -1.34
CA GLU B 290 -38.11 -35.24 -0.77
C GLU B 290 -37.65 -33.97 -1.45
N LEU B 291 -37.75 -33.91 -2.78
CA LEU B 291 -37.31 -32.72 -3.49
C LEU B 291 -38.21 -31.53 -3.19
N VAL B 292 -39.51 -31.76 -3.11
CA VAL B 292 -40.46 -30.69 -2.79
C VAL B 292 -40.12 -30.10 -1.43
N ALA B 293 -39.86 -30.95 -0.44
CA ALA B 293 -39.52 -30.49 0.90
C ALA B 293 -38.21 -29.69 0.91
N LEU B 294 -37.24 -30.11 0.10
CA LEU B 294 -35.96 -29.40 0.05
C LEU B 294 -36.13 -28.01 -0.57
N VAL B 295 -36.87 -27.92 -1.68
CA VAL B 295 -37.15 -26.63 -2.28
C VAL B 295 -37.94 -25.75 -1.32
N LYS B 296 -38.96 -26.32 -0.68
CA LYS B 296 -39.75 -25.55 0.28
C LYS B 296 -38.88 -25.04 1.42
N HIS B 297 -37.99 -25.89 1.93
CA HIS B 297 -37.10 -25.48 3.01
C HIS B 297 -36.18 -24.36 2.58
N LEU B 298 -35.60 -24.46 1.38
CA LEU B 298 -34.72 -23.42 0.88
C LEU B 298 -35.46 -22.11 0.65
N SER B 299 -36.78 -22.16 0.49
CA SER B 299 -37.57 -20.97 0.17
C SER B 299 -38.03 -20.18 1.37
N LYS B 300 -37.84 -20.69 2.60
CA LYS B 300 -38.18 -19.89 3.77
C LYS B 300 -37.37 -18.60 3.83
N MET B 301 -36.17 -18.62 3.24
CA MET B 301 -35.25 -17.51 3.38
C MET B 301 -35.77 -16.21 2.75
N PHE B 302 -36.59 -16.28 1.71
CA PHE B 302 -37.10 -15.07 1.09
C PHE B 302 -38.59 -14.85 1.34
N LYS B 303 -39.09 -15.28 2.50
CA LYS B 303 -40.54 -15.20 2.72
C LYS B 303 -40.97 -14.44 3.96
N GLU B 304 -40.24 -14.56 5.09
CA GLU B 304 -40.71 -13.96 6.35
C GLU B 304 -39.59 -13.10 6.94
N GLU B 305 -39.51 -11.85 6.49
CA GLU B 305 -38.52 -10.90 6.98
C GLU B 305 -39.23 -9.74 7.65
N ASN B 306 -39.15 -9.69 8.98
CA ASN B 306 -39.67 -8.60 9.81
C ASN B 306 -39.54 -8.97 11.28
N GLN C 12 23.33 -20.53 25.96
CA GLN C 12 24.70 -20.81 25.55
C GLN C 12 25.33 -19.64 24.81
N GLU C 13 26.29 -19.93 23.93
CA GLU C 13 26.94 -18.91 23.12
C GLU C 13 26.26 -18.69 21.78
N THR C 14 25.41 -19.62 21.32
CA THR C 14 24.67 -19.39 20.08
C THR C 14 23.62 -18.29 20.24
N VAL C 15 23.15 -18.04 21.47
CA VAL C 15 22.32 -16.87 21.71
C VAL C 15 23.10 -15.61 21.37
N GLN C 16 24.36 -15.55 21.79
CA GLN C 16 25.18 -14.38 21.54
C GLN C 16 25.36 -14.13 20.05
N ARG C 17 25.53 -15.20 19.28
CA ARG C 17 25.67 -15.06 17.83
C ARG C 17 24.37 -14.57 17.20
N ILE C 18 23.23 -15.08 17.69
CA ILE C 18 21.94 -14.61 17.19
C ILE C 18 21.80 -13.11 17.43
N LEU C 19 22.09 -12.67 18.64
CA LEU C 19 21.87 -11.26 18.99
C LEU C 19 22.82 -10.33 18.25
N LEU C 20 24.01 -10.82 17.89
CA LEU C 20 25.05 -9.99 17.30
C LEU C 20 25.09 -10.04 15.78
N GLU C 21 24.30 -10.92 15.15
CA GLU C 21 24.41 -11.11 13.70
C GLU C 21 24.21 -9.82 12.91
N PRO C 22 23.23 -8.95 13.20
CA PRO C 22 23.17 -7.68 12.46
C PRO C 22 24.41 -6.83 12.65
N TYR C 23 24.97 -6.83 13.86
CA TYR C 23 26.20 -6.09 14.11
C TYR C 23 27.36 -6.68 13.32
N LYS C 24 27.51 -8.01 13.36
CA LYS C 24 28.55 -8.67 12.60
C LYS C 24 28.41 -8.41 11.10
N TYR C 25 27.17 -8.31 10.61
CA TYR C 25 26.96 -8.00 9.20
C TYR C 25 27.55 -6.63 8.87
N LEU C 26 27.32 -5.63 9.72
CA LEU C 26 27.79 -4.29 9.43
C LEU C 26 29.31 -4.19 9.43
N LEU C 27 30.00 -5.03 10.20
CA LEU C 27 31.45 -4.99 10.24
C LEU C 27 32.10 -5.33 8.90
N GLN C 28 31.35 -5.92 7.96
CA GLN C 28 31.87 -6.19 6.63
C GLN C 28 32.12 -4.94 5.82
N LEU C 29 31.48 -3.85 6.24
CA LEU C 29 31.54 -2.56 5.58
C LEU C 29 32.83 -1.78 5.75
N PRO C 30 33.12 -0.93 4.78
CA PRO C 30 34.31 -0.09 4.78
C PRO C 30 34.21 1.04 5.80
N GLY C 31 35.31 1.73 6.06
CA GLY C 31 35.34 2.81 7.03
C GLY C 31 36.06 2.57 8.36
N LYS C 32 36.49 1.35 8.65
CA LYS C 32 37.25 1.09 9.87
C LYS C 32 38.58 1.82 9.72
N GLN C 33 39.13 1.74 8.52
CA GLN C 33 40.38 2.36 8.13
C GLN C 33 40.44 3.84 8.52
N VAL C 34 39.39 4.60 8.25
CA VAL C 34 39.46 6.03 8.54
C VAL C 34 39.51 6.24 10.05
N ARG C 35 38.76 5.40 10.80
CA ARG C 35 38.69 5.51 12.26
C ARG C 35 40.00 5.12 12.92
N THR C 36 40.67 4.08 12.39
CA THR C 36 42.00 3.75 12.89
C THR C 36 42.97 4.88 12.57
N LYS C 37 42.88 5.44 11.37
CA LYS C 37 43.74 6.56 11.02
C LYS C 37 43.49 7.76 11.93
N LEU C 38 42.24 7.94 12.38
CA LEU C 38 41.96 9.03 13.30
C LEU C 38 42.55 8.75 14.68
N SER C 39 42.37 7.52 15.17
CA SER C 39 42.98 7.11 16.43
C SER C 39 44.49 7.32 16.42
N GLN C 40 45.15 6.82 15.36
CA GLN C 40 46.60 6.93 15.27
C GLN C 40 47.04 8.40 15.21
N ALA C 41 46.31 9.23 14.46
CA ALA C 41 46.70 10.63 14.36
C ALA C 41 46.65 11.33 15.70
N PHE C 42 45.59 11.10 16.47
CA PHE C 42 45.49 11.75 17.78
C PHE C 42 46.44 11.14 18.79
N ASN C 43 46.79 9.85 18.63
CA ASN C 43 47.79 9.25 19.51
C ASN C 43 49.17 9.85 19.31
N HIS C 44 49.40 10.52 18.18
CA HIS C 44 50.63 11.28 18.00
C HIS C 44 50.83 12.29 19.13
N TRP C 45 49.76 12.94 19.57
CA TRP C 45 49.83 13.83 20.72
C TRP C 45 49.67 13.07 22.02
N LEU C 46 48.74 12.12 22.08
CA LEU C 46 48.28 11.62 23.36
C LEU C 46 49.13 10.47 23.89
N LYS C 47 49.74 9.67 23.02
CA LYS C 47 50.66 8.61 23.41
C LYS C 47 50.08 7.72 24.50
N VAL C 48 48.92 7.14 24.19
CA VAL C 48 48.17 6.31 25.12
C VAL C 48 48.84 4.94 25.22
N PRO C 49 48.97 4.37 26.42
CA PRO C 49 49.51 3.01 26.54
C PRO C 49 48.70 2.01 25.72
N GLU C 50 49.42 1.05 25.15
CA GLU C 50 48.83 0.18 24.12
C GLU C 50 47.61 -0.59 24.65
N ASP C 51 47.67 -1.07 25.89
CA ASP C 51 46.55 -1.84 26.42
C ASP C 51 45.30 -0.98 26.55
N LYS C 52 45.44 0.25 27.06
CA LYS C 52 44.29 1.15 27.14
C LYS C 52 43.80 1.55 25.75
N LEU C 53 44.74 1.82 24.84
CA LEU C 53 44.36 2.25 23.49
C LEU C 53 43.49 1.19 22.80
N GLN C 54 43.84 -0.08 22.92
CA GLN C 54 43.09 -1.13 22.24
C GLN C 54 41.65 -1.20 22.74
N ILE C 55 41.47 -1.11 24.07
CA ILE C 55 40.12 -1.12 24.62
C ILE C 55 39.34 0.09 24.13
N ILE C 56 39.98 1.25 24.12
CA ILE C 56 39.29 2.47 23.67
C ILE C 56 38.90 2.33 22.20
N ILE C 57 39.80 1.79 21.37
CA ILE C 57 39.46 1.56 19.97
C ILE C 57 38.28 0.60 19.85
N GLU C 58 38.28 -0.45 20.67
CA GLU C 58 37.17 -1.41 20.63
C GLU C 58 35.85 -0.74 21.04
N VAL C 59 35.88 -0.01 22.15
CA VAL C 59 34.70 0.74 22.60
C VAL C 59 34.20 1.67 21.50
N THR C 60 35.13 2.37 20.85
CA THR C 60 34.77 3.34 19.83
C THR C 60 34.08 2.68 18.64
N GLU C 61 34.63 1.54 18.19
CA GLU C 61 34.04 0.86 17.04
C GLU C 61 32.68 0.29 17.37
N MET C 62 32.52 -0.28 18.57
CA MET C 62 31.21 -0.79 18.98
C MET C 62 30.15 0.31 18.99
N LEU C 63 30.44 1.42 19.68
CA LEU C 63 29.44 2.48 19.81
C LEU C 63 29.14 3.14 18.46
N HIS C 64 30.17 3.35 17.64
CA HIS C 64 29.95 3.94 16.33
C HIS C 64 29.08 3.04 15.46
N ASN C 65 29.46 1.76 15.35
CA ASN C 65 28.70 0.86 14.49
C ASN C 65 27.28 0.68 14.99
N ALA C 66 27.11 0.55 16.31
CA ALA C 66 25.76 0.45 16.86
C ALA C 66 24.95 1.69 16.55
N SER C 67 25.58 2.86 16.62
CA SER C 67 24.87 4.09 16.32
C SER C 67 24.49 4.18 14.84
N LEU C 68 25.31 3.62 13.94
CA LEU C 68 24.94 3.61 12.53
C LEU C 68 23.76 2.68 12.26
N LEU C 69 23.73 1.51 12.90
CA LEU C 69 22.58 0.62 12.77
C LEU C 69 21.29 1.35 13.13
N ILE C 70 21.30 2.07 14.25
CA ILE C 70 20.14 2.82 14.69
C ILE C 70 19.85 3.96 13.73
N ASP C 71 20.89 4.68 13.31
CA ASP C 71 20.72 5.82 12.42
C ASP C 71 20.07 5.41 11.10
N ASP C 72 20.46 4.23 10.58
CA ASP C 72 19.90 3.78 9.32
C ASP C 72 18.41 3.47 9.42
N ILE C 73 17.95 3.01 10.59
CA ILE C 73 16.52 2.84 10.82
C ILE C 73 15.84 4.21 10.92
N GLU C 74 16.43 5.11 11.70
CA GLU C 74 15.84 6.44 11.87
C GLU C 74 15.77 7.19 10.56
N ASP C 75 16.63 6.88 9.61
CA ASP C 75 16.75 7.64 8.38
C ASP C 75 16.16 6.93 7.17
N ASN C 76 15.60 5.72 7.35
CA ASN C 76 14.97 4.98 6.25
C ASN C 76 15.93 4.83 5.08
N SER C 77 17.21 4.63 5.38
CA SER C 77 18.24 4.51 4.36
C SER C 77 18.17 3.13 3.71
N LYS C 78 18.68 3.06 2.47
CA LYS C 78 18.71 1.80 1.73
C LYS C 78 20.10 1.17 1.70
N LEU C 79 21.14 1.98 1.49
CA LEU C 79 22.51 1.53 1.41
C LEU C 79 23.38 2.24 2.43
N ARG C 80 24.42 1.56 2.91
CA ARG C 80 25.51 2.20 3.64
C ARG C 80 26.82 1.62 3.15
N ARG C 81 27.72 2.50 2.68
CA ARG C 81 29.03 2.09 2.18
C ARG C 81 28.92 1.02 1.09
N GLY C 82 27.88 1.13 0.26
CA GLY C 82 27.65 0.22 -0.85
C GLY C 82 26.99 -1.10 -0.49
N PHE C 83 26.65 -1.33 0.78
CA PHE C 83 26.00 -2.54 1.24
C PHE C 83 24.56 -2.26 1.63
N PRO C 84 23.67 -3.24 1.52
CA PRO C 84 22.31 -3.08 2.09
C PRO C 84 22.39 -2.73 3.56
N VAL C 85 21.52 -1.81 4.00
CA VAL C 85 21.43 -1.51 5.42
C VAL C 85 20.98 -2.76 6.16
N ALA C 86 21.46 -2.91 7.41
CA ALA C 86 21.25 -4.15 8.13
C ALA C 86 19.76 -4.46 8.32
N HIS C 87 18.94 -3.44 8.59
CA HIS C 87 17.53 -3.72 8.87
C HIS C 87 16.78 -4.15 7.61
N SER C 88 17.33 -3.89 6.42
CA SER C 88 16.74 -4.37 5.18
C SER C 88 16.94 -5.86 4.96
N ILE C 89 17.84 -6.48 5.72
CA ILE C 89 18.04 -7.92 5.69
C ILE C 89 17.39 -8.58 6.91
N TYR C 90 17.70 -8.12 8.12
CA TYR C 90 17.24 -8.78 9.33
C TYR C 90 15.94 -8.19 9.89
N GLY C 91 15.49 -7.05 9.40
CA GLY C 91 14.29 -6.44 9.95
C GLY C 91 14.61 -5.39 11.01
N ILE C 92 13.71 -4.40 11.10
CA ILE C 92 13.90 -3.33 12.07
C ILE C 92 13.92 -3.83 13.51
N PRO C 93 12.98 -4.70 13.95
CA PRO C 93 13.02 -5.12 15.36
C PRO C 93 14.32 -5.78 15.77
N SER C 94 14.82 -6.71 14.96
CA SER C 94 16.09 -7.37 15.29
C SER C 94 17.23 -6.38 15.39
N VAL C 95 17.29 -5.41 14.47
CA VAL C 95 18.44 -4.52 14.42
C VAL C 95 18.40 -3.50 15.55
N ILE C 96 17.20 -3.02 15.92
CA ILE C 96 17.10 -2.14 17.10
C ILE C 96 17.68 -2.83 18.32
N ASN C 97 17.19 -4.04 18.62
CA ASN C 97 17.63 -4.73 19.84
C ASN C 97 19.12 -5.06 19.79
N SER C 98 19.62 -5.47 18.62
CA SER C 98 21.02 -5.84 18.53
C SER C 98 21.91 -4.62 18.70
N ALA C 99 21.56 -3.52 18.06
CA ALA C 99 22.32 -2.28 18.21
C ALA C 99 22.32 -1.82 19.66
N ASN C 100 21.14 -1.84 20.30
CA ASN C 100 21.07 -1.41 21.69
C ASN C 100 21.84 -2.36 22.60
N TYR C 101 21.79 -3.66 22.30
CA TYR C 101 22.62 -4.63 23.02
C TYR C 101 24.10 -4.25 22.95
N VAL C 102 24.57 -3.84 21.76
CA VAL C 102 25.99 -3.50 21.63
C VAL C 102 26.32 -2.22 22.40
N TYR C 103 25.38 -1.28 22.48
CA TYR C 103 25.58 -0.10 23.33
C TYR C 103 26.03 -0.51 24.72
N PHE C 104 25.33 -1.47 25.33
CA PHE C 104 25.61 -1.86 26.70
C PHE C 104 26.78 -2.83 26.81
N LEU C 105 27.07 -3.59 25.73
CA LEU C 105 28.36 -4.28 25.68
C LEU C 105 29.50 -3.27 25.60
N GLY C 106 29.28 -2.13 24.94
CA GLY C 106 30.29 -1.08 24.93
C GLY C 106 30.51 -0.48 26.30
N LEU C 107 29.42 -0.24 27.04
CA LEU C 107 29.54 0.18 28.43
C LEU C 107 30.29 -0.86 29.25
N GLU C 108 29.96 -2.14 29.06
CA GLU C 108 30.66 -3.20 29.78
C GLU C 108 32.16 -3.15 29.51
N LYS C 109 32.54 -2.95 28.25
CA LYS C 109 33.96 -2.91 27.91
C LYS C 109 34.63 -1.67 28.51
N VAL C 110 33.91 -0.55 28.57
CA VAL C 110 34.46 0.67 29.15
C VAL C 110 34.83 0.46 30.62
N LEU C 111 34.07 -0.41 31.31
CA LEU C 111 34.38 -0.69 32.71
C LEU C 111 35.76 -1.31 32.86
N THR C 112 36.21 -2.09 31.87
CA THR C 112 37.53 -2.72 31.96
C THR C 112 38.68 -1.72 31.84
N LEU C 113 38.42 -0.47 31.44
CA LEU C 113 39.48 0.53 31.48
C LEU C 113 39.93 0.82 32.90
N ASP C 114 39.12 0.48 33.91
CA ASP C 114 39.48 0.64 35.32
C ASP C 114 39.94 2.07 35.62
N HIS C 115 39.10 3.04 35.23
CA HIS C 115 39.37 4.44 35.52
C HIS C 115 38.10 5.09 36.06
N GLN C 116 38.26 5.85 37.15
CA GLN C 116 37.11 6.42 37.86
C GLN C 116 36.26 7.32 36.97
N ASP C 117 36.86 7.96 35.97
CA ASP C 117 36.14 8.92 35.14
C ASP C 117 35.67 8.36 33.81
N ALA C 118 35.99 7.10 33.51
CA ALA C 118 35.67 6.55 32.21
C ALA C 118 34.17 6.50 31.95
N VAL C 119 33.39 6.00 32.92
CA VAL C 119 31.98 5.78 32.65
C VAL C 119 31.26 7.12 32.60
N LYS C 120 31.70 8.06 33.44
CA LYS C 120 31.16 9.41 33.48
C LYS C 120 31.39 10.10 32.15
N LEU C 121 32.57 9.89 31.56
CA LEU C 121 32.84 10.43 30.24
C LEU C 121 31.99 9.72 29.19
N PHE C 122 31.92 8.38 29.29
CA PHE C 122 31.03 7.60 28.44
C PHE C 122 29.61 8.13 28.50
N THR C 123 29.09 8.34 29.72
CA THR C 123 27.72 8.82 29.88
C THR C 123 27.52 10.20 29.25
N ARG C 124 28.42 11.13 29.55
CA ARG C 124 28.30 12.49 29.01
C ARG C 124 28.28 12.50 27.49
N GLN C 125 29.15 11.72 26.86
CA GLN C 125 29.25 11.76 25.41
C GLN C 125 28.06 11.08 24.74
N LEU C 126 27.54 10.00 25.35
CA LEU C 126 26.37 9.35 24.77
C LEU C 126 25.13 10.24 24.86
N LEU C 127 25.03 11.03 25.92
CA LEU C 127 23.93 11.99 26.02
C LEU C 127 24.09 13.09 24.96
N GLU C 128 25.31 13.54 24.70
CA GLU C 128 25.53 14.56 23.68
C GLU C 128 25.17 14.03 22.30
N LEU C 129 25.59 12.80 21.99
CA LEU C 129 25.26 12.20 20.71
C LEU C 129 23.75 12.17 20.50
N HIS C 130 23.01 11.81 21.54
CA HIS C 130 21.56 11.67 21.38
C HIS C 130 20.86 13.01 21.30
N GLN C 131 21.45 14.07 21.88
CA GLN C 131 20.86 15.40 21.72
C GLN C 131 21.00 15.89 20.29
N GLY C 132 22.19 15.72 19.70
CA GLY C 132 22.37 16.08 18.31
C GLY C 132 21.47 15.29 17.40
N GLN C 133 21.47 13.96 17.57
CA GLN C 133 20.63 13.10 16.76
C GLN C 133 19.15 13.47 16.89
N GLY C 134 18.69 13.72 18.12
CA GLY C 134 17.30 14.06 18.33
C GLY C 134 16.89 15.35 17.65
N LEU C 135 17.78 16.35 17.68
CA LEU C 135 17.48 17.61 17.00
C LEU C 135 17.42 17.40 15.50
N ASP C 136 18.37 16.64 14.95
CA ASP C 136 18.34 16.31 13.53
C ASP C 136 17.01 15.66 13.15
N ILE C 137 16.54 14.72 13.97
CA ILE C 137 15.29 14.02 13.67
C ILE C 137 14.09 14.93 13.87
N TYR C 138 14.10 15.72 14.96
CA TYR C 138 12.99 16.62 15.26
C TYR C 138 12.72 17.58 14.10
N TRP C 139 13.78 18.23 13.59
CA TRP C 139 13.63 19.19 12.51
C TRP C 139 13.05 18.54 11.25
N ARG C 140 13.60 17.38 10.90
CA ARG C 140 13.20 16.71 9.66
C ARG C 140 11.73 16.28 9.71
N ASP C 141 11.32 15.65 10.81
CA ASP C 141 10.01 15.03 10.90
C ASP C 141 8.93 15.98 11.42
N ASN C 142 9.30 17.17 11.91
CA ASN C 142 8.35 18.22 12.26
C ASN C 142 8.39 19.37 11.25
N TYR C 143 9.13 19.23 10.16
CA TYR C 143 9.12 20.18 9.02
C TYR C 143 9.40 21.62 9.47
N THR C 144 10.48 21.77 10.24
CA THR C 144 11.07 23.05 10.64
C THR C 144 12.54 23.02 10.32
N CYS C 145 12.91 23.76 9.28
CA CYS C 145 14.28 23.76 8.81
C CYS C 145 15.12 24.61 9.77
N PRO C 146 16.28 24.13 10.17
CA PRO C 146 17.11 24.92 11.08
C PRO C 146 17.80 26.06 10.33
N THR C 147 18.18 27.08 11.09
CA THR C 147 19.15 28.04 10.60
C THR C 147 20.51 27.37 10.45
N GLU C 148 21.41 28.01 9.69
CA GLU C 148 22.74 27.45 9.51
C GLU C 148 23.46 27.27 10.86
N GLU C 149 23.33 28.25 11.75
CA GLU C 149 23.97 28.17 13.06
C GLU C 149 23.40 27.04 13.91
N GLU C 150 22.06 26.88 13.89
CA GLU C 150 21.46 25.77 14.62
C GLU C 150 21.97 24.43 14.12
N TYR C 151 22.10 24.30 12.79
CA TYR C 151 22.63 23.07 12.20
C TYR C 151 24.04 22.76 12.70
N LYS C 152 24.93 23.76 12.68
CA LYS C 152 26.30 23.52 13.09
C LYS C 152 26.37 23.11 14.55
N ALA C 153 25.62 23.78 15.42
CA ALA C 153 25.60 23.41 16.84
C ALA C 153 25.09 21.99 17.02
N MET C 154 24.07 21.61 16.24
CA MET C 154 23.57 20.24 16.32
C MET C 154 24.61 19.24 15.81
N VAL C 155 25.34 19.60 14.75
CA VAL C 155 26.37 18.71 14.21
C VAL C 155 27.48 18.52 15.23
N LEU C 156 27.80 19.57 15.99
CA LEU C 156 28.84 19.45 17.02
C LEU C 156 28.46 18.42 18.07
N GLN C 157 27.18 18.35 18.44
CA GLN C 157 26.73 17.35 19.39
C GLN C 157 26.72 15.96 18.75
N LYS C 158 26.18 15.87 17.53
CA LYS C 158 26.01 14.58 16.88
C LYS C 158 27.34 13.91 16.59
N THR C 159 28.31 14.66 16.07
CA THR C 159 29.61 14.09 15.75
C THR C 159 30.59 14.20 16.91
N GLY C 160 30.53 15.28 17.66
CA GLY C 160 31.40 15.42 18.82
C GLY C 160 31.21 14.33 19.84
N GLY C 161 30.02 13.72 19.88
CA GLY C 161 29.74 12.66 20.82
C GLY C 161 30.80 11.58 20.81
N LEU C 162 31.02 10.97 19.64
CA LEU C 162 32.00 9.88 19.55
C LEU C 162 33.42 10.40 19.38
N PHE C 163 33.60 11.51 18.66
CA PHE C 163 34.90 12.17 18.62
C PHE C 163 35.40 12.45 20.04
N GLY C 164 34.57 13.09 20.85
CA GLY C 164 34.97 13.43 22.20
C GLY C 164 35.10 12.23 23.11
N LEU C 165 34.34 11.17 22.84
CA LEU C 165 34.49 9.96 23.62
C LEU C 165 35.84 9.31 23.36
N ALA C 166 36.19 9.11 22.09
CA ALA C 166 37.47 8.49 21.76
C ALA C 166 38.63 9.33 22.28
N VAL C 167 38.65 10.63 21.95
CA VAL C 167 39.74 11.49 22.39
C VAL C 167 39.70 11.69 23.90
N GLY C 168 38.51 11.90 24.47
CA GLY C 168 38.38 12.10 25.89
C GLY C 168 38.85 10.91 26.72
N LEU C 169 38.50 9.69 26.28
CA LEU C 169 38.96 8.50 26.98
C LEU C 169 40.48 8.39 26.89
N MET C 170 41.04 8.69 25.72
CA MET C 170 42.48 8.68 25.56
C MET C 170 43.18 9.62 26.54
N GLN C 171 42.60 10.81 26.77
CA GLN C 171 43.23 11.79 27.63
C GLN C 171 43.27 11.38 29.10
N LEU C 172 42.35 10.50 29.53
CA LEU C 172 42.41 9.98 30.89
C LEU C 172 43.71 9.23 31.15
N PHE C 173 44.33 8.71 30.09
CA PHE C 173 45.54 7.92 30.19
C PHE C 173 46.72 8.62 29.51
N SER C 174 46.69 9.95 29.46
CA SER C 174 47.65 10.71 28.69
C SER C 174 48.24 11.83 29.52
N ASP C 175 49.52 12.13 29.29
CA ASP C 175 50.11 13.33 29.87
C ASP C 175 49.85 14.56 29.01
N TYR C 176 49.47 14.37 27.76
CA TYR C 176 49.13 15.51 26.90
C TYR C 176 47.79 16.04 27.35
N LYS C 177 47.78 17.27 27.89
CA LYS C 177 46.59 17.83 28.50
C LYS C 177 46.10 19.09 27.80
N GLU C 178 46.56 19.36 26.59
CA GLU C 178 46.13 20.55 25.88
C GLU C 178 44.70 20.38 25.36
N ASP C 179 44.08 21.52 25.04
CA ASP C 179 42.67 21.54 24.67
C ASP C 179 42.53 21.15 23.20
N LEU C 180 41.97 19.96 22.96
CA LEU C 180 41.73 19.49 21.61
C LEU C 180 40.30 19.74 21.13
N LYS C 181 39.41 20.23 22.00
CA LYS C 181 38.01 20.36 21.63
C LYS C 181 37.78 21.33 20.47
N PRO C 182 38.40 22.52 20.41
CA PRO C 182 38.17 23.37 19.24
C PRO C 182 38.51 22.66 17.94
N LEU C 183 39.56 21.84 17.94
CA LEU C 183 39.91 21.08 16.74
C LEU C 183 38.90 19.97 16.48
N LEU C 184 38.47 19.27 17.53
CA LEU C 184 37.43 18.26 17.35
C LEU C 184 36.16 18.87 16.77
N ASN C 185 35.84 20.10 17.19
CA ASN C 185 34.65 20.77 16.66
C ASN C 185 34.76 20.99 15.16
N THR C 186 35.90 21.52 14.71
CA THR C 186 36.12 21.75 13.28
C THR C 186 36.07 20.45 12.50
N LEU C 187 36.76 19.42 12.99
CA LEU C 187 36.75 18.13 12.31
C LEU C 187 35.36 17.53 12.24
N GLY C 188 34.56 17.74 13.29
CA GLY C 188 33.19 17.24 13.26
C GLY C 188 32.36 17.90 12.18
N LEU C 189 32.42 19.24 12.10
CA LEU C 189 31.73 19.96 11.03
C LEU C 189 32.25 19.53 9.67
N PHE C 190 33.57 19.45 9.52
CA PHE C 190 34.17 19.04 8.26
C PHE C 190 33.63 17.69 7.82
N PHE C 191 33.58 16.72 8.74
CA PHE C 191 33.12 15.38 8.40
C PHE C 191 31.65 15.39 7.98
N GLN C 192 30.79 16.09 8.74
CA GLN C 192 29.36 16.04 8.47
C GLN C 192 29.00 16.81 7.20
N ILE C 193 29.54 18.01 7.05
CA ILE C 193 29.22 18.82 5.89
C ILE C 193 29.77 18.19 4.63
N ARG C 194 30.97 17.59 4.70
CA ARG C 194 31.51 16.83 3.58
C ARG C 194 30.59 15.70 3.18
N ASP C 195 30.01 15.01 4.17
CA ASP C 195 29.09 13.91 3.86
C ASP C 195 27.76 14.43 3.33
N ASP C 196 27.28 15.56 3.86
CA ASP C 196 26.12 16.21 3.27
C ASP C 196 26.38 16.54 1.81
N TYR C 197 27.58 17.02 1.51
CA TYR C 197 27.95 17.38 0.15
C TYR C 197 28.02 16.16 -0.74
N ALA C 198 28.74 15.12 -0.30
CA ALA C 198 28.89 13.90 -1.09
C ALA C 198 27.55 13.26 -1.39
N ASN C 199 26.60 13.31 -0.45
CA ASN C 199 25.35 12.58 -0.62
C ASN C 199 24.59 13.06 -1.85
N LEU C 200 24.64 14.35 -2.15
CA LEU C 200 23.91 14.90 -3.28
C LEU C 200 24.78 15.18 -4.50
N HIS C 201 26.10 15.24 -4.32
CA HIS C 201 27.01 15.61 -5.41
C HIS C 201 27.78 14.42 -5.97
N ASN C 208 28.79 5.11 -1.10
CA ASN C 208 28.10 4.92 0.16
C ASN C 208 26.62 4.59 -0.05
N LYS C 209 25.80 5.64 -0.10
CA LYS C 209 24.37 5.53 -0.27
C LYS C 209 23.99 5.56 -1.76
N SER C 210 22.74 5.26 -2.04
CA SER C 210 22.22 5.36 -3.41
C SER C 210 22.09 6.85 -3.77
N PHE C 211 21.45 7.11 -4.90
CA PHE C 211 21.37 8.47 -5.43
C PHE C 211 20.57 9.36 -4.48
N CYS C 212 21.20 10.45 -4.02
CA CYS C 212 20.62 11.42 -3.09
C CYS C 212 19.64 10.81 -2.07
N GLU C 213 20.15 9.87 -1.27
CA GLU C 213 19.33 9.30 -0.21
C GLU C 213 18.87 10.35 0.80
N ASP C 214 19.66 11.41 0.98
CA ASP C 214 19.27 12.48 1.90
C ASP C 214 17.95 13.10 1.50
N LEU C 215 17.70 13.25 0.19
CA LEU C 215 16.42 13.78 -0.24
C LEU C 215 15.28 12.82 0.09
N THR C 216 15.51 11.52 -0.09
CA THR C 216 14.49 10.55 0.29
C THR C 216 14.23 10.59 1.79
N GLU C 217 15.29 10.72 2.59
CA GLU C 217 15.11 10.84 4.02
C GLU C 217 14.32 12.09 4.38
N GLY C 218 14.47 13.14 3.58
CA GLY C 218 13.80 14.40 3.86
C GLY C 218 14.54 15.29 4.85
N LYS C 219 15.77 14.93 5.19
CA LYS C 219 16.53 15.66 6.20
C LYS C 219 16.98 17.00 5.66
N PHE C 220 17.17 17.94 6.58
CA PHE C 220 17.79 19.22 6.24
C PHE C 220 19.29 19.09 6.39
N SER C 221 20.00 19.14 5.27
CA SER C 221 21.44 19.05 5.23
C SER C 221 21.99 20.40 4.77
N PHE C 222 23.31 20.54 4.84
CA PHE C 222 23.92 21.84 4.57
C PHE C 222 23.53 22.43 3.23
N PRO C 223 23.56 21.70 2.10
CA PRO C 223 23.14 22.32 0.84
C PRO C 223 21.67 22.73 0.81
N THR C 224 20.77 21.90 1.32
CA THR C 224 19.36 22.24 1.27
C THR C 224 19.01 23.37 2.24
N ILE C 225 19.67 23.43 3.39
CA ILE C 225 19.46 24.55 4.31
C ILE C 225 19.81 25.86 3.62
N HIS C 226 20.94 25.88 2.90
CA HIS C 226 21.32 27.08 2.18
C HIS C 226 20.28 27.43 1.11
N ALA C 227 19.83 26.43 0.35
CA ALA C 227 18.85 26.70 -0.70
C ALA C 227 17.56 27.25 -0.11
N ILE C 228 17.14 26.73 1.04
CA ILE C 228 15.86 27.15 1.64
C ILE C 228 15.94 28.60 2.10
N TRP C 229 16.97 28.97 2.86
CA TRP C 229 17.03 30.31 3.42
C TRP C 229 17.41 31.36 2.38
N SER C 230 18.23 31.01 1.39
CA SER C 230 18.72 32.00 0.44
C SER C 230 17.71 32.35 -0.64
N ARG C 231 16.67 31.53 -0.82
CA ARG C 231 15.57 31.83 -1.73
C ARG C 231 14.26 31.68 -0.97
N PRO C 232 13.95 32.62 -0.08
CA PRO C 232 12.80 32.46 0.81
C PRO C 232 11.45 32.54 0.10
N GLU C 233 11.39 33.02 -1.13
CA GLU C 233 10.12 33.11 -1.85
C GLU C 233 9.70 31.78 -2.48
N SER C 234 10.51 30.74 -2.33
CA SER C 234 10.18 29.42 -2.84
C SER C 234 10.11 28.41 -1.69
N THR C 235 9.13 27.51 -1.77
CA THR C 235 9.01 26.39 -0.85
C THR C 235 9.25 25.06 -1.56
N GLN C 236 9.93 25.11 -2.70
CA GLN C 236 10.13 23.94 -3.55
C GLN C 236 10.90 22.85 -2.82
N VAL C 237 11.98 23.23 -2.13
CA VAL C 237 12.84 22.25 -1.48
C VAL C 237 12.11 21.61 -0.30
N GLN C 238 11.46 22.43 0.54
CA GLN C 238 10.68 21.88 1.65
C GLN C 238 9.68 20.85 1.14
N ASN C 239 8.97 21.18 0.06
CA ASN C 239 7.97 20.26 -0.47
C ASN C 239 8.61 18.99 -1.02
N ILE C 240 9.74 19.11 -1.73
CA ILE C 240 10.41 17.92 -2.25
C ILE C 240 10.84 17.02 -1.11
N LEU C 241 11.47 17.58 -0.07
CA LEU C 241 11.87 16.79 1.08
C LEU C 241 10.66 16.14 1.76
N ARG C 242 9.54 16.86 1.83
CA ARG C 242 8.34 16.32 2.48
C ARG C 242 7.76 15.13 1.72
N GLN C 243 8.00 15.05 0.41
CA GLN C 243 7.52 13.91 -0.36
C GLN C 243 8.20 12.61 0.05
N ARG C 244 9.37 12.68 0.68
CA ARG C 244 10.14 11.49 1.06
C ARG C 244 10.25 10.53 -0.11
N THR C 245 10.61 11.06 -1.28
CA THR C 245 10.41 10.33 -2.52
C THR C 245 11.67 9.60 -2.98
N GLU C 246 11.44 8.49 -3.65
CA GLU C 246 12.51 7.76 -4.33
C GLU C 246 12.55 8.07 -5.82
N ASN C 247 11.68 8.95 -6.30
CA ASN C 247 11.60 9.26 -7.73
C ASN C 247 12.88 9.95 -8.19
N ILE C 248 13.57 9.35 -9.18
CA ILE C 248 14.86 9.86 -9.64
C ILE C 248 14.70 11.24 -10.29
N ASP C 249 13.58 11.46 -10.98
CA ASP C 249 13.40 12.73 -11.67
C ASP C 249 13.23 13.89 -10.69
N ILE C 250 12.48 13.68 -9.61
CA ILE C 250 12.36 14.71 -8.58
C ILE C 250 13.71 14.98 -7.92
N LYS C 251 14.50 13.93 -7.69
CA LYS C 251 15.81 14.12 -7.07
C LYS C 251 16.74 14.89 -8.01
N LYS C 252 16.76 14.52 -9.29
CA LYS C 252 17.56 15.26 -10.26
C LYS C 252 17.10 16.71 -10.36
N TYR C 253 15.79 16.95 -10.35
CA TYR C 253 15.29 18.31 -10.44
C TYR C 253 15.81 19.18 -9.28
N CYS C 254 15.79 18.63 -8.06
CA CYS C 254 16.13 19.39 -6.87
C CYS C 254 17.64 19.61 -6.75
N VAL C 255 18.45 18.69 -7.29
CA VAL C 255 19.89 18.89 -7.31
C VAL C 255 20.26 20.03 -8.27
N HIS C 256 19.61 20.07 -9.42
CA HIS C 256 19.83 21.16 -10.38
C HIS C 256 19.38 22.49 -9.80
N TYR C 257 18.27 22.50 -9.05
CA TYR C 257 17.86 23.71 -8.35
C TYR C 257 18.94 24.14 -7.35
N LEU C 258 19.42 23.20 -6.54
CA LEU C 258 20.51 23.48 -5.60
C LEU C 258 21.72 24.05 -6.32
N GLU C 259 22.09 23.49 -7.47
CA GLU C 259 23.20 24.02 -8.24
C GLU C 259 22.94 25.46 -8.68
N ASP C 260 21.74 25.71 -9.21
CA ASP C 260 21.45 27.02 -9.80
C ASP C 260 21.37 28.14 -8.77
N VAL C 261 20.97 27.85 -7.53
CA VAL C 261 20.90 28.90 -6.52
C VAL C 261 22.21 28.95 -5.73
N GLY C 262 23.21 28.17 -6.15
CA GLY C 262 24.56 28.29 -5.61
C GLY C 262 24.85 27.53 -4.33
N SER C 263 23.99 26.59 -3.93
CA SER C 263 24.19 25.89 -2.66
C SER C 263 25.43 24.99 -2.67
N PHE C 264 25.77 24.40 -3.81
CA PHE C 264 26.95 23.54 -3.86
C PHE C 264 28.24 24.36 -3.80
N GLU C 265 28.31 25.48 -4.51
CA GLU C 265 29.46 26.37 -4.37
C GLU C 265 29.57 26.87 -2.93
N TYR C 266 28.43 27.21 -2.32
CA TYR C 266 28.44 27.68 -0.95
C TYR C 266 28.92 26.60 0.01
N THR C 267 28.53 25.34 -0.24
CA THR C 267 28.98 24.24 0.61
C THR C 267 30.47 23.99 0.42
N ARG C 268 30.95 24.04 -0.83
CA ARG C 268 32.38 23.89 -1.10
C ARG C 268 33.19 24.97 -0.39
N ASN C 269 32.71 26.21 -0.40
CA ASN C 269 33.42 27.30 0.25
C ASN C 269 33.48 27.09 1.76
N THR C 270 32.36 26.68 2.36
CA THR C 270 32.36 26.35 3.78
C THR C 270 33.39 25.25 4.09
N LEU C 271 33.48 24.22 3.24
CA LEU C 271 34.39 23.11 3.49
C LEU C 271 35.85 23.53 3.42
N LYS C 272 36.19 24.36 2.44
CA LYS C 272 37.58 24.82 2.32
C LYS C 272 37.97 25.73 3.46
N GLU C 273 37.01 26.51 3.97
CA GLU C 273 37.27 27.29 5.18
C GLU C 273 37.54 26.36 6.37
N LEU C 274 36.78 25.27 6.48
CA LEU C 274 36.97 24.33 7.58
C LEU C 274 38.31 23.62 7.46
N GLU C 275 38.68 23.22 6.24
CA GLU C 275 39.99 22.60 6.03
C GLU C 275 41.11 23.54 6.45
N ALA C 276 41.04 24.80 6.02
CA ALA C 276 42.07 25.78 6.39
C ALA C 276 42.12 26.00 7.90
N LYS C 277 40.97 26.09 8.55
CA LYS C 277 40.97 26.25 10.00
C LYS C 277 41.55 25.02 10.67
N ALA C 278 41.21 23.83 10.18
CA ALA C 278 41.80 22.60 10.71
C ALA C 278 43.32 22.66 10.67
N TYR C 279 43.89 23.10 9.54
CA TYR C 279 45.34 23.19 9.43
C TYR C 279 45.92 24.17 10.45
N LYS C 280 45.29 25.33 10.61
CA LYS C 280 45.76 26.31 11.58
C LYS C 280 45.67 25.75 12.99
N GLN C 281 44.57 25.08 13.32
CA GLN C 281 44.41 24.53 14.66
C GLN C 281 45.38 23.39 14.91
N ILE C 282 45.70 22.60 13.89
CA ILE C 282 46.70 21.54 14.06
C ILE C 282 48.09 22.13 14.29
N ASP C 283 48.44 23.18 13.53
CA ASP C 283 49.75 23.81 13.71
C ASP C 283 49.87 24.46 15.07
N ALA C 284 48.76 24.99 15.59
CA ALA C 284 48.77 25.56 16.93
C ALA C 284 49.03 24.51 18.00
N ARG C 285 48.87 23.21 17.68
CA ARG C 285 49.12 22.13 18.62
C ARG C 285 50.44 21.41 18.36
N GLY C 286 51.36 22.07 17.67
CA GLY C 286 52.68 21.52 17.43
C GLY C 286 52.82 20.73 16.15
N GLY C 287 51.78 20.67 15.32
CA GLY C 287 51.83 19.89 14.11
C GLY C 287 51.37 18.46 14.34
N ASN C 288 51.02 17.80 13.24
CA ASN C 288 50.54 16.43 13.24
C ASN C 288 50.49 15.95 11.80
N PRO C 289 51.60 15.44 11.27
CA PRO C 289 51.63 15.04 9.85
C PRO C 289 50.53 14.06 9.46
N GLU C 290 50.21 13.09 10.32
CA GLU C 290 49.19 12.10 9.96
C GLU C 290 47.81 12.73 9.86
N LEU C 291 47.47 13.60 10.80
CA LEU C 291 46.16 14.25 10.78
C LEU C 291 46.04 15.21 9.61
N VAL C 292 47.10 15.97 9.32
CA VAL C 292 47.10 16.86 8.17
C VAL C 292 46.92 16.05 6.89
N ALA C 293 47.65 14.95 6.78
CA ALA C 293 47.55 14.11 5.59
C ALA C 293 46.14 13.53 5.44
N LEU C 294 45.50 13.15 6.55
CA LEU C 294 44.14 12.62 6.50
C LEU C 294 43.15 13.70 6.06
N VAL C 295 43.26 14.90 6.66
CA VAL C 295 42.41 16.02 6.25
C VAL C 295 42.61 16.35 4.78
N LYS C 296 43.87 16.38 4.33
CA LYS C 296 44.15 16.69 2.93
C LYS C 296 43.48 15.69 1.99
N HIS C 297 43.54 14.40 2.32
CA HIS C 297 42.89 13.40 1.49
C HIS C 297 41.38 13.60 1.46
N LEU C 298 40.77 13.85 2.62
CA LEU C 298 39.33 14.06 2.68
C LEU C 298 38.91 15.31 1.92
N SER C 299 39.83 16.25 1.71
CA SER C 299 39.48 17.49 1.03
C SER C 299 39.56 17.37 -0.48
N LYS C 300 40.05 16.25 -1.01
CA LYS C 300 39.95 15.99 -2.44
C LYS C 300 38.50 15.90 -2.89
N MET C 301 37.59 15.57 -1.98
CA MET C 301 36.19 15.35 -2.34
C MET C 301 35.53 16.61 -2.89
N PHE C 302 35.95 17.80 -2.42
CA PHE C 302 35.37 19.05 -2.90
C PHE C 302 36.34 19.93 -3.68
N LYS C 303 37.51 19.45 -4.05
CA LYS C 303 38.49 20.30 -4.72
C LYS C 303 38.64 19.91 -6.20
N THR D 11 17.34 27.86 25.80
CA THR D 11 17.42 27.10 24.56
C THR D 11 17.64 25.62 24.84
N GLN D 12 18.66 25.32 25.66
CA GLN D 12 18.88 23.95 26.09
C GLN D 12 17.65 23.38 26.78
N GLU D 13 17.05 24.16 27.69
CA GLU D 13 15.81 23.75 28.34
C GLU D 13 14.78 23.24 27.34
N THR D 14 14.60 23.96 26.23
CA THR D 14 13.70 23.48 25.19
C THR D 14 14.25 22.30 24.42
N VAL D 15 15.58 22.17 24.29
CA VAL D 15 16.14 20.98 23.68
C VAL D 15 15.78 19.74 24.49
N GLN D 16 15.93 19.83 25.82
CA GLN D 16 15.61 18.70 26.67
C GLN D 16 14.14 18.32 26.57
N ARG D 17 13.26 19.32 26.49
CA ARG D 17 11.84 19.07 26.35
C ARG D 17 11.52 18.41 25.01
N ILE D 18 12.19 18.85 23.94
CA ILE D 18 12.02 18.22 22.64
C ILE D 18 12.41 16.75 22.70
N LEU D 19 13.58 16.44 23.28
CA LEU D 19 14.05 15.07 23.31
C LEU D 19 13.22 14.18 24.23
N LEU D 20 12.61 14.75 25.26
CA LEU D 20 11.94 13.95 26.26
C LEU D 20 10.44 13.82 26.04
N GLU D 21 9.88 14.56 25.07
CA GLU D 21 8.43 14.59 24.90
C GLU D 21 7.82 13.22 24.68
N PRO D 22 8.35 12.34 23.81
CA PRO D 22 7.77 10.99 23.74
C PRO D 22 7.81 10.26 25.06
N TYR D 23 8.88 10.45 25.83
CA TYR D 23 8.97 9.83 27.15
C TYR D 23 7.92 10.39 28.11
N LYS D 24 7.81 11.72 28.18
CA LYS D 24 6.81 12.34 29.04
C LYS D 24 5.40 11.94 28.65
N TYR D 25 5.15 11.73 27.35
CA TYR D 25 3.82 11.28 26.93
C TYR D 25 3.49 9.94 27.58
N LEU D 26 4.44 9.02 27.61
CA LEU D 26 4.18 7.69 28.16
C LEU D 26 3.91 7.73 29.66
N LEU D 27 4.44 8.74 30.37
CA LEU D 27 4.21 8.82 31.81
C LEU D 27 2.74 9.01 32.16
N GLN D 28 1.90 9.41 31.19
CA GLN D 28 0.46 9.53 31.40
C GLN D 28 -0.23 8.20 31.58
N LEU D 29 0.41 7.12 31.26
CA LEU D 29 -0.24 5.83 31.14
C LEU D 29 -0.28 5.12 32.50
N PRO D 30 -1.33 4.33 32.71
CA PRO D 30 -1.48 3.57 33.95
C PRO D 30 -0.40 2.50 34.09
N GLY D 31 -0.17 2.02 35.31
CA GLY D 31 0.86 1.04 35.58
C GLY D 31 2.00 1.56 36.45
N LYS D 32 1.95 2.83 36.82
CA LYS D 32 2.94 3.41 37.71
C LYS D 32 2.75 2.79 39.10
N GLN D 33 1.49 2.58 39.46
CA GLN D 33 1.11 2.03 40.75
C GLN D 33 1.64 0.62 41.01
N VAL D 34 1.62 -0.23 39.99
CA VAL D 34 2.12 -1.59 40.17
C VAL D 34 3.59 -1.57 40.52
N ARG D 35 4.36 -0.71 39.88
CA ARG D 35 5.79 -0.60 40.16
C ARG D 35 6.01 -0.02 41.55
N THR D 36 5.19 0.95 41.94
CA THR D 36 5.23 1.49 43.29
C THR D 36 4.88 0.42 44.31
N LYS D 37 3.82 -0.35 44.06
CA LYS D 37 3.43 -1.41 44.98
C LYS D 37 4.52 -2.47 45.09
N LEU D 38 5.21 -2.76 43.98
CA LEU D 38 6.32 -3.71 44.03
C LEU D 38 7.50 -3.15 44.79
N SER D 39 7.83 -1.87 44.58
CA SER D 39 8.89 -1.25 45.36
C SER D 39 8.63 -1.37 46.86
N GLN D 40 7.44 -0.95 47.32
CA GLN D 40 7.14 -0.99 48.75
C GLN D 40 7.14 -2.42 49.29
N ALA D 41 6.58 -3.37 48.53
CA ALA D 41 6.51 -4.75 49.02
C ALA D 41 7.90 -5.32 49.24
N PHE D 42 8.82 -5.10 48.29
CA PHE D 42 10.17 -5.60 48.48
C PHE D 42 10.93 -4.79 49.53
N ASN D 43 10.58 -3.52 49.70
CA ASN D 43 11.20 -2.72 50.75
C ASN D 43 10.79 -3.20 52.14
N HIS D 44 9.70 -3.97 52.25
CA HIS D 44 9.35 -4.61 53.51
C HIS D 44 10.49 -5.46 54.04
N TRP D 45 11.20 -6.16 53.15
CA TRP D 45 12.39 -6.91 53.52
C TRP D 45 13.64 -6.04 53.51
N LEU D 46 13.80 -5.20 52.49
CA LEU D 46 15.11 -4.61 52.22
C LEU D 46 15.37 -3.34 53.02
N LYS D 47 14.33 -2.58 53.37
CA LYS D 47 14.44 -1.43 54.27
C LYS D 47 15.59 -0.51 53.84
N VAL D 48 15.48 -0.05 52.60
CA VAL D 48 16.50 0.77 51.95
C VAL D 48 16.45 2.19 52.48
N PRO D 49 17.58 2.84 52.76
CA PRO D 49 17.54 4.25 53.14
C PRO D 49 16.81 5.08 52.09
N GLU D 50 16.02 6.04 52.58
CA GLU D 50 15.06 6.74 51.73
C GLU D 50 15.75 7.46 50.58
N ASP D 51 16.93 8.02 50.82
CA ASP D 51 17.62 8.75 49.76
C ASP D 51 18.02 7.83 48.61
N LYS D 52 18.55 6.65 48.94
CA LYS D 52 18.90 5.69 47.90
C LYS D 52 17.65 5.13 47.20
N LEU D 53 16.61 4.82 47.99
CA LEU D 53 15.39 4.24 47.44
C LEU D 53 14.75 5.14 46.40
N GLN D 54 14.70 6.45 46.66
CA GLN D 54 14.08 7.37 45.71
C GLN D 54 14.83 7.40 44.39
N ILE D 55 16.17 7.39 44.45
CA ILE D 55 16.97 7.35 43.22
C ILE D 55 16.71 6.04 42.47
N ILE D 56 16.65 4.93 43.20
CA ILE D 56 16.44 3.62 42.56
C ILE D 56 15.09 3.56 41.87
N ILE D 57 14.05 4.09 42.52
CA ILE D 57 12.72 4.14 41.92
C ILE D 57 12.76 4.96 40.64
N GLU D 58 13.47 6.09 40.66
CA GLU D 58 13.56 6.92 39.46
C GLU D 58 14.27 6.18 38.33
N VAL D 59 15.42 5.58 38.64
CA VAL D 59 16.13 4.77 37.65
C VAL D 59 15.23 3.69 37.09
N THR D 60 14.47 3.01 37.97
CA THR D 60 13.62 1.92 37.54
C THR D 60 12.53 2.41 36.60
N GLU D 61 11.92 3.55 36.91
CA GLU D 61 10.88 4.09 36.05
C GLU D 61 11.44 4.53 34.71
N MET D 62 12.60 5.18 34.72
CA MET D 62 13.25 5.60 33.47
C MET D 62 13.53 4.41 32.55
N LEU D 63 14.22 3.40 33.06
CA LEU D 63 14.63 2.27 32.23
C LEU D 63 13.44 1.43 31.78
N HIS D 64 12.46 1.21 32.66
CA HIS D 64 11.29 0.43 32.29
C HIS D 64 10.52 1.10 31.17
N ASN D 65 10.18 2.38 31.35
CA ASN D 65 9.40 3.09 30.34
C ASN D 65 10.14 3.20 29.01
N ALA D 66 11.45 3.49 29.07
CA ALA D 66 12.24 3.54 27.84
C ALA D 66 12.20 2.21 27.12
N SER D 67 12.30 1.11 27.86
CA SER D 67 12.25 -0.20 27.23
C SER D 67 10.87 -0.49 26.66
N LEU D 68 9.81 0.07 27.27
CA LEU D 68 8.47 -0.10 26.72
C LEU D 68 8.30 0.68 25.41
N LEU D 69 8.85 1.91 25.36
CA LEU D 69 8.84 2.68 24.13
C LEU D 69 9.46 1.90 22.98
N ILE D 70 10.63 1.32 23.24
CA ILE D 70 11.31 0.52 22.22
C ILE D 70 10.53 -0.74 21.91
N ASP D 71 10.02 -1.40 22.94
CA ASP D 71 9.29 -2.66 22.74
C ASP D 71 8.08 -2.47 21.84
N ASP D 72 7.38 -1.34 21.97
CA ASP D 72 6.21 -1.10 21.13
C ASP D 72 6.58 -0.90 19.66
N ILE D 73 7.75 -0.32 19.39
CA ILE D 73 8.24 -0.24 18.01
C ILE D 73 8.59 -1.63 17.50
N GLU D 74 9.32 -2.42 18.30
CA GLU D 74 9.71 -3.76 17.87
C GLU D 74 8.51 -4.65 17.62
N ASP D 75 7.38 -4.38 18.29
CA ASP D 75 6.21 -5.26 18.25
C ASP D 75 5.06 -4.72 17.42
N ASN D 76 5.21 -3.55 16.79
CA ASN D 76 4.17 -2.99 15.92
C ASN D 76 2.83 -2.86 16.66
N SER D 77 2.90 -2.55 17.96
CA SER D 77 1.71 -2.43 18.77
C SER D 77 0.97 -1.12 18.48
N LYS D 78 -0.34 -1.12 18.74
CA LYS D 78 -1.17 0.06 18.54
C LYS D 78 -1.52 0.78 19.83
N LEU D 79 -1.86 0.03 20.87
CA LEU D 79 -2.22 0.59 22.17
C LEU D 79 -1.31 0.04 23.26
N ARG D 80 -1.10 0.85 24.29
CA ARG D 80 -0.51 0.38 25.54
C ARG D 80 -1.31 0.97 26.70
N ARG D 81 -1.84 0.09 27.55
CA ARG D 81 -2.63 0.51 28.71
C ARG D 81 -3.76 1.46 28.29
N GLY D 82 -4.33 1.21 27.12
CA GLY D 82 -5.44 1.97 26.60
C GLY D 82 -5.08 3.27 25.90
N PHE D 83 -3.79 3.63 25.81
CA PHE D 83 -3.34 4.83 25.13
C PHE D 83 -2.65 4.47 23.82
N PRO D 84 -2.70 5.34 22.81
CA PRO D 84 -1.88 5.11 21.61
C PRO D 84 -0.41 4.97 21.99
N VAL D 85 0.26 4.01 21.32
CA VAL D 85 1.70 3.88 21.51
C VAL D 85 2.37 5.18 21.10
N ALA D 86 3.51 5.49 21.74
CA ALA D 86 4.14 6.79 21.55
C ALA D 86 4.56 7.01 20.09
N HIS D 87 5.07 5.96 19.42
CA HIS D 87 5.58 6.18 18.07
C HIS D 87 4.46 6.39 17.07
N SER D 88 3.21 6.04 17.42
CA SER D 88 2.07 6.34 16.58
C SER D 88 1.69 7.81 16.63
N ILE D 89 2.23 8.58 17.57
CA ILE D 89 2.04 10.02 17.63
C ILE D 89 3.26 10.77 17.11
N TYR D 90 4.43 10.47 17.68
CA TYR D 90 5.65 11.23 17.41
C TYR D 90 6.50 10.64 16.29
N GLY D 91 6.17 9.44 15.83
CA GLY D 91 6.98 8.81 14.81
C GLY D 91 8.00 7.86 15.41
N ILE D 92 8.34 6.82 14.63
CA ILE D 92 9.33 5.84 15.09
C ILE D 92 10.70 6.46 15.29
N PRO D 93 11.25 7.25 14.35
CA PRO D 93 12.60 7.82 14.60
C PRO D 93 12.69 8.66 15.86
N SER D 94 11.71 9.55 16.09
CA SER D 94 11.72 10.38 17.30
C SER D 94 11.71 9.51 18.55
N VAL D 95 10.90 8.45 18.57
CA VAL D 95 10.71 7.67 19.79
C VAL D 95 11.93 6.78 20.07
N ILE D 96 12.55 6.22 19.02
CA ILE D 96 13.80 5.47 19.20
C ILE D 96 14.85 6.33 19.90
N ASN D 97 15.14 7.50 19.34
CA ASN D 97 16.19 8.32 19.90
C ASN D 97 15.85 8.76 21.32
N SER D 98 14.57 9.08 21.55
CA SER D 98 14.16 9.56 22.86
C SER D 98 14.28 8.46 23.91
N ALA D 99 13.84 7.25 23.57
CA ALA D 99 13.99 6.12 24.49
C ALA D 99 15.46 5.85 24.79
N ASN D 100 16.30 5.83 23.75
CA ASN D 100 17.73 5.56 23.95
C ASN D 100 18.39 6.65 24.76
N TYR D 101 18.01 7.91 24.53
CA TYR D 101 18.44 9.01 25.38
C TYR D 101 18.12 8.75 26.84
N VAL D 102 16.92 8.25 27.11
CA VAL D 102 16.50 8.01 28.49
C VAL D 102 17.31 6.88 29.10
N TYR D 103 17.69 5.88 28.30
CA TYR D 103 18.61 4.85 28.79
C TYR D 103 19.84 5.46 29.45
N PHE D 104 20.46 6.42 28.77
CA PHE D 104 21.72 6.97 29.26
C PHE D 104 21.50 8.04 30.32
N LEU D 105 20.33 8.69 30.30
CA LEU D 105 19.93 9.48 31.47
C LEU D 105 19.72 8.58 32.68
N GLY D 106 19.22 7.36 32.44
CA GLY D 106 19.09 6.40 33.53
C GLY D 106 20.45 5.96 34.04
N LEU D 107 21.40 5.72 33.14
CA LEU D 107 22.78 5.45 33.55
C LEU D 107 23.35 6.62 34.34
N GLU D 108 23.14 7.85 33.86
CA GLU D 108 23.63 9.01 34.58
C GLU D 108 23.09 9.06 36.01
N LYS D 109 21.81 8.75 36.19
CA LYS D 109 21.23 8.78 37.53
C LYS D 109 21.76 7.65 38.40
N VAL D 110 22.03 6.48 37.81
CA VAL D 110 22.57 5.36 38.59
C VAL D 110 23.91 5.72 39.20
N LEU D 111 24.71 6.53 38.50
CA LEU D 111 25.99 6.97 39.05
C LEU D 111 25.82 7.76 40.34
N THR D 112 24.70 8.49 40.51
CA THR D 112 24.51 9.27 41.73
C THR D 112 24.30 8.40 42.97
N LEU D 113 24.05 7.09 42.80
CA LEU D 113 24.02 6.20 43.94
C LEU D 113 25.36 6.12 44.66
N ASP D 114 26.45 6.52 43.99
CA ASP D 114 27.78 6.56 44.58
C ASP D 114 28.14 5.24 45.23
N HIS D 115 27.99 4.15 44.49
CA HIS D 115 28.42 2.83 44.93
C HIS D 115 29.14 2.16 43.78
N GLN D 116 30.31 1.59 44.07
CA GLN D 116 31.17 1.02 43.04
C GLN D 116 30.47 -0.05 42.22
N ASP D 117 29.48 -0.74 42.78
CA ASP D 117 28.83 -1.85 42.08
C ASP D 117 27.53 -1.46 41.41
N ALA D 118 27.08 -0.21 41.57
CA ALA D 118 25.81 0.16 40.96
C ALA D 118 25.89 0.08 39.44
N VAL D 119 26.99 0.57 38.85
CA VAL D 119 27.13 0.56 37.40
C VAL D 119 27.31 -0.86 36.88
N LYS D 120 28.04 -1.70 37.64
CA LYS D 120 28.21 -3.10 37.24
C LYS D 120 26.87 -3.82 37.21
N LEU D 121 26.01 -3.55 38.18
CA LEU D 121 24.68 -4.16 38.22
C LEU D 121 23.81 -3.63 37.09
N PHE D 122 23.86 -2.31 36.85
CA PHE D 122 23.15 -1.71 35.73
C PHE D 122 23.51 -2.38 34.41
N THR D 123 24.81 -2.48 34.13
CA THR D 123 25.27 -3.07 32.88
C THR D 123 24.83 -4.52 32.76
N ARG D 124 25.02 -5.31 33.81
CA ARG D 124 24.65 -6.73 33.76
C ARG D 124 23.17 -6.91 33.46
N GLN D 125 22.31 -6.11 34.10
CA GLN D 125 20.86 -6.33 33.96
C GLN D 125 20.35 -5.87 32.61
N LEU D 126 20.91 -4.78 32.07
CA LEU D 126 20.48 -4.34 30.75
C LEU D 126 20.96 -5.31 29.66
N LEU D 127 22.11 -5.94 29.86
CA LEU D 127 22.52 -7.01 28.96
C LEU D 127 21.54 -8.17 29.06
N GLU D 128 21.05 -8.44 30.29
CA GLU D 128 20.10 -9.53 30.50
C GLU D 128 18.82 -9.27 29.74
N LEU D 129 18.30 -8.06 29.90
CA LEU D 129 17.07 -7.66 29.24
C LEU D 129 17.17 -7.80 27.72
N HIS D 130 18.29 -7.38 27.14
CA HIS D 130 18.41 -7.39 25.70
C HIS D 130 18.59 -8.80 25.15
N GLN D 131 19.11 -9.72 25.96
CA GLN D 131 19.16 -11.11 25.54
C GLN D 131 17.77 -11.71 25.50
N GLY D 132 16.94 -11.43 26.51
CA GLY D 132 15.57 -11.90 26.48
C GLY D 132 14.79 -11.33 25.32
N GLN D 133 14.84 -10.01 25.14
CA GLN D 133 14.14 -9.36 24.04
C GLN D 133 14.60 -9.90 22.69
N GLY D 134 15.91 -10.07 22.52
CA GLY D 134 16.42 -10.54 21.24
C GLY D 134 15.92 -11.91 20.87
N LEU D 135 15.80 -12.81 21.85
CA LEU D 135 15.25 -14.14 21.58
C LEU D 135 13.78 -14.07 21.23
N ASP D 136 13.00 -13.29 21.98
CA ASP D 136 11.59 -13.09 21.67
C ASP D 136 11.40 -12.61 20.24
N ILE D 137 12.22 -11.64 19.81
CA ILE D 137 12.11 -11.09 18.47
C ILE D 137 12.62 -12.11 17.44
N TYR D 138 13.73 -12.78 17.74
CA TYR D 138 14.32 -13.74 16.81
C TYR D 138 13.33 -14.85 16.46
N TRP D 139 12.73 -15.49 17.46
CA TRP D 139 11.79 -16.58 17.19
C TRP D 139 10.60 -16.09 16.37
N ARG D 140 10.04 -14.93 16.75
CA ARG D 140 8.86 -14.42 16.07
C ARG D 140 9.16 -14.10 14.61
N ASP D 141 10.26 -13.41 14.36
CA ASP D 141 10.56 -12.90 13.02
C ASP D 141 11.34 -13.87 12.16
N ASN D 142 11.84 -14.97 12.71
CA ASN D 142 12.41 -16.06 11.93
C ASN D 142 11.50 -17.29 11.90
N TYR D 143 10.27 -17.18 12.42
CA TYR D 143 9.24 -18.21 12.32
C TYR D 143 9.73 -19.55 12.84
N THR D 144 10.28 -19.53 14.06
CA THR D 144 10.70 -20.71 14.77
C THR D 144 10.07 -20.66 16.16
N CYS D 145 9.05 -21.48 16.38
CA CYS D 145 8.34 -21.41 17.66
C CYS D 145 9.22 -22.03 18.75
N PRO D 146 9.36 -21.39 19.90
CA PRO D 146 10.17 -21.97 20.96
C PRO D 146 9.42 -23.11 21.65
N THR D 147 10.20 -24.00 22.25
CA THR D 147 9.60 -24.92 23.21
C THR D 147 9.14 -24.14 24.44
N GLU D 148 8.28 -24.78 25.24
CA GLU D 148 7.84 -24.13 26.47
C GLU D 148 9.02 -23.81 27.38
N GLU D 149 9.99 -24.73 27.48
CA GLU D 149 11.14 -24.48 28.35
C GLU D 149 11.98 -23.32 27.84
N GLU D 150 12.24 -23.28 26.52
CA GLU D 150 12.98 -22.17 25.94
C GLU D 150 12.26 -20.84 26.17
N TYR D 151 10.93 -20.84 26.03
CA TYR D 151 10.15 -19.63 26.27
C TYR D 151 10.32 -19.14 27.70
N LYS D 152 10.21 -20.05 28.67
CA LYS D 152 10.33 -19.64 30.06
C LYS D 152 11.71 -19.08 30.34
N ALA D 153 12.75 -19.74 29.84
CA ALA D 153 14.11 -19.24 30.04
C ALA D 153 14.28 -17.85 29.44
N MET D 154 13.68 -17.61 28.27
CA MET D 154 13.79 -16.28 27.68
C MET D 154 13.05 -15.26 28.53
N VAL D 155 11.90 -15.64 29.09
CA VAL D 155 11.12 -14.74 29.92
C VAL D 155 11.88 -14.37 31.19
N LEU D 156 12.66 -15.31 31.75
CA LEU D 156 13.44 -14.99 32.94
C LEU D 156 14.45 -13.88 32.66
N GLN D 157 15.03 -13.86 31.47
CA GLN D 157 15.96 -12.78 31.11
C GLN D 157 15.22 -11.48 30.86
N LYS D 158 14.14 -11.54 30.07
CA LYS D 158 13.44 -10.33 29.66
C LYS D 158 12.87 -9.59 30.87
N THR D 159 12.27 -10.32 31.81
CA THR D 159 11.66 -9.70 32.98
C THR D 159 12.66 -9.57 34.13
N GLY D 160 13.56 -10.54 34.28
CA GLY D 160 14.57 -10.44 35.30
C GLY D 160 15.48 -9.24 35.10
N GLY D 161 15.59 -8.75 33.86
CA GLY D 161 16.43 -7.59 33.62
C GLY D 161 16.12 -6.45 34.56
N LEU D 162 14.89 -5.94 34.52
CA LEU D 162 14.55 -4.80 35.37
C LEU D 162 14.14 -5.22 36.78
N PHE D 163 13.48 -6.38 36.92
CA PHE D 163 13.26 -6.94 38.25
C PHE D 163 14.56 -7.05 39.04
N GLY D 164 15.57 -7.66 38.44
CA GLY D 164 16.85 -7.85 39.13
C GLY D 164 17.62 -6.57 39.33
N LEU D 165 17.44 -5.59 38.45
CA LEU D 165 18.12 -4.31 38.63
C LEU D 165 17.56 -3.56 39.83
N ALA D 166 16.23 -3.44 39.91
CA ALA D 166 15.62 -2.74 41.04
C ALA D 166 15.99 -3.41 42.35
N VAL D 167 15.78 -4.72 42.44
CA VAL D 167 16.05 -5.43 43.69
C VAL D 167 17.54 -5.45 43.98
N GLY D 168 18.36 -5.70 42.96
CA GLY D 168 19.80 -5.73 43.18
C GLY D 168 20.34 -4.39 43.68
N LEU D 169 19.85 -3.28 43.12
CA LEU D 169 20.29 -1.97 43.60
C LEU D 169 19.84 -1.74 45.05
N MET D 170 18.60 -2.10 45.37
CA MET D 170 18.11 -1.98 46.73
C MET D 170 18.97 -2.79 47.70
N GLN D 171 19.37 -4.01 47.32
CA GLN D 171 20.12 -4.87 48.21
C GLN D 171 21.53 -4.33 48.47
N LEU D 172 22.07 -3.49 47.58
CA LEU D 172 23.37 -2.87 47.84
C LEU D 172 23.36 -2.02 49.10
N PHE D 173 22.20 -1.49 49.49
CA PHE D 173 22.11 -0.59 50.63
C PHE D 173 21.26 -1.19 51.74
N SER D 174 21.22 -2.51 51.84
CA SER D 174 20.29 -3.20 52.72
C SER D 174 21.03 -4.20 53.61
N ASP D 175 20.50 -4.40 54.81
CA ASP D 175 20.98 -5.49 55.66
C ASP D 175 20.37 -6.83 55.30
N TYR D 176 19.26 -6.84 54.56
CA TYR D 176 18.62 -8.10 54.16
C TYR D 176 19.41 -8.70 53.00
N LYS D 177 20.04 -9.85 53.23
CA LYS D 177 20.95 -10.44 52.26
C LYS D 177 20.47 -11.81 51.78
N GLU D 178 19.21 -12.15 52.01
CA GLU D 178 18.72 -13.44 51.55
C GLU D 178 18.53 -13.43 50.04
N ASP D 179 18.46 -14.63 49.46
CA ASP D 179 18.44 -14.78 48.01
C ASP D 179 17.01 -14.59 47.53
N LEU D 180 16.75 -13.47 46.85
CA LEU D 180 15.43 -13.16 46.32
C LEU D 180 15.28 -13.58 44.87
N LYS D 181 16.34 -14.12 44.26
CA LYS D 181 16.27 -14.47 42.84
C LYS D 181 15.22 -15.53 42.53
N PRO D 182 15.08 -16.63 43.30
CA PRO D 182 14.01 -17.59 42.96
C PRO D 182 12.63 -16.96 42.93
N LEU D 183 12.35 -16.03 43.83
CA LEU D 183 11.06 -15.36 43.83
C LEU D 183 10.93 -14.41 42.66
N LEU D 184 12.00 -13.67 42.34
CA LEU D 184 11.99 -12.80 41.17
C LEU D 184 11.72 -13.60 39.90
N ASN D 185 12.29 -14.80 39.80
CA ASN D 185 12.04 -15.64 38.62
C ASN D 185 10.57 -16.01 38.52
N THR D 186 9.97 -16.45 39.64
CA THR D 186 8.56 -16.81 39.63
C THR D 186 7.67 -15.63 39.27
N LEU D 187 7.94 -14.47 39.89
CA LEU D 187 7.14 -13.28 39.59
C LEU D 187 7.31 -12.86 38.13
N GLY D 188 8.51 -13.00 37.59
CA GLY D 188 8.74 -12.67 36.19
C GLY D 188 7.92 -13.55 35.26
N LEU D 189 7.95 -14.87 35.50
CA LEU D 189 7.10 -15.79 34.76
C LEU D 189 5.63 -15.44 34.93
N PHE D 190 5.24 -15.16 36.18
CA PHE D 190 3.85 -14.84 36.50
C PHE D 190 3.38 -13.61 35.71
N PHE D 191 4.16 -12.54 35.72
CA PHE D 191 3.73 -11.31 35.04
C PHE D 191 3.58 -11.52 33.54
N GLN D 192 4.53 -12.22 32.92
CA GLN D 192 4.54 -12.34 31.46
C GLN D 192 3.42 -13.26 30.97
N ILE D 193 3.25 -14.41 31.62
CA ILE D 193 2.23 -15.34 31.20
C ILE D 193 0.83 -14.79 31.50
N ARG D 194 0.67 -14.11 32.63
CA ARG D 194 -0.58 -13.40 32.88
C ARG D 194 -0.85 -12.38 31.77
N ASP D 195 0.20 -11.74 31.26
CA ASP D 195 0.02 -10.85 30.10
C ASP D 195 -0.39 -11.59 28.86
N ASP D 196 0.32 -12.66 28.59
CA ASP D 196 0.02 -13.45 27.41
C ASP D 196 -1.43 -13.87 27.43
N TYR D 197 -1.92 -14.26 28.61
CA TYR D 197 -3.29 -14.70 28.76
C TYR D 197 -4.27 -13.56 28.55
N ALA D 198 -4.04 -12.44 29.24
CA ALA D 198 -4.92 -11.28 29.13
C ALA D 198 -5.02 -10.77 27.69
N ASN D 199 -3.92 -10.82 26.94
CA ASN D 199 -3.90 -10.26 25.59
C ASN D 199 -4.89 -10.98 24.68
N LEU D 200 -5.04 -12.29 24.86
CA LEU D 200 -5.90 -13.09 24.00
C LEU D 200 -7.24 -13.45 24.62
N HIS D 201 -7.41 -13.32 25.94
CA HIS D 201 -8.63 -13.78 26.57
C HIS D 201 -9.59 -12.64 26.92
N SER D 202 -9.13 -11.40 26.95
CA SER D 202 -10.03 -10.27 27.11
C SER D 202 -10.46 -9.77 25.73
N ASN D 208 -2.88 -3.14 28.67
CA ASN D 208 -4.23 -3.03 28.11
C ASN D 208 -4.16 -2.65 26.64
N LYS D 209 -3.98 -3.65 25.80
CA LYS D 209 -3.89 -3.49 24.36
C LYS D 209 -5.28 -3.65 23.74
N SER D 210 -5.38 -3.35 22.45
CA SER D 210 -6.62 -3.60 21.74
C SER D 210 -6.78 -5.11 21.52
N PHE D 211 -7.77 -5.49 20.71
CA PHE D 211 -8.15 -6.89 20.60
C PHE D 211 -7.02 -7.74 20.00
N CYS D 212 -6.61 -8.77 20.74
CA CYS D 212 -5.53 -9.71 20.39
C CYS D 212 -4.39 -9.12 19.59
N GLU D 213 -3.73 -8.08 20.11
CA GLU D 213 -2.60 -7.50 19.41
C GLU D 213 -1.45 -8.49 19.28
N ASP D 214 -1.30 -9.41 20.24
CA ASP D 214 -0.22 -10.41 20.13
C ASP D 214 -0.35 -11.21 18.83
N LEU D 215 -1.58 -11.49 18.39
CA LEU D 215 -1.74 -12.20 17.12
C LEU D 215 -1.28 -11.33 15.94
N THR D 216 -1.63 -10.03 15.97
CA THR D 216 -1.17 -9.12 14.93
C THR D 216 0.35 -9.03 14.92
N GLU D 217 0.96 -9.00 16.11
CA GLU D 217 2.42 -8.98 16.23
C GLU D 217 3.05 -10.24 15.65
N GLY D 218 2.36 -11.37 15.74
CA GLY D 218 2.90 -12.63 15.30
C GLY D 218 3.79 -13.32 16.30
N LYS D 219 3.83 -12.85 17.55
CA LYS D 219 4.74 -13.41 18.52
C LYS D 219 4.27 -14.77 18.98
N PHE D 220 5.22 -15.59 19.43
CA PHE D 220 4.90 -16.85 20.09
C PHE D 220 4.75 -16.56 21.58
N SER D 221 3.53 -16.70 22.09
CA SER D 221 3.23 -16.48 23.49
C SER D 221 2.75 -17.79 24.11
N PHE D 222 2.59 -17.79 25.43
CA PHE D 222 2.31 -19.04 26.14
C PHE D 222 1.11 -19.80 25.59
N PRO D 223 -0.05 -19.20 25.34
CA PRO D 223 -1.15 -19.98 24.76
C PRO D 223 -0.86 -20.52 23.37
N THR D 224 -0.26 -19.70 22.49
CA THR D 224 -0.04 -20.17 21.12
C THR D 224 1.07 -21.22 21.05
N ILE D 225 2.09 -21.10 21.91
CA ILE D 225 3.12 -22.13 22.01
C ILE D 225 2.49 -23.46 22.38
N HIS D 226 1.54 -23.45 23.31
CA HIS D 226 0.86 -24.68 23.70
C HIS D 226 0.08 -25.28 22.53
N ALA D 227 -0.69 -24.46 21.82
CA ALA D 227 -1.49 -24.96 20.69
C ALA D 227 -0.61 -25.52 19.58
N ILE D 228 0.54 -24.91 19.33
CA ILE D 228 1.41 -25.35 18.24
C ILE D 228 1.97 -26.73 18.56
N TRP D 229 2.50 -26.92 19.76
CA TRP D 229 3.12 -28.20 20.10
C TRP D 229 2.08 -29.28 20.38
N SER D 230 0.92 -28.92 20.92
CA SER D 230 -0.04 -29.94 21.34
C SER D 230 -0.85 -30.51 20.17
N ARG D 231 -0.86 -29.83 19.03
CA ARG D 231 -1.48 -30.34 17.79
C ARG D 231 -0.46 -30.20 16.67
N PRO D 232 0.56 -31.07 16.64
CA PRO D 232 1.63 -30.91 15.66
C PRO D 232 1.22 -31.18 14.22
N GLU D 233 0.05 -31.77 13.98
CA GLU D 233 -0.42 -32.03 12.63
C GLU D 233 -1.09 -30.81 12.01
N SER D 234 -1.19 -29.70 12.74
CA SER D 234 -1.77 -28.48 12.24
C SER D 234 -0.73 -27.37 12.19
N THR D 235 -0.79 -26.57 11.13
CA THR D 235 0.04 -25.38 11.00
C THR D 235 -0.81 -24.11 11.04
N GLN D 236 -2.03 -24.24 11.57
CA GLN D 236 -3.00 -23.16 11.55
C GLN D 236 -2.50 -21.94 12.32
N VAL D 237 -1.97 -22.17 13.53
CA VAL D 237 -1.55 -21.06 14.39
C VAL D 237 -0.33 -20.36 13.80
N GLN D 238 0.67 -21.15 13.37
CA GLN D 238 1.85 -20.59 12.73
C GLN D 238 1.47 -19.73 11.52
N ASN D 239 0.52 -20.21 10.71
CA ASN D 239 0.13 -19.45 9.52
C ASN D 239 -0.62 -18.18 9.91
N ILE D 240 -1.52 -18.26 10.90
CA ILE D 240 -2.25 -17.08 11.35
C ILE D 240 -1.27 -16.03 11.88
N LEU D 241 -0.33 -16.45 12.72
CA LEU D 241 0.69 -15.53 13.22
C LEU D 241 1.48 -14.91 12.09
N ARG D 242 1.78 -15.72 11.05
CA ARG D 242 2.57 -15.22 9.94
C ARG D 242 1.85 -14.13 9.16
N GLN D 243 0.50 -14.16 9.17
CA GLN D 243 -0.27 -13.14 8.46
C GLN D 243 -0.10 -11.76 9.06
N ARG D 244 0.33 -11.65 10.32
CA ARG D 244 0.49 -10.36 10.99
C ARG D 244 -0.78 -9.52 10.80
N THR D 245 -1.93 -10.14 11.03
CA THR D 245 -3.18 -9.59 10.54
C THR D 245 -3.90 -8.77 11.61
N GLU D 246 -4.61 -7.76 11.15
CA GLU D 246 -5.55 -7.01 11.98
C GLU D 246 -6.98 -7.49 11.79
N ASN D 247 -7.19 -8.50 10.93
CA ASN D 247 -8.54 -8.96 10.63
C ASN D 247 -9.16 -9.57 11.88
N ILE D 248 -10.27 -8.99 12.32
CA ILE D 248 -10.90 -9.39 13.57
C ILE D 248 -11.46 -10.81 13.47
N ASP D 249 -11.96 -11.20 12.31
CA ASP D 249 -12.54 -12.54 12.19
C ASP D 249 -11.47 -13.62 12.29
N ILE D 250 -10.29 -13.38 11.69
CA ILE D 250 -9.19 -14.32 11.83
C ILE D 250 -8.74 -14.41 13.28
N LYS D 251 -8.75 -13.28 14.01
CA LYS D 251 -8.34 -13.31 15.41
C LYS D 251 -9.32 -14.11 16.24
N LYS D 252 -10.61 -13.85 16.02
CA LYS D 252 -11.68 -14.58 16.68
C LYS D 252 -11.55 -16.07 16.38
N TYR D 253 -11.29 -16.41 15.12
CA TYR D 253 -11.07 -17.81 14.76
C TYR D 253 -9.91 -18.40 15.53
N CYS D 254 -8.81 -17.66 15.66
CA CYS D 254 -7.65 -18.24 16.30
C CYS D 254 -7.86 -18.36 17.80
N VAL D 255 -8.64 -17.45 18.38
CA VAL D 255 -9.00 -17.57 19.80
C VAL D 255 -9.91 -18.77 20.03
N HIS D 256 -10.86 -19.01 19.11
CA HIS D 256 -11.70 -20.19 19.21
C HIS D 256 -10.87 -21.46 19.14
N TYR D 257 -9.89 -21.50 18.24
CA TYR D 257 -9.01 -22.66 18.12
C TYR D 257 -8.24 -22.90 19.41
N LEU D 258 -7.62 -21.85 19.95
CA LEU D 258 -6.89 -21.96 21.21
C LEU D 258 -7.78 -22.51 22.32
N GLU D 259 -9.02 -22.03 22.39
CA GLU D 259 -9.96 -22.54 23.40
C GLU D 259 -10.23 -24.03 23.19
N ASP D 260 -10.47 -24.43 21.95
CA ASP D 260 -10.91 -25.79 21.67
C ASP D 260 -9.83 -26.81 21.97
N VAL D 261 -8.56 -26.44 21.80
CA VAL D 261 -7.45 -27.37 22.03
C VAL D 261 -6.94 -27.24 23.47
N GLY D 262 -7.63 -26.44 24.28
CA GLY D 262 -7.32 -26.38 25.69
C GLY D 262 -6.17 -25.46 26.07
N SER D 263 -5.75 -24.56 25.18
CA SER D 263 -4.60 -23.71 25.48
C SER D 263 -4.88 -22.72 26.62
N PHE D 264 -6.11 -22.22 26.71
CA PHE D 264 -6.43 -21.27 27.77
C PHE D 264 -6.51 -21.97 29.12
N GLU D 265 -7.10 -23.17 29.16
CA GLU D 265 -7.11 -23.96 30.38
C GLU D 265 -5.68 -24.28 30.83
N TYR D 266 -4.80 -24.61 29.88
CA TYR D 266 -3.42 -24.93 30.21
C TYR D 266 -2.69 -23.70 30.76
N THR D 267 -2.97 -22.52 30.21
CA THR D 267 -2.32 -21.30 30.71
C THR D 267 -2.82 -20.95 32.10
N ARG D 268 -4.12 -21.09 32.35
CA ARG D 268 -4.65 -20.84 33.68
C ARG D 268 -3.97 -21.74 34.71
N ASN D 269 -3.70 -22.98 34.33
CA ASN D 269 -3.05 -23.93 35.23
C ASN D 269 -1.64 -23.50 35.59
N THR D 270 -0.88 -23.12 34.58
CA THR D 270 0.45 -22.60 34.83
C THR D 270 0.39 -21.39 35.75
N LEU D 271 -0.59 -20.50 35.51
CA LEU D 271 -0.70 -19.30 36.32
C LEU D 271 -1.05 -19.64 37.77
N LYS D 272 -1.94 -20.61 37.99
CA LYS D 272 -2.27 -20.99 39.36
C LYS D 272 -1.11 -21.69 40.05
N GLU D 273 -0.30 -22.45 39.31
CA GLU D 273 0.91 -23.02 39.90
C GLU D 273 1.91 -21.94 40.27
N LEU D 274 2.08 -20.94 39.40
CA LEU D 274 3.02 -19.86 39.68
C LEU D 274 2.57 -19.05 40.88
N GLU D 275 1.25 -18.80 40.99
CA GLU D 275 0.72 -18.08 42.14
C GLU D 275 1.00 -18.84 43.43
N ALA D 276 0.71 -20.14 43.45
CA ALA D 276 0.97 -20.93 44.66
C ALA D 276 2.46 -20.96 44.99
N LYS D 277 3.32 -21.07 43.97
CA LYS D 277 4.75 -21.10 44.23
C LYS D 277 5.24 -19.77 44.81
N ALA D 278 4.76 -18.64 44.26
CA ALA D 278 5.11 -17.33 44.82
C ALA D 278 4.76 -17.26 46.31
N TYR D 279 3.57 -17.71 46.69
CA TYR D 279 3.18 -17.67 48.11
C TYR D 279 4.14 -18.50 48.96
N LYS D 280 4.50 -19.68 48.47
CA LYS D 280 5.44 -20.54 49.18
C LYS D 280 6.79 -19.84 49.32
N GLN D 281 7.28 -19.25 48.23
CA GLN D 281 8.57 -18.58 48.25
C GLN D 281 8.54 -17.30 49.09
N ILE D 282 7.40 -16.60 49.12
CA ILE D 282 7.29 -15.43 49.96
C ILE D 282 7.33 -15.83 51.43
N ASP D 283 6.66 -16.93 51.79
CA ASP D 283 6.67 -17.40 53.16
C ASP D 283 8.05 -17.88 53.57
N ALA D 284 8.78 -18.49 52.63
CA ALA D 284 10.16 -18.89 52.92
C ALA D 284 11.07 -17.70 53.17
N ARG D 285 10.66 -16.49 52.80
CA ARG D 285 11.47 -15.30 53.00
C ARG D 285 10.98 -14.46 54.18
N GLY D 286 10.23 -15.07 55.10
CA GLY D 286 9.77 -14.39 56.30
C GLY D 286 8.41 -13.75 56.19
N GLY D 287 7.71 -13.93 55.08
CA GLY D 287 6.40 -13.32 54.90
C GLY D 287 6.48 -11.93 54.31
N ASN D 288 5.35 -11.51 53.73
CA ASN D 288 5.25 -10.20 53.11
C ASN D 288 3.79 -9.92 52.78
N PRO D 289 3.01 -9.40 53.72
CA PRO D 289 1.58 -9.17 53.46
C PRO D 289 1.33 -8.32 52.23
N GLU D 290 2.16 -7.31 51.97
CA GLU D 290 1.95 -6.45 50.80
C GLU D 290 2.16 -7.22 49.50
N LEU D 291 3.21 -8.03 49.43
CA LEU D 291 3.47 -8.79 48.20
C LEU D 291 2.40 -9.85 47.98
N VAL D 292 1.96 -10.52 49.05
CA VAL D 292 0.90 -11.51 48.94
C VAL D 292 -0.38 -10.87 48.39
N ALA D 293 -0.75 -9.72 48.94
CA ALA D 293 -1.98 -9.05 48.49
C ALA D 293 -1.89 -8.63 47.04
N LEU D 294 -0.70 -8.21 46.59
CA LEU D 294 -0.54 -7.81 45.19
C LEU D 294 -0.66 -9.02 44.27
N VAL D 295 0.01 -10.12 44.60
CA VAL D 295 -0.10 -11.34 43.81
C VAL D 295 -1.55 -11.81 43.77
N LYS D 296 -2.22 -11.80 44.93
CA LYS D 296 -3.61 -12.23 45.01
C LYS D 296 -4.50 -11.38 44.11
N HIS D 297 -4.30 -10.06 44.15
CA HIS D 297 -5.10 -9.17 43.30
C HIS D 297 -4.85 -9.45 41.82
N LEU D 298 -3.59 -9.62 41.43
CA LEU D 298 -3.27 -9.94 40.04
C LEU D 298 -3.79 -11.30 39.62
N SER D 299 -4.03 -12.21 40.56
CA SER D 299 -4.45 -13.57 40.22
C SER D 299 -5.96 -13.69 40.01
N LYS D 300 -6.74 -12.64 40.29
CA LYS D 300 -8.15 -12.64 39.93
C LYS D 300 -8.35 -12.77 38.42
N MET D 301 -7.33 -12.45 37.62
CA MET D 301 -7.47 -12.47 36.17
C MET D 301 -7.87 -13.85 35.66
N PHE D 302 -7.44 -14.91 36.34
CA PHE D 302 -7.85 -16.28 36.01
C PHE D 302 -8.71 -16.82 37.13
N LYS D 303 -9.24 -18.02 36.91
CA LYS D 303 -10.17 -18.69 37.84
C LYS D 303 -11.19 -17.75 38.49
N THR E 11 -25.85 9.15 -28.36
CA THR E 11 -25.32 10.18 -27.47
C THR E 11 -25.78 11.57 -27.89
N GLN E 12 -26.85 12.05 -27.25
CA GLN E 12 -27.39 13.37 -27.55
C GLN E 12 -27.35 14.18 -26.29
N GLU E 13 -28.37 14.13 -25.42
CA GLU E 13 -28.37 14.82 -24.13
C GLU E 13 -27.77 13.97 -23.02
N THR E 14 -27.56 12.68 -23.25
CA THR E 14 -26.96 11.81 -22.26
C THR E 14 -25.51 12.16 -21.94
N VAL E 15 -24.81 12.84 -22.85
CA VAL E 15 -23.46 13.31 -22.53
C VAL E 15 -23.51 14.24 -21.34
N GLN E 16 -24.45 15.19 -21.34
CA GLN E 16 -24.58 16.12 -20.23
C GLN E 16 -24.88 15.39 -18.94
N ARG E 17 -25.70 14.35 -19.02
CA ARG E 17 -26.05 13.58 -17.83
C ARG E 17 -24.82 12.85 -17.28
N ILE E 18 -23.97 12.30 -18.15
CA ILE E 18 -22.73 11.66 -17.71
C ILE E 18 -21.84 12.68 -17.00
N LEU E 19 -21.64 13.85 -17.60
CA LEU E 19 -20.73 14.84 -17.04
C LEU E 19 -21.25 15.40 -15.72
N LEU E 20 -22.56 15.39 -15.53
CA LEU E 20 -23.20 16.01 -14.37
C LEU E 20 -23.52 15.04 -13.25
N GLU E 21 -23.36 13.72 -13.46
CA GLU E 21 -23.79 12.77 -12.45
C GLU E 21 -23.16 12.96 -11.07
N PRO E 22 -21.85 13.22 -10.93
CA PRO E 22 -21.33 13.49 -9.58
C PRO E 22 -22.03 14.66 -8.93
N TYR E 23 -22.35 15.69 -9.72
CA TYR E 23 -23.08 16.84 -9.19
C TYR E 23 -24.49 16.44 -8.76
N LYS E 24 -25.22 15.72 -9.61
CA LYS E 24 -26.56 15.27 -9.27
C LYS E 24 -26.54 14.38 -8.03
N TYR E 25 -25.48 13.58 -7.88
CA TYR E 25 -25.38 12.72 -6.70
C TYR E 25 -25.34 13.55 -5.42
N LEU E 26 -24.56 14.62 -5.41
CA LEU E 26 -24.40 15.43 -4.21
C LEU E 26 -25.69 16.13 -3.80
N LEU E 27 -26.56 16.43 -4.77
CA LEU E 27 -27.81 17.12 -4.43
C LEU E 27 -28.72 16.30 -3.54
N GLN E 28 -28.49 14.98 -3.41
CA GLN E 28 -29.28 14.17 -2.48
C GLN E 28 -29.03 14.51 -1.03
N LEU E 29 -27.98 15.26 -0.74
CA LEU E 29 -27.47 15.43 0.60
C LEU E 29 -28.21 16.56 1.32
N PRO E 30 -28.54 16.37 2.60
CA PRO E 30 -29.09 17.48 3.40
C PRO E 30 -28.17 18.70 3.38
N GLY E 31 -28.77 19.87 3.22
CA GLY E 31 -28.07 21.11 3.45
C GLY E 31 -28.67 22.29 2.72
N LYS E 32 -29.55 22.02 1.77
CA LYS E 32 -30.14 23.10 0.99
C LYS E 32 -31.14 23.91 1.81
N GLN E 33 -31.82 23.29 2.77
CA GLN E 33 -32.78 24.01 3.60
C GLN E 33 -32.15 25.22 4.28
N VAL E 34 -30.97 25.06 4.86
CA VAL E 34 -30.32 26.18 5.54
C VAL E 34 -29.95 27.27 4.54
N ARG E 35 -29.52 26.86 3.34
CA ARG E 35 -29.21 27.83 2.29
C ARG E 35 -30.48 28.55 1.83
N THR E 36 -31.59 27.84 1.76
CA THR E 36 -32.86 28.47 1.45
C THR E 36 -33.25 29.46 2.54
N LYS E 37 -33.14 29.05 3.80
CA LYS E 37 -33.47 29.94 4.91
C LYS E 37 -32.58 31.18 4.93
N LEU E 38 -31.32 31.05 4.51
CA LEU E 38 -30.45 32.22 4.44
C LEU E 38 -30.88 33.17 3.33
N SER E 39 -31.21 32.63 2.16
CA SER E 39 -31.74 33.46 1.08
C SER E 39 -32.97 34.23 1.54
N GLN E 40 -33.93 33.52 2.14
CA GLN E 40 -35.16 34.17 2.59
C GLN E 40 -34.87 35.21 3.66
N ALA E 41 -33.96 34.92 4.58
CA ALA E 41 -33.65 35.88 5.65
C ALA E 41 -33.06 37.16 5.08
N PHE E 42 -32.09 37.06 4.18
CA PHE E 42 -31.50 38.28 3.63
C PHE E 42 -32.46 38.99 2.67
N ASN E 43 -33.35 38.23 2.01
CA ASN E 43 -34.36 38.86 1.16
C ASN E 43 -35.35 39.68 1.97
N HIS E 44 -35.43 39.47 3.28
CA HIS E 44 -36.22 40.35 4.13
C HIS E 44 -35.80 41.81 3.97
N TRP E 45 -34.49 42.05 3.84
CA TRP E 45 -33.97 43.39 3.58
C TRP E 45 -33.95 43.72 2.09
N LEU E 46 -33.53 42.77 1.25
CA LEU E 46 -33.15 43.11 -0.10
C LEU E 46 -34.33 43.14 -1.07
N LYS E 47 -35.38 42.37 -0.81
CA LYS E 47 -36.62 42.42 -1.58
C LYS E 47 -36.34 42.29 -3.08
N VAL E 48 -35.67 41.20 -3.43
CA VAL E 48 -35.26 40.93 -4.81
C VAL E 48 -36.44 40.44 -5.63
N PRO E 49 -36.64 40.95 -6.85
CA PRO E 49 -37.68 40.40 -7.72
C PRO E 49 -37.50 38.90 -7.92
N GLU E 50 -38.63 38.19 -7.99
CA GLU E 50 -38.62 36.73 -7.94
C GLU E 50 -37.80 36.13 -9.08
N ASP E 51 -37.88 36.71 -10.29
CA ASP E 51 -37.16 36.15 -11.42
C ASP E 51 -35.65 36.24 -11.22
N LYS E 52 -35.16 37.40 -10.76
CA LYS E 52 -33.73 37.53 -10.46
C LYS E 52 -33.34 36.66 -9.27
N LEU E 53 -34.18 36.63 -8.23
CA LEU E 53 -33.88 35.82 -7.06
C LEU E 53 -33.72 34.36 -7.42
N GLN E 54 -34.60 33.83 -8.28
CA GLN E 54 -34.56 32.42 -8.65
C GLN E 54 -33.25 32.07 -9.36
N ILE E 55 -32.78 32.94 -10.26
CA ILE E 55 -31.50 32.70 -10.91
C ILE E 55 -30.36 32.73 -9.90
N ILE E 56 -30.39 33.69 -8.98
CA ILE E 56 -29.31 33.83 -8.01
C ILE E 56 -29.20 32.60 -7.13
N ILE E 57 -30.34 32.08 -6.67
CA ILE E 57 -30.34 30.85 -5.88
C ILE E 57 -29.77 29.69 -6.68
N GLU E 58 -30.12 29.61 -7.97
CA GLU E 58 -29.59 28.55 -8.82
C GLU E 58 -28.07 28.66 -8.96
N VAL E 59 -27.57 29.87 -9.22
CA VAL E 59 -26.13 30.11 -9.30
C VAL E 59 -25.43 29.67 -8.02
N THR E 60 -25.98 30.09 -6.86
CA THR E 60 -25.41 29.75 -5.56
C THR E 60 -25.39 28.26 -5.31
N GLU E 61 -26.47 27.55 -5.63
CA GLU E 61 -26.47 26.12 -5.37
C GLU E 61 -25.44 25.41 -6.24
N MET E 62 -25.32 25.81 -7.50
CA MET E 62 -24.30 25.23 -8.38
C MET E 62 -22.89 25.46 -7.85
N LEU E 63 -22.55 26.73 -7.56
CA LEU E 63 -21.19 27.05 -7.15
C LEU E 63 -20.87 26.44 -5.79
N HIS E 64 -21.81 26.48 -4.85
CA HIS E 64 -21.56 25.88 -3.53
C HIS E 64 -21.29 24.39 -3.64
N ASN E 65 -22.18 23.67 -4.32
CA ASN E 65 -22.02 22.22 -4.41
C ASN E 65 -20.79 21.85 -5.23
N ALA E 66 -20.52 22.57 -6.31
CA ALA E 66 -19.30 22.31 -7.07
C ALA E 66 -18.08 22.48 -6.18
N SER E 67 -18.09 23.51 -5.32
CA SER E 67 -16.97 23.74 -4.43
C SER E 67 -16.84 22.66 -3.36
N LEU E 68 -17.97 22.08 -2.92
CA LEU E 68 -17.90 20.98 -1.96
C LEU E 68 -17.32 19.73 -2.60
N LEU E 69 -17.68 19.46 -3.85
CA LEU E 69 -17.08 18.35 -4.61
C LEU E 69 -15.56 18.46 -4.62
N ILE E 70 -15.06 19.65 -4.94
CA ILE E 70 -13.62 19.87 -4.96
C ILE E 70 -13.04 19.79 -3.56
N ASP E 71 -13.72 20.40 -2.59
CA ASP E 71 -13.21 20.43 -1.22
C ASP E 71 -13.03 19.03 -0.63
N ASP E 72 -13.94 18.10 -0.94
CA ASP E 72 -13.83 16.75 -0.40
C ASP E 72 -12.63 16.01 -0.98
N ILE E 73 -12.28 16.29 -2.25
CA ILE E 73 -11.05 15.75 -2.81
C ILE E 73 -9.84 16.36 -2.12
N GLU E 74 -9.84 17.69 -1.98
CA GLU E 74 -8.70 18.37 -1.37
C GLU E 74 -8.50 17.97 0.09
N ASP E 75 -9.56 17.54 0.77
CA ASP E 75 -9.48 17.24 2.18
C ASP E 75 -9.47 15.76 2.48
N ASN E 76 -9.51 14.90 1.45
CA ASN E 76 -9.48 13.45 1.64
C ASN E 76 -10.64 13.00 2.54
N SER E 77 -11.78 13.66 2.39
CA SER E 77 -12.92 13.33 3.22
C SER E 77 -13.57 12.04 2.72
N LYS E 78 -14.22 11.33 3.64
CA LYS E 78 -14.91 10.09 3.30
C LYS E 78 -16.42 10.25 3.26
N LEU E 79 -16.99 11.01 4.20
CA LEU E 79 -18.43 11.23 4.30
C LEU E 79 -18.75 12.71 4.26
N ARG E 80 -19.92 13.04 3.72
CA ARG E 80 -20.50 14.37 3.87
C ARG E 80 -21.98 14.21 4.17
N ARG E 81 -22.41 14.75 5.30
CA ARG E 81 -23.81 14.70 5.74
C ARG E 81 -24.34 13.27 5.76
N GLY E 82 -23.47 12.32 6.17
CA GLY E 82 -23.83 10.93 6.27
C GLY E 82 -23.78 10.16 4.95
N PHE E 83 -23.41 10.81 3.86
CA PHE E 83 -23.31 10.20 2.54
C PHE E 83 -21.86 10.02 2.13
N PRO E 84 -21.56 9.00 1.33
CA PRO E 84 -20.22 8.91 0.73
C PRO E 84 -19.92 10.16 -0.08
N VAL E 85 -18.68 10.65 0.04
CA VAL E 85 -18.25 11.75 -0.83
C VAL E 85 -18.32 11.27 -2.28
N ALA E 86 -18.59 12.22 -3.19
CA ALA E 86 -18.84 11.84 -4.58
C ALA E 86 -17.66 11.12 -5.20
N HIS E 87 -16.42 11.54 -4.89
CA HIS E 87 -15.28 10.94 -5.57
C HIS E 87 -15.00 9.51 -5.10
N SER E 88 -15.54 9.10 -3.94
CA SER E 88 -15.40 7.71 -3.53
C SER E 88 -16.31 6.78 -4.32
N ILE E 89 -17.26 7.32 -5.06
CA ILE E 89 -18.11 6.53 -5.96
C ILE E 89 -17.65 6.66 -7.39
N TYR E 90 -17.52 7.89 -7.91
CA TYR E 90 -17.25 8.12 -9.32
C TYR E 90 -15.78 8.26 -9.65
N GLY E 91 -14.91 8.38 -8.65
CA GLY E 91 -13.48 8.57 -8.86
C GLY E 91 -13.07 10.03 -8.83
N ILE E 92 -11.83 10.28 -8.41
CA ILE E 92 -11.32 11.65 -8.33
C ILE E 92 -11.28 12.32 -9.70
N PRO E 93 -10.75 11.71 -10.76
CA PRO E 93 -10.71 12.43 -12.04
C PRO E 93 -12.10 12.85 -12.54
N SER E 94 -13.09 11.97 -12.44
CA SER E 94 -14.43 12.31 -12.90
C SER E 94 -15.00 13.50 -12.14
N VAL E 95 -14.80 13.56 -10.83
CA VAL E 95 -15.43 14.59 -10.01
C VAL E 95 -14.75 15.94 -10.21
N ILE E 96 -13.41 15.95 -10.35
CA ILE E 96 -12.72 17.20 -10.63
C ILE E 96 -13.32 17.86 -11.85
N ASN E 97 -13.37 17.12 -12.97
CA ASN E 97 -13.87 17.70 -14.21
C ASN E 97 -15.33 18.10 -14.08
N SER E 98 -16.13 17.29 -13.39
CA SER E 98 -17.55 17.57 -13.24
C SER E 98 -17.78 18.83 -12.41
N ALA E 99 -17.06 18.98 -11.28
CA ALA E 99 -17.21 20.18 -10.47
C ALA E 99 -16.79 21.42 -11.26
N ASN E 100 -15.65 21.35 -11.95
CA ASN E 100 -15.17 22.49 -12.72
C ASN E 100 -16.11 22.82 -13.87
N TYR E 101 -16.71 21.79 -14.48
CA TYR E 101 -17.76 22.00 -15.46
C TYR E 101 -18.90 22.83 -14.86
N VAL E 102 -19.30 22.50 -13.64
CA VAL E 102 -20.42 23.17 -12.98
C VAL E 102 -20.06 24.62 -12.63
N TYR E 103 -18.79 24.89 -12.29
CA TYR E 103 -18.34 26.27 -12.12
C TYR E 103 -18.72 27.13 -13.32
N PHE E 104 -18.43 26.63 -14.52
CA PHE E 104 -18.62 27.40 -15.73
C PHE E 104 -20.06 27.34 -16.23
N LEU E 105 -20.81 26.29 -15.88
CA LEU E 105 -22.25 26.35 -16.02
C LEU E 105 -22.84 27.40 -15.09
N GLY E 106 -22.24 27.57 -13.91
CA GLY E 106 -22.65 28.66 -13.03
C GLY E 106 -22.34 30.02 -13.64
N LEU E 107 -21.15 30.15 -14.23
CA LEU E 107 -20.83 31.38 -14.96
C LEU E 107 -21.84 31.63 -16.07
N GLU E 108 -22.18 30.58 -16.82
CA GLU E 108 -23.19 30.71 -17.88
C GLU E 108 -24.51 31.21 -17.31
N LYS E 109 -24.92 30.68 -16.17
CA LYS E 109 -26.18 31.11 -15.56
C LYS E 109 -26.07 32.54 -15.06
N VAL E 110 -24.89 32.96 -14.59
CA VAL E 110 -24.72 34.33 -14.11
C VAL E 110 -24.99 35.34 -15.22
N LEU E 111 -24.64 34.99 -16.46
CA LEU E 111 -24.87 35.89 -17.59
C LEU E 111 -26.35 36.17 -17.81
N THR E 112 -27.23 35.21 -17.51
CA THR E 112 -28.65 35.42 -17.75
C THR E 112 -29.26 36.46 -16.84
N LEU E 113 -28.58 36.87 -15.77
CA LEU E 113 -29.05 37.98 -14.94
C LEU E 113 -29.07 39.29 -15.71
N ASP E 114 -28.32 39.38 -16.81
CA ASP E 114 -28.29 40.56 -17.66
C ASP E 114 -27.99 41.82 -16.85
N HIS E 115 -26.90 41.78 -16.09
CA HIS E 115 -26.43 42.94 -15.34
C HIS E 115 -24.95 43.12 -15.59
N GLN E 116 -24.56 44.36 -15.92
CA GLN E 116 -23.19 44.66 -16.32
C GLN E 116 -22.18 44.31 -15.23
N ASP E 117 -22.59 44.30 -13.96
CA ASP E 117 -21.66 44.06 -12.86
C ASP E 117 -21.71 42.64 -12.32
N ALA E 118 -22.57 41.78 -12.86
CA ALA E 118 -22.71 40.42 -12.32
C ALA E 118 -21.43 39.60 -12.47
N VAL E 119 -20.80 39.63 -13.66
CA VAL E 119 -19.55 38.88 -13.85
C VAL E 119 -18.41 39.47 -13.02
N LYS E 120 -18.35 40.79 -12.90
CA LYS E 120 -17.28 41.34 -12.08
C LYS E 120 -17.39 40.83 -10.64
N LEU E 121 -18.63 40.75 -10.13
CA LEU E 121 -18.84 40.24 -8.77
C LEU E 121 -18.56 38.74 -8.68
N PHE E 122 -19.03 37.97 -9.67
CA PHE E 122 -18.72 36.54 -9.75
C PHE E 122 -17.21 36.30 -9.72
N THR E 123 -16.48 37.02 -10.58
CA THR E 123 -15.03 36.84 -10.64
C THR E 123 -14.38 37.20 -9.32
N ARG E 124 -14.74 38.35 -8.74
CA ARG E 124 -14.15 38.78 -7.47
C ARG E 124 -14.38 37.75 -6.37
N GLN E 125 -15.60 37.22 -6.27
CA GLN E 125 -15.94 36.34 -5.16
C GLN E 125 -15.30 34.97 -5.32
N LEU E 126 -15.22 34.46 -6.55
CA LEU E 126 -14.55 33.19 -6.77
C LEU E 126 -13.04 33.29 -6.56
N LEU E 127 -12.45 34.45 -6.84
CA LEU E 127 -11.04 34.63 -6.49
C LEU E 127 -10.85 34.62 -4.99
N GLU E 128 -11.79 35.23 -4.24
CA GLU E 128 -11.70 35.23 -2.78
C GLU E 128 -11.83 33.81 -2.23
N LEU E 129 -12.78 33.05 -2.77
CA LEU E 129 -12.96 31.67 -2.33
C LEU E 129 -11.67 30.87 -2.48
N HIS E 130 -10.99 31.03 -3.62
CA HIS E 130 -9.80 30.24 -3.87
C HIS E 130 -8.61 30.71 -3.05
N GLN E 131 -8.58 32.01 -2.68
CA GLN E 131 -7.52 32.49 -1.80
C GLN E 131 -7.67 31.93 -0.40
N GLY E 132 -8.90 31.90 0.11
CA GLY E 132 -9.13 31.26 1.40
C GLY E 132 -8.81 29.79 1.38
N GLN E 133 -9.35 29.06 0.39
CA GLN E 133 -9.07 27.63 0.29
C GLN E 133 -7.58 27.35 0.19
N GLY E 134 -6.87 28.11 -0.64
CA GLY E 134 -5.45 27.91 -0.80
C GLY E 134 -4.68 28.10 0.49
N LEU E 135 -5.08 29.09 1.29
CA LEU E 135 -4.42 29.29 2.58
C LEU E 135 -4.71 28.12 3.53
N ASP E 136 -5.99 27.69 3.60
CA ASP E 136 -6.34 26.53 4.42
C ASP E 136 -5.51 25.31 4.02
N ILE E 137 -5.36 25.07 2.72
CA ILE E 137 -4.60 23.91 2.24
C ILE E 137 -3.11 24.12 2.48
N TYR E 138 -2.61 25.33 2.20
CA TYR E 138 -1.19 25.63 2.35
C TYR E 138 -0.72 25.36 3.77
N TRP E 139 -1.43 25.90 4.76
CA TRP E 139 -1.02 25.70 6.15
C TRP E 139 -1.05 24.22 6.53
N ARG E 140 -2.13 23.52 6.15
CA ARG E 140 -2.28 22.13 6.54
C ARG E 140 -1.17 21.26 5.98
N ASP E 141 -0.89 21.40 4.68
CA ASP E 141 0.02 20.52 3.97
C ASP E 141 1.46 20.99 4.01
N ASN E 142 1.73 22.20 4.52
CA ASN E 142 3.11 22.62 4.78
C ASN E 142 3.43 22.65 6.27
N TYR E 143 2.51 22.18 7.12
CA TYR E 143 2.74 22.03 8.56
C TYR E 143 3.18 23.34 9.22
N THR E 144 2.42 24.41 8.94
CA THR E 144 2.61 25.70 9.59
C THR E 144 1.26 26.13 10.15
N CYS E 145 1.10 26.06 11.46
CA CYS E 145 -0.20 26.35 12.05
C CYS E 145 -0.43 27.86 12.03
N PRO E 146 -1.59 28.34 11.62
CA PRO E 146 -1.84 29.77 11.64
C PRO E 146 -2.11 30.27 13.05
N THR E 147 -1.84 31.56 13.26
CA THR E 147 -2.38 32.23 14.42
C THR E 147 -3.90 32.30 14.29
N GLU E 148 -4.57 32.56 15.42
CA GLU E 148 -6.04 32.68 15.40
C GLU E 148 -6.48 33.79 14.46
N GLU E 149 -5.76 34.93 14.47
CA GLU E 149 -6.12 36.04 13.60
C GLU E 149 -5.93 35.68 12.13
N GLU E 150 -4.83 35.00 11.81
CA GLU E 150 -4.62 34.54 10.44
C GLU E 150 -5.73 33.57 10.01
N TYR E 151 -6.12 32.67 10.91
CA TYR E 151 -7.22 31.76 10.63
C TYR E 151 -8.51 32.51 10.33
N LYS E 152 -8.83 33.50 11.16
CA LYS E 152 -10.08 34.24 10.99
C LYS E 152 -10.11 34.97 9.66
N ALA E 153 -8.99 35.62 9.30
CA ALA E 153 -8.93 36.31 8.01
C ALA E 153 -9.10 35.32 6.86
N MET E 154 -8.54 34.12 6.99
CA MET E 154 -8.71 33.12 5.93
C MET E 154 -10.16 32.64 5.86
N VAL E 155 -10.81 32.49 7.00
CA VAL E 155 -12.21 32.06 7.03
C VAL E 155 -13.10 33.09 6.35
N LEU E 156 -12.80 34.38 6.52
CA LEU E 156 -13.59 35.41 5.86
C LEU E 156 -13.55 35.26 4.34
N GLN E 157 -12.40 34.88 3.79
CA GLN E 157 -12.30 34.67 2.35
C GLN E 157 -12.97 33.35 1.96
N LYS E 158 -12.64 32.28 2.68
CA LYS E 158 -13.09 30.94 2.31
C LYS E 158 -14.61 30.84 2.36
N THR E 159 -15.24 31.39 3.40
CA THR E 159 -16.70 31.31 3.50
C THR E 159 -17.38 32.55 2.92
N GLY E 160 -16.76 33.72 3.07
CA GLY E 160 -17.33 34.92 2.50
C GLY E 160 -17.47 34.89 0.98
N GLY E 161 -16.65 34.10 0.30
CA GLY E 161 -16.69 34.04 -1.15
C GLY E 161 -18.07 33.82 -1.71
N LEU E 162 -18.72 32.72 -1.32
CA LEU E 162 -20.05 32.43 -1.81
C LEU E 162 -21.12 33.18 -1.03
N PHE E 163 -20.89 33.41 0.26
CA PHE E 163 -21.76 34.32 1.03
C PHE E 163 -21.90 35.66 0.32
N GLY E 164 -20.77 36.30 0.03
CA GLY E 164 -20.80 37.62 -0.58
C GLY E 164 -21.34 37.61 -1.99
N LEU E 165 -21.16 36.48 -2.69
CA LEU E 165 -21.73 36.36 -4.03
C LEU E 165 -23.24 36.32 -3.99
N ALA E 166 -23.81 35.48 -3.13
CA ALA E 166 -25.27 35.41 -3.02
C ALA E 166 -25.84 36.77 -2.62
N VAL E 167 -25.32 37.37 -1.55
CA VAL E 167 -25.85 38.66 -1.10
C VAL E 167 -25.52 39.76 -2.10
N GLY E 168 -24.28 39.76 -2.61
CA GLY E 168 -23.89 40.78 -3.57
C GLY E 168 -24.71 40.76 -4.84
N LEU E 169 -24.99 39.56 -5.38
CA LEU E 169 -25.83 39.47 -6.56
C LEU E 169 -27.24 39.94 -6.26
N MET E 170 -27.78 39.55 -5.09
CA MET E 170 -29.08 40.03 -4.66
C MET E 170 -29.11 41.55 -4.56
N GLN E 171 -28.04 42.15 -4.02
CA GLN E 171 -28.03 43.61 -3.84
C GLN E 171 -27.99 44.38 -5.15
N LEU E 172 -27.49 43.76 -6.23
CA LEU E 172 -27.51 44.40 -7.54
C LEU E 172 -28.93 44.73 -8.01
N PHE E 173 -29.93 43.99 -7.51
CA PHE E 173 -31.31 44.16 -7.95
C PHE E 173 -32.20 44.63 -6.80
N SER E 174 -31.64 45.39 -5.86
CA SER E 174 -32.34 45.78 -4.64
C SER E 174 -32.19 47.27 -4.44
N ASP E 175 -33.24 47.89 -3.87
CA ASP E 175 -33.13 49.27 -3.42
C ASP E 175 -32.47 49.38 -2.06
N TYR E 176 -32.36 48.28 -1.32
CA TYR E 176 -31.70 48.28 -0.02
C TYR E 176 -30.19 48.34 -0.25
N LYS E 177 -29.56 49.44 0.15
CA LYS E 177 -28.16 49.67 -0.15
C LYS E 177 -27.29 49.79 1.10
N GLU E 178 -27.79 49.37 2.26
CA GLU E 178 -26.97 49.44 3.46
C GLU E 178 -25.89 48.35 3.43
N ASP E 179 -24.85 48.56 4.24
CA ASP E 179 -23.66 47.70 4.19
C ASP E 179 -23.89 46.45 5.04
N LEU E 180 -23.97 45.30 4.38
CA LEU E 180 -24.14 44.01 5.04
C LEU E 180 -22.84 43.27 5.30
N LYS E 181 -21.70 43.80 4.83
CA LYS E 181 -20.45 43.05 4.94
C LYS E 181 -20.05 42.76 6.39
N PRO E 182 -20.13 43.69 7.35
CA PRO E 182 -19.78 43.32 8.73
C PRO E 182 -20.61 42.16 9.25
N LEU E 183 -21.88 42.09 8.88
CA LEU E 183 -22.72 40.97 9.30
C LEU E 183 -22.34 39.69 8.58
N LEU E 184 -22.07 39.78 7.28
CA LEU E 184 -21.61 38.61 6.53
C LEU E 184 -20.31 38.05 7.11
N ASN E 185 -19.41 38.93 7.54
CA ASN E 185 -18.16 38.50 8.16
C ASN E 185 -18.44 37.74 9.46
N THR E 186 -19.32 38.27 10.30
CA THR E 186 -19.68 37.59 11.55
C THR E 186 -20.30 36.23 11.26
N LEU E 187 -21.24 36.18 10.32
CA LEU E 187 -21.86 34.91 9.97
C LEU E 187 -20.85 33.94 9.37
N GLY E 188 -19.90 34.47 8.60
CA GLY E 188 -18.88 33.60 8.03
C GLY E 188 -18.02 32.93 9.08
N LEU E 189 -17.52 33.72 10.04
CA LEU E 189 -16.77 33.15 11.17
C LEU E 189 -17.65 32.21 11.98
N PHE E 190 -18.88 32.64 12.26
CA PHE E 190 -19.82 31.82 13.04
C PHE E 190 -20.03 30.46 12.40
N PHE E 191 -20.33 30.42 11.11
CA PHE E 191 -20.61 29.16 10.43
C PHE E 191 -19.41 28.23 10.44
N GLN E 192 -18.22 28.77 10.16
CA GLN E 192 -17.03 27.92 10.03
C GLN E 192 -16.56 27.40 11.38
N ILE E 193 -16.52 28.27 12.39
CA ILE E 193 -16.07 27.84 13.71
C ILE E 193 -17.07 26.87 14.32
N ARG E 194 -18.37 27.11 14.12
CA ARG E 194 -19.37 26.11 14.50
C ARG E 194 -19.10 24.79 13.79
N ASP E 195 -18.63 24.85 12.55
CA ASP E 195 -18.33 23.63 11.81
C ASP E 195 -17.08 22.94 12.37
N ASP E 196 -16.05 23.72 12.72
CA ASP E 196 -14.88 23.15 13.39
C ASP E 196 -15.27 22.50 14.72
N TYR E 197 -16.14 23.15 15.48
CA TYR E 197 -16.53 22.64 16.79
C TYR E 197 -17.32 21.34 16.66
N ALA E 198 -18.36 21.34 15.83
CA ALA E 198 -19.18 20.14 15.66
C ALA E 198 -18.33 18.95 15.21
N ASN E 199 -17.33 19.20 14.36
CA ASN E 199 -16.55 18.12 13.78
C ASN E 199 -15.82 17.31 14.85
N LEU E 200 -15.34 17.98 15.91
CA LEU E 200 -14.59 17.31 16.96
C LEU E 200 -15.41 17.04 18.21
N HIS E 201 -16.55 17.72 18.39
CA HIS E 201 -17.33 17.60 19.60
C HIS E 201 -18.57 16.74 19.44
N SER E 202 -19.05 16.57 18.21
CA SER E 202 -20.13 15.63 17.90
C SER E 202 -21.44 15.98 18.60
N ASN E 208 -22.48 15.18 9.76
CA ASN E 208 -21.84 15.19 8.45
C ASN E 208 -20.79 14.08 8.33
N LYS E 209 -19.55 14.44 8.68
CA LYS E 209 -18.44 13.53 8.57
C LYS E 209 -18.53 12.44 9.64
N SER E 210 -17.69 11.42 9.49
CA SER E 210 -17.53 10.40 10.51
C SER E 210 -16.76 11.01 11.69
N PHE E 211 -16.30 10.16 12.60
CA PHE E 211 -15.74 10.63 13.86
C PHE E 211 -14.47 11.47 13.64
N CYS E 212 -14.50 12.72 14.13
CA CYS E 212 -13.43 13.71 13.98
C CYS E 212 -12.63 13.59 12.68
N GLU E 213 -13.30 13.71 11.53
CA GLU E 213 -12.59 13.63 10.25
C GLU E 213 -11.58 14.75 10.07
N ASP E 214 -11.80 15.91 10.72
CA ASP E 214 -10.83 17.00 10.61
C ASP E 214 -9.45 16.58 11.08
N LEU E 215 -9.37 15.70 12.09
CA LEU E 215 -8.06 15.22 12.53
C LEU E 215 -7.40 14.37 11.46
N THR E 216 -8.17 13.51 10.80
CA THR E 216 -7.64 12.71 9.70
C THR E 216 -7.18 13.59 8.55
N GLU E 217 -7.94 14.64 8.25
CA GLU E 217 -7.51 15.58 7.21
C GLU E 217 -6.22 16.29 7.60
N GLY E 218 -6.00 16.51 8.89
CA GLY E 218 -4.83 17.22 9.36
C GLY E 218 -4.96 18.72 9.37
N LYS E 219 -6.16 19.24 9.17
CA LYS E 219 -6.34 20.68 9.08
C LYS E 219 -6.16 21.34 10.43
N PHE E 220 -5.74 22.59 10.41
CA PHE E 220 -5.70 23.40 11.61
C PHE E 220 -7.08 24.04 11.73
N SER E 221 -7.83 23.64 12.75
CA SER E 221 -9.16 24.16 12.99
C SER E 221 -9.14 24.96 14.29
N PHE E 222 -10.25 25.66 14.55
CA PHE E 222 -10.26 26.57 15.68
C PHE E 222 -9.87 25.90 16.99
N PRO E 223 -10.40 24.72 17.35
CA PRO E 223 -9.96 24.09 18.62
C PRO E 223 -8.49 23.70 18.64
N THR E 224 -7.98 23.13 17.54
CA THR E 224 -6.59 22.68 17.53
C THR E 224 -5.61 23.84 17.51
N ILE E 225 -5.98 24.94 16.83
CA ILE E 225 -5.17 26.15 16.85
C ILE E 225 -5.04 26.68 18.27
N HIS E 226 -6.13 26.67 19.04
CA HIS E 226 -6.04 27.14 20.42
C HIS E 226 -5.13 26.24 21.25
N ALA E 227 -5.29 24.92 21.12
CA ALA E 227 -4.46 24.00 21.89
C ALA E 227 -2.99 24.15 21.55
N ILE E 228 -2.68 24.38 20.27
CA ILE E 228 -1.30 24.49 19.84
C ILE E 228 -0.65 25.73 20.45
N TRP E 229 -1.33 26.88 20.33
CA TRP E 229 -0.77 28.13 20.82
C TRP E 229 -0.81 28.25 22.33
N SER E 230 -1.84 27.70 22.98
CA SER E 230 -1.97 27.91 24.42
C SER E 230 -1.10 26.98 25.24
N ARG E 231 -0.62 25.89 24.65
CA ARG E 231 0.32 24.98 25.31
C ARG E 231 1.52 24.77 24.40
N PRO E 232 2.36 25.79 24.25
CA PRO E 232 3.45 25.71 23.26
C PRO E 232 4.55 24.72 23.63
N GLU E 233 4.60 24.22 24.86
CA GLU E 233 5.63 23.26 25.24
C GLU E 233 5.31 21.84 24.81
N SER E 234 4.15 21.63 24.20
CA SER E 234 3.73 20.33 23.68
C SER E 234 3.53 20.43 22.17
N THR E 235 3.96 19.40 21.44
CA THR E 235 3.71 19.33 20.00
C THR E 235 2.83 18.15 19.62
N GLN E 236 2.12 17.54 20.57
CA GLN E 236 1.37 16.31 20.23
C GLN E 236 0.30 16.58 19.18
N VAL E 237 -0.37 17.73 19.24
CA VAL E 237 -1.45 18.00 18.30
C VAL E 237 -0.91 18.12 16.88
N GLN E 238 0.18 18.89 16.70
CA GLN E 238 0.85 18.96 15.40
C GLN E 238 1.23 17.57 14.91
N ASN E 239 1.78 16.74 15.81
CA ASN E 239 2.22 15.41 15.40
C ASN E 239 1.05 14.52 15.05
N ILE E 240 -0.03 14.57 15.84
CA ILE E 240 -1.23 13.77 15.55
C ILE E 240 -1.84 14.19 14.22
N LEU E 241 -1.98 15.50 13.98
CA LEU E 241 -2.49 15.95 12.69
C LEU E 241 -1.61 15.47 11.55
N ARG E 242 -0.29 15.45 11.76
CA ARG E 242 0.64 15.02 10.73
C ARG E 242 0.44 13.54 10.39
N GLN E 243 -0.03 12.74 11.34
CA GLN E 243 -0.25 11.32 11.09
C GLN E 243 -1.35 11.06 10.06
N ARG E 244 -2.24 12.01 9.82
CA ARG E 244 -3.35 11.83 8.87
C ARG E 244 -4.07 10.50 9.15
N THR E 245 -4.37 10.26 10.42
CA THR E 245 -4.74 8.93 10.86
C THR E 245 -6.24 8.74 10.93
N GLU E 246 -6.66 7.51 10.67
CA GLU E 246 -8.03 7.09 10.89
C GLU E 246 -8.20 6.36 12.22
N ASN E 247 -7.12 6.24 12.99
CA ASN E 247 -7.16 5.47 14.23
C ASN E 247 -8.07 6.17 15.24
N ILE E 248 -9.14 5.49 15.65
CA ILE E 248 -10.14 6.10 16.52
C ILE E 248 -9.55 6.43 17.89
N ASP E 249 -8.62 5.60 18.37
CA ASP E 249 -8.04 5.83 19.69
C ASP E 249 -7.16 7.07 19.71
N ILE E 250 -6.37 7.28 18.65
CA ILE E 250 -5.57 8.50 18.56
C ILE E 250 -6.47 9.72 18.49
N LYS E 251 -7.58 9.61 17.75
CA LYS E 251 -8.52 10.72 17.67
C LYS E 251 -9.17 10.97 19.02
N LYS E 252 -9.60 9.90 19.70
CA LYS E 252 -10.18 10.06 21.03
C LYS E 252 -9.17 10.66 22.00
N TYR E 253 -7.91 10.22 21.93
CA TYR E 253 -6.88 10.82 22.78
C TYR E 253 -6.73 12.31 22.51
N CYS E 254 -6.76 12.70 21.24
CA CYS E 254 -6.50 14.10 20.91
C CYS E 254 -7.69 14.96 21.30
N VAL E 255 -8.89 14.39 21.26
CA VAL E 255 -10.07 15.10 21.75
C VAL E 255 -9.99 15.27 23.26
N HIS E 256 -9.47 14.27 23.98
CA HIS E 256 -9.28 14.40 25.42
C HIS E 256 -8.31 15.52 25.75
N TYR E 257 -7.22 15.63 24.99
CA TYR E 257 -6.26 16.71 25.22
C TYR E 257 -6.90 18.07 24.99
N LEU E 258 -7.57 18.24 23.84
CA LEU E 258 -8.25 19.51 23.56
C LEU E 258 -9.20 19.87 24.68
N GLU E 259 -9.95 18.89 25.18
CA GLU E 259 -10.86 19.12 26.30
C GLU E 259 -10.10 19.56 27.55
N ASP E 260 -9.00 18.88 27.86
CA ASP E 260 -8.30 19.14 29.12
C ASP E 260 -7.61 20.50 29.13
N VAL E 261 -7.17 21.01 27.98
CA VAL E 261 -6.51 22.30 27.95
C VAL E 261 -7.51 23.42 27.65
N GLY E 262 -8.80 23.08 27.62
CA GLY E 262 -9.85 24.09 27.56
C GLY E 262 -10.17 24.62 26.17
N SER E 263 -9.70 23.95 25.11
CA SER E 263 -9.92 24.45 23.76
C SER E 263 -11.39 24.44 23.37
N PHE E 264 -12.15 23.45 23.86
CA PHE E 264 -13.58 23.41 23.54
C PHE E 264 -14.34 24.50 24.28
N GLU E 265 -13.99 24.75 25.54
CA GLU E 265 -14.59 25.88 26.26
C GLU E 265 -14.26 27.19 25.56
N TYR E 266 -13.02 27.34 25.10
CA TYR E 266 -12.62 28.55 24.39
C TYR E 266 -13.39 28.71 23.09
N THR E 267 -13.62 27.61 22.37
CA THR E 267 -14.36 27.68 21.12
C THR E 267 -15.82 28.03 21.39
N ARG E 268 -16.42 27.42 22.42
CA ARG E 268 -17.79 27.78 22.79
C ARG E 268 -17.89 29.26 23.12
N ASN E 269 -16.90 29.82 23.82
CA ASN E 269 -16.93 31.23 24.17
C ASN E 269 -16.84 32.11 22.93
N THR E 270 -15.93 31.77 22.01
CA THR E 270 -15.84 32.49 20.74
C THR E 270 -17.17 32.45 19.99
N LEU E 271 -17.80 31.27 19.94
CA LEU E 271 -19.08 31.14 19.25
C LEU E 271 -20.18 31.94 19.94
N LYS E 272 -20.18 31.96 21.28
CA LYS E 272 -21.20 32.73 21.99
C LYS E 272 -21.02 34.23 21.75
N GLU E 273 -19.76 34.68 21.62
CA GLU E 273 -19.53 36.08 21.26
C GLU E 273 -20.02 36.37 19.86
N LEU E 274 -19.80 35.44 18.92
CA LEU E 274 -20.23 35.69 17.54
C LEU E 274 -21.75 35.74 17.44
N GLU E 275 -22.43 34.85 18.16
CA GLU E 275 -23.89 34.87 18.18
C GLU E 275 -24.41 36.20 18.70
N ALA E 276 -23.85 36.69 19.81
CA ALA E 276 -24.27 37.97 20.36
C ALA E 276 -23.99 39.11 19.37
N LYS E 277 -22.84 39.06 18.70
CA LYS E 277 -22.51 40.10 17.73
C LYS E 277 -23.45 40.05 16.55
N ALA E 278 -23.81 38.85 16.08
CA ALA E 278 -24.79 38.74 15.00
C ALA E 278 -26.10 39.44 15.38
N TYR E 279 -26.60 39.19 16.60
CA TYR E 279 -27.83 39.84 17.03
C TYR E 279 -27.66 41.35 17.06
N LYS E 280 -26.51 41.83 17.54
CA LYS E 280 -26.26 43.26 17.58
C LYS E 280 -26.26 43.86 16.17
N GLN E 281 -25.57 43.21 15.23
CA GLN E 281 -25.53 43.71 13.86
C GLN E 281 -26.87 43.59 13.16
N ILE E 282 -27.64 42.54 13.48
CA ILE E 282 -28.98 42.42 12.90
C ILE E 282 -29.89 43.53 13.43
N ASP E 283 -29.77 43.86 14.72
CA ASP E 283 -30.56 44.94 15.28
C ASP E 283 -30.15 46.28 14.69
N ALA E 284 -28.85 46.47 14.42
CA ALA E 284 -28.37 47.69 13.79
C ALA E 284 -28.92 47.87 12.37
N ARG E 285 -29.43 46.80 11.77
CA ARG E 285 -29.99 46.87 10.43
C ARG E 285 -31.52 46.82 10.45
N GLY E 286 -32.12 47.14 11.59
CA GLY E 286 -33.56 47.21 11.70
C GLY E 286 -34.22 45.93 12.14
N GLY E 287 -33.47 44.89 12.46
CA GLY E 287 -34.06 43.62 12.84
C GLY E 287 -34.26 42.70 11.65
N ASN E 288 -34.43 41.41 11.96
CA ASN E 288 -34.65 40.37 10.98
C ASN E 288 -35.04 39.09 11.72
N PRO E 289 -36.34 38.90 12.01
CA PRO E 289 -36.76 37.72 12.79
C PRO E 289 -36.31 36.39 12.19
N GLU E 290 -36.32 36.26 10.86
CA GLU E 290 -35.92 34.99 10.23
C GLU E 290 -34.44 34.72 10.45
N LEU E 291 -33.60 35.74 10.29
CA LEU E 291 -32.17 35.55 10.50
C LEU E 291 -31.86 35.31 11.96
N VAL E 292 -32.54 36.03 12.85
CA VAL E 292 -32.35 35.81 14.29
C VAL E 292 -32.71 34.37 14.65
N ALA E 293 -33.86 33.89 14.15
CA ALA E 293 -34.29 32.53 14.45
C ALA E 293 -33.31 31.49 13.91
N LEU E 294 -32.74 31.75 12.73
CA LEU E 294 -31.76 30.82 12.16
C LEU E 294 -30.49 30.80 12.99
N VAL E 295 -29.99 31.97 13.38
CA VAL E 295 -28.80 32.02 14.24
C VAL E 295 -29.06 31.28 15.55
N LYS E 296 -30.22 31.52 16.17
CA LYS E 296 -30.54 30.87 17.43
C LYS E 296 -30.56 29.35 17.28
N HIS E 297 -31.21 28.86 16.22
CA HIS E 297 -31.27 27.42 16.00
C HIS E 297 -29.88 26.84 15.79
N LEU E 298 -29.06 27.50 14.95
CA LEU E 298 -27.70 27.03 14.72
C LEU E 298 -26.84 27.10 15.97
N SER E 299 -27.19 27.96 16.93
CA SER E 299 -26.37 28.16 18.12
C SER E 299 -26.66 27.14 19.21
N LYS E 300 -27.68 26.30 19.04
CA LYS E 300 -27.90 25.19 19.96
C LYS E 300 -26.72 24.21 19.95
N MET E 301 -25.94 24.19 18.88
CA MET E 301 -24.83 23.25 18.72
C MET E 301 -23.78 23.40 19.81
N PHE E 302 -23.58 24.61 20.34
CA PHE E 302 -22.58 24.82 21.39
C PHE E 302 -23.20 25.16 22.75
N LYS E 303 -24.32 24.52 23.10
CA LYS E 303 -25.01 24.79 24.35
C LYS E 303 -25.42 23.46 24.98
N GLU E 304 -26.02 23.53 26.16
CA GLU E 304 -26.49 22.35 26.87
C GLU E 304 -27.85 22.59 27.51
N GLU E 305 -27.87 22.67 28.84
CA GLU E 305 -29.05 22.98 29.66
C GLU E 305 -30.39 22.53 29.09
N GLN F 12 -21.98 -15.51 -29.17
CA GLN F 12 -22.00 -16.56 -30.18
C GLN F 12 -20.69 -17.35 -30.15
N GLU F 13 -20.51 -18.11 -29.06
CA GLU F 13 -19.36 -18.99 -28.84
C GLU F 13 -18.02 -18.26 -28.99
N THR F 14 -18.05 -16.92 -28.94
CA THR F 14 -16.87 -16.10 -28.72
C THR F 14 -16.37 -16.30 -27.29
N VAL F 15 -17.21 -16.90 -26.45
CA VAL F 15 -16.84 -17.26 -25.09
C VAL F 15 -15.56 -18.09 -25.08
N GLN F 16 -15.44 -19.05 -26.00
CA GLN F 16 -14.31 -19.96 -25.92
C GLN F 16 -13.00 -19.18 -26.13
N ARG F 17 -13.00 -18.18 -27.02
CA ARG F 17 -11.83 -17.33 -27.23
C ARG F 17 -11.51 -16.48 -26.00
N ILE F 18 -12.54 -15.96 -25.32
CA ILE F 18 -12.31 -15.25 -24.06
C ILE F 18 -11.63 -16.15 -23.05
N LEU F 19 -12.16 -17.36 -22.87
CA LEU F 19 -11.63 -18.26 -21.85
C LEU F 19 -10.20 -18.68 -22.16
N LEU F 20 -9.84 -18.74 -23.43
CA LEU F 20 -8.55 -19.27 -23.82
C LEU F 20 -7.49 -18.21 -24.05
N GLU F 21 -7.86 -16.92 -24.04
CA GLU F 21 -6.89 -15.89 -24.41
C GLU F 21 -5.62 -15.89 -23.55
N PRO F 22 -5.68 -16.05 -22.22
CA PRO F 22 -4.41 -16.16 -21.48
C PRO F 22 -3.56 -17.32 -21.95
N TYR F 23 -4.19 -18.45 -22.31
CA TYR F 23 -3.44 -19.58 -22.83
C TYR F 23 -2.81 -19.27 -24.17
N LYS F 24 -3.60 -18.73 -25.10
CA LYS F 24 -3.04 -18.39 -26.42
C LYS F 24 -1.91 -17.38 -26.29
N TYR F 25 -2.01 -16.46 -25.31
CA TYR F 25 -0.95 -15.48 -25.11
C TYR F 25 0.37 -16.15 -24.75
N LEU F 26 0.32 -17.14 -23.86
CA LEU F 26 1.54 -17.80 -23.42
C LEU F 26 2.20 -18.57 -24.55
N LEU F 27 1.44 -19.00 -25.57
CA LEU F 27 2.02 -19.74 -26.67
C LEU F 27 3.03 -18.93 -27.49
N GLN F 28 3.04 -17.60 -27.34
CA GLN F 28 4.02 -16.75 -28.02
C GLN F 28 5.44 -16.93 -27.49
N LEU F 29 5.61 -17.58 -26.35
CA LEU F 29 6.84 -17.61 -25.59
C LEU F 29 7.75 -18.73 -26.07
N PRO F 30 9.05 -18.42 -26.17
CA PRO F 30 10.05 -19.44 -26.43
C PRO F 30 9.97 -20.58 -25.43
N GLY F 31 10.12 -21.81 -25.93
CA GLY F 31 10.33 -22.95 -25.06
C GLY F 31 9.80 -24.24 -25.62
N LYS F 32 9.00 -24.17 -26.68
CA LYS F 32 8.41 -25.38 -27.25
C LYS F 32 9.45 -26.22 -27.98
N GLN F 33 10.46 -25.59 -28.61
CA GLN F 33 11.45 -26.35 -29.36
C GLN F 33 12.12 -27.42 -28.51
N VAL F 34 12.55 -27.09 -27.29
CA VAL F 34 13.20 -28.08 -26.44
C VAL F 34 12.23 -29.21 -26.11
N ARG F 35 10.95 -28.87 -25.91
CA ARG F 35 9.95 -29.90 -25.67
C ARG F 35 9.76 -30.76 -26.92
N THR F 36 9.83 -30.15 -28.10
CA THR F 36 9.76 -30.92 -29.34
C THR F 36 10.94 -31.87 -29.46
N LYS F 37 12.16 -31.37 -29.19
CA LYS F 37 13.35 -32.21 -29.26
C LYS F 37 13.31 -33.34 -28.23
N LEU F 38 12.70 -33.12 -27.08
CA LEU F 38 12.57 -34.19 -26.09
C LEU F 38 11.62 -35.28 -26.57
N SER F 39 10.48 -34.89 -27.15
CA SER F 39 9.58 -35.86 -27.76
C SER F 39 10.29 -36.69 -28.82
N GLN F 40 10.99 -36.01 -29.75
CA GLN F 40 11.71 -36.73 -30.80
C GLN F 40 12.82 -37.60 -30.24
N ALA F 41 13.57 -37.09 -29.25
CA ALA F 41 14.68 -37.88 -28.71
C ALA F 41 14.18 -39.16 -28.07
N PHE F 42 13.10 -39.08 -27.30
CA PHE F 42 12.56 -40.30 -26.68
C PHE F 42 11.87 -41.18 -27.71
N ASN F 43 11.36 -40.61 -28.79
CA ASN F 43 10.76 -41.41 -29.86
C ASN F 43 11.80 -42.25 -30.60
N HIS F 44 13.09 -41.93 -30.47
CA HIS F 44 14.13 -42.79 -30.99
C HIS F 44 14.00 -44.21 -30.44
N TRP F 45 13.63 -44.34 -29.17
CA TRP F 45 13.36 -45.65 -28.58
C TRP F 45 11.92 -46.11 -28.80
N LEU F 46 10.94 -45.23 -28.62
CA LEU F 46 9.56 -45.63 -28.47
C LEU F 46 8.84 -45.82 -29.79
N LYS F 47 9.24 -45.08 -30.84
CA LYS F 47 8.70 -45.28 -32.19
C LYS F 47 7.18 -45.27 -32.17
N VAL F 48 6.61 -44.18 -31.66
CA VAL F 48 5.17 -44.03 -31.48
C VAL F 48 4.53 -43.73 -32.83
N PRO F 49 3.40 -44.37 -33.16
CA PRO F 49 2.68 -44.02 -34.40
C PRO F 49 2.31 -42.54 -34.44
N GLU F 50 2.38 -41.97 -35.64
CA GLU F 50 2.29 -40.51 -35.78
C GLU F 50 0.97 -39.96 -35.24
N ASP F 51 -0.13 -40.68 -35.46
CA ASP F 51 -1.42 -40.17 -34.99
C ASP F 51 -1.50 -40.11 -33.47
N LYS F 52 -1.04 -41.16 -32.79
CA LYS F 52 -1.01 -41.13 -31.33
C LYS F 52 0.01 -40.10 -30.84
N LEU F 53 1.19 -40.08 -31.45
CA LEU F 53 2.24 -39.15 -31.05
C LEU F 53 1.77 -37.70 -31.13
N GLN F 54 1.05 -37.36 -32.20
CA GLN F 54 0.58 -35.99 -32.37
C GLN F 54 -0.38 -35.60 -31.24
N ILE F 55 -1.29 -36.50 -30.88
CA ILE F 55 -2.22 -36.24 -29.78
C ILE F 55 -1.46 -36.07 -28.47
N ILE F 56 -0.47 -36.94 -28.23
CA ILE F 56 0.28 -36.90 -26.97
C ILE F 56 1.00 -35.56 -26.83
N ILE F 57 1.61 -35.07 -27.91
CA ILE F 57 2.29 -33.77 -27.87
C ILE F 57 1.32 -32.65 -27.55
N GLU F 58 0.11 -32.72 -28.12
CA GLU F 58 -0.87 -31.68 -27.85
C GLU F 58 -1.27 -31.67 -26.37
N VAL F 59 -1.54 -32.85 -25.83
CA VAL F 59 -1.83 -33.00 -24.40
C VAL F 59 -0.67 -32.43 -23.57
N THR F 60 0.55 -32.79 -23.95
CA THR F 60 1.70 -32.38 -23.16
C THR F 60 1.85 -30.87 -23.16
N GLU F 61 1.65 -30.25 -24.32
CA GLU F 61 1.78 -28.81 -24.43
C GLU F 61 0.71 -28.09 -23.62
N MET F 62 -0.53 -28.56 -23.68
CA MET F 62 -1.60 -27.96 -22.89
C MET F 62 -1.30 -28.03 -21.39
N LEU F 63 -0.99 -29.23 -20.90
CA LEU F 63 -0.80 -29.39 -19.46
C LEU F 63 0.41 -28.61 -18.97
N HIS F 64 1.51 -28.64 -19.72
CA HIS F 64 2.70 -27.92 -19.31
C HIS F 64 2.42 -26.42 -19.23
N ASN F 65 1.86 -25.86 -20.31
CA ASN F 65 1.62 -24.42 -20.35
C ASN F 65 0.58 -24.00 -19.32
N ALA F 66 -0.47 -24.80 -19.15
CA ALA F 66 -1.46 -24.50 -18.11
C ALA F 66 -0.80 -24.46 -16.74
N SER F 67 0.10 -25.41 -16.48
CA SER F 67 0.79 -25.45 -15.20
C SER F 67 1.74 -24.28 -15.04
N LEU F 68 2.29 -23.75 -16.15
CA LEU F 68 3.12 -22.55 -16.05
C LEU F 68 2.28 -21.32 -15.69
N LEU F 69 1.10 -21.18 -16.31
CA LEU F 69 0.19 -20.09 -15.95
C LEU F 69 -0.09 -20.08 -14.46
N ILE F 70 -0.38 -21.26 -13.89
CA ILE F 70 -0.64 -21.37 -12.46
C ILE F 70 0.62 -21.09 -11.67
N ASP F 71 1.76 -21.66 -12.09
CA ASP F 71 3.00 -21.52 -11.36
C ASP F 71 3.43 -20.06 -11.25
N ASP F 72 3.20 -19.27 -12.29
CA ASP F 72 3.59 -17.87 -12.24
C ASP F 72 2.76 -17.09 -11.22
N ILE F 73 1.49 -17.47 -11.05
CA ILE F 73 0.68 -16.89 -9.98
C ILE F 73 1.19 -17.34 -8.61
N GLU F 74 1.45 -18.64 -8.46
CA GLU F 74 1.92 -19.16 -7.17
C GLU F 74 3.28 -18.56 -6.79
N ASP F 75 4.08 -18.16 -7.77
CA ASP F 75 5.43 -17.69 -7.51
C ASP F 75 5.57 -16.18 -7.60
N ASN F 76 4.50 -15.45 -7.91
CA ASN F 76 4.54 -13.99 -8.00
C ASN F 76 5.60 -13.53 -9.00
N SER F 77 5.75 -14.28 -10.09
CA SER F 77 6.75 -13.94 -11.08
C SER F 77 6.26 -12.77 -11.94
N LYS F 78 7.22 -12.03 -12.50
CA LYS F 78 6.93 -10.89 -13.37
C LYS F 78 7.14 -11.20 -14.85
N LEU F 79 8.23 -11.90 -15.18
CA LEU F 79 8.56 -12.24 -16.54
C LEU F 79 8.72 -13.74 -16.69
N ARG F 80 8.40 -14.25 -17.87
CA ARG F 80 8.77 -15.60 -18.26
C ARG F 80 9.28 -15.57 -19.70
N ARG F 81 10.52 -16.05 -19.88
CA ARG F 81 11.17 -16.08 -21.19
C ARG F 81 11.15 -14.70 -21.85
N GLY F 82 11.30 -13.66 -21.03
CA GLY F 82 11.33 -12.31 -21.51
C GLY F 82 9.98 -11.69 -21.78
N PHE F 83 8.88 -12.41 -21.55
CA PHE F 83 7.54 -11.88 -21.74
C PHE F 83 6.88 -11.62 -20.39
N PRO F 84 6.00 -10.62 -20.30
CA PRO F 84 5.19 -10.48 -19.08
C PRO F 84 4.43 -11.77 -18.80
N VAL F 85 4.34 -12.15 -17.53
CA VAL F 85 3.51 -13.28 -17.15
C VAL F 85 2.06 -12.96 -17.51
N ALA F 86 1.29 -14.02 -17.82
CA ALA F 86 -0.06 -13.81 -18.34
C ALA F 86 -0.94 -13.05 -17.37
N HIS F 87 -0.82 -13.34 -16.07
CA HIS F 87 -1.71 -12.72 -15.09
C HIS F 87 -1.40 -11.25 -14.88
N SER F 88 -0.22 -10.79 -15.29
CA SER F 88 0.08 -9.36 -15.26
C SER F 88 -0.63 -8.61 -16.36
N ILE F 89 -1.17 -9.30 -17.35
CA ILE F 89 -1.96 -8.70 -18.41
C ILE F 89 -3.45 -8.91 -18.18
N TYR F 90 -3.87 -10.15 -17.98
CA TYR F 90 -5.28 -10.50 -17.88
C TYR F 90 -5.82 -10.52 -16.46
N GLY F 91 -4.96 -10.46 -15.46
CA GLY F 91 -5.42 -10.55 -14.08
C GLY F 91 -5.35 -11.97 -13.55
N ILE F 92 -5.16 -12.06 -12.24
CA ILE F 92 -5.05 -13.37 -11.59
C ILE F 92 -6.34 -14.17 -11.69
N PRO F 93 -7.52 -13.61 -11.39
CA PRO F 93 -8.74 -14.44 -11.47
C PRO F 93 -8.96 -15.03 -12.85
N SER F 94 -8.79 -14.23 -13.91
CA SER F 94 -8.99 -14.73 -15.27
C SER F 94 -8.03 -15.88 -15.58
N VAL F 95 -6.77 -15.77 -15.16
CA VAL F 95 -5.75 -16.74 -15.56
C VAL F 95 -5.91 -18.05 -14.79
N ILE F 96 -6.24 -17.99 -13.49
CA ILE F 96 -6.51 -19.22 -12.76
C ILE F 96 -7.59 -20.04 -13.48
N ASN F 97 -8.73 -19.40 -13.76
CA ASN F 97 -9.83 -20.10 -14.40
C ASN F 97 -9.44 -20.60 -15.78
N SER F 98 -8.69 -19.79 -16.52
CA SER F 98 -8.30 -20.19 -17.87
C SER F 98 -7.32 -21.36 -17.83
N ALA F 99 -6.33 -21.30 -16.93
CA ALA F 99 -5.41 -22.42 -16.79
C ALA F 99 -6.14 -23.70 -16.39
N ASN F 100 -7.05 -23.59 -15.41
CA ASN F 100 -7.78 -24.79 -14.98
C ASN F 100 -8.69 -25.31 -16.09
N TYR F 101 -9.28 -24.41 -16.87
CA TYR F 101 -10.03 -24.83 -18.06
C TYR F 101 -9.17 -25.69 -18.98
N VAL F 102 -7.92 -25.28 -19.21
CA VAL F 102 -7.03 -26.01 -20.11
C VAL F 102 -6.64 -27.38 -19.53
N TYR F 103 -6.50 -27.50 -18.21
CA TYR F 103 -6.29 -28.82 -17.61
C TYR F 103 -7.32 -29.81 -18.11
N PHE F 104 -8.59 -29.42 -18.09
CA PHE F 104 -9.67 -30.33 -18.41
C PHE F 104 -9.89 -30.45 -19.92
N LEU F 105 -9.49 -29.44 -20.69
CA LEU F 105 -9.36 -29.65 -22.14
C LEU F 105 -8.25 -30.65 -22.43
N GLY F 106 -7.19 -30.64 -21.60
CA GLY F 106 -6.17 -31.67 -21.73
C GLY F 106 -6.70 -33.05 -21.40
N LEU F 107 -7.50 -33.16 -20.33
CA LEU F 107 -8.16 -34.43 -20.04
C LEU F 107 -9.05 -34.84 -21.20
N GLU F 108 -9.82 -33.91 -21.75
CA GLU F 108 -10.68 -34.22 -22.88
C GLU F 108 -9.85 -34.78 -24.04
N LYS F 109 -8.68 -34.20 -24.31
CA LYS F 109 -7.88 -34.66 -25.43
C LYS F 109 -7.27 -36.04 -25.18
N VAL F 110 -6.82 -36.33 -23.96
CA VAL F 110 -6.25 -37.66 -23.70
C VAL F 110 -7.28 -38.74 -23.96
N LEU F 111 -8.57 -38.43 -23.76
CA LEU F 111 -9.60 -39.41 -24.06
C LEU F 111 -9.56 -39.83 -25.51
N THR F 112 -9.15 -38.93 -26.41
CA THR F 112 -9.10 -39.29 -27.83
C THR F 112 -8.01 -40.31 -28.14
N LEU F 113 -7.08 -40.58 -27.21
CA LEU F 113 -6.09 -41.63 -27.40
C LEU F 113 -6.72 -43.01 -27.50
N ASP F 114 -7.95 -43.18 -27.01
CA ASP F 114 -8.67 -44.46 -27.09
C ASP F 114 -7.84 -45.59 -26.50
N HIS F 115 -7.34 -45.38 -25.29
CA HIS F 115 -6.62 -46.41 -24.54
C HIS F 115 -7.13 -46.46 -23.11
N GLN F 116 -7.43 -47.67 -22.64
CA GLN F 116 -8.04 -47.86 -21.33
C GLN F 116 -7.19 -47.29 -20.19
N ASP F 117 -5.87 -47.23 -20.35
CA ASP F 117 -4.99 -46.80 -19.29
C ASP F 117 -4.52 -45.35 -19.41
N ALA F 118 -4.90 -44.65 -20.47
CA ALA F 118 -4.41 -43.27 -20.64
C ALA F 118 -4.91 -42.37 -19.53
N VAL F 119 -6.19 -42.51 -19.15
CA VAL F 119 -6.75 -41.61 -18.13
C VAL F 119 -6.13 -41.89 -16.76
N LYS F 120 -5.86 -43.17 -16.43
CA LYS F 120 -5.26 -43.49 -15.14
C LYS F 120 -3.85 -42.90 -15.04
N LEU F 121 -3.09 -42.96 -16.13
CA LEU F 121 -1.74 -42.41 -16.14
C LEU F 121 -1.79 -40.89 -16.06
N PHE F 122 -2.73 -40.28 -16.78
CA PHE F 122 -2.98 -38.83 -16.67
C PHE F 122 -3.25 -38.43 -15.23
N THR F 123 -4.16 -39.16 -14.56
CA THR F 123 -4.52 -38.85 -13.18
C THR F 123 -3.32 -39.00 -12.25
N ARG F 124 -2.61 -40.12 -12.33
CA ARG F 124 -1.46 -40.35 -11.47
C ARG F 124 -0.41 -39.25 -11.63
N GLN F 125 -0.15 -38.83 -12.88
CA GLN F 125 0.92 -37.87 -13.13
C GLN F 125 0.53 -36.47 -12.69
N LEU F 126 -0.74 -36.08 -12.87
CA LEU F 126 -1.19 -34.79 -12.39
C LEU F 126 -1.18 -34.74 -10.87
N LEU F 127 -1.52 -35.86 -10.24
CA LEU F 127 -1.43 -35.91 -8.79
C LEU F 127 0.00 -35.76 -8.36
N GLU F 128 0.94 -36.37 -9.09
CA GLU F 128 2.30 -36.26 -8.64
C GLU F 128 2.82 -34.84 -8.86
N LEU F 129 2.47 -34.23 -9.99
CA LEU F 129 2.86 -32.85 -10.21
C LEU F 129 2.42 -31.95 -9.06
N HIS F 130 1.20 -32.16 -8.56
CA HIS F 130 0.69 -31.28 -7.51
C HIS F 130 1.31 -31.56 -6.15
N GLN F 131 1.79 -32.80 -5.92
CA GLN F 131 2.52 -33.07 -4.69
C GLN F 131 3.88 -32.38 -4.68
N GLY F 132 4.59 -32.42 -5.81
CA GLY F 132 5.84 -31.68 -5.92
C GLY F 132 5.66 -30.18 -5.75
N GLN F 133 4.72 -29.59 -6.49
CA GLN F 133 4.45 -28.17 -6.38
C GLN F 133 4.07 -27.78 -4.95
N GLY F 134 3.21 -28.59 -4.31
CA GLY F 134 2.76 -28.27 -2.96
C GLY F 134 3.89 -28.23 -1.95
N LEU F 135 4.84 -29.16 -2.07
CA LEU F 135 5.99 -29.15 -1.16
C LEU F 135 6.86 -27.92 -1.38
N ASP F 136 7.12 -27.59 -2.65
CA ASP F 136 7.88 -26.38 -2.96
C ASP F 136 7.23 -25.15 -2.35
N ILE F 137 5.90 -25.05 -2.44
CA ILE F 137 5.19 -23.89 -1.92
C ILE F 137 5.16 -23.92 -0.39
N TYR F 138 4.88 -25.09 0.19
CA TYR F 138 4.84 -25.22 1.64
C TYR F 138 6.16 -24.78 2.28
N TRP F 139 7.28 -25.29 1.78
CA TRP F 139 8.58 -24.93 2.36
C TRP F 139 8.84 -23.43 2.24
N ARG F 140 8.57 -22.87 1.06
CA ARG F 140 8.86 -21.45 0.83
C ARG F 140 8.02 -20.56 1.74
N ASP F 141 6.72 -20.84 1.82
CA ASP F 141 5.80 -19.93 2.51
C ASP F 141 5.64 -20.24 3.99
N ASN F 142 6.18 -21.37 4.47
CA ASN F 142 6.23 -21.64 5.90
C ASN F 142 7.64 -21.51 6.45
N TYR F 143 8.59 -21.03 5.64
CA TYR F 143 9.94 -20.70 6.08
C TYR F 143 10.63 -21.88 6.77
N THR F 144 10.59 -23.03 6.12
CA THR F 144 11.31 -24.23 6.55
C THR F 144 12.11 -24.74 5.36
N CYS F 145 13.43 -24.53 5.41
CA CYS F 145 14.26 -24.88 4.26
C CYS F 145 14.41 -26.40 4.21
N PRO F 146 14.25 -27.02 3.04
CA PRO F 146 14.41 -28.48 2.97
C PRO F 146 15.89 -28.87 2.94
N THR F 147 16.14 -30.12 3.34
CA THR F 147 17.43 -30.73 3.07
C THR F 147 17.59 -30.96 1.58
N GLU F 148 18.84 -31.20 1.15
CA GLU F 148 19.12 -31.48 -0.26
C GLU F 148 18.34 -32.70 -0.75
N GLU F 149 18.25 -33.74 0.09
CA GLU F 149 17.51 -34.94 -0.28
C GLU F 149 16.02 -34.67 -0.42
N GLU F 150 15.46 -33.89 0.50
CA GLU F 150 14.05 -33.50 0.38
C GLU F 150 13.81 -32.70 -0.89
N TYR F 151 14.72 -31.75 -1.20
CA TYR F 151 14.57 -30.96 -2.41
C TYR F 151 14.57 -31.85 -3.66
N LYS F 152 15.52 -32.79 -3.72
CA LYS F 152 15.62 -33.67 -4.88
C LYS F 152 14.37 -34.53 -5.03
N ALA F 153 13.88 -35.09 -3.92
CA ALA F 153 12.67 -35.89 -3.98
C ALA F 153 11.49 -35.05 -4.47
N MET F 154 11.42 -33.78 -4.04
CA MET F 154 10.33 -32.90 -4.49
C MET F 154 10.47 -32.59 -5.97
N VAL F 155 11.70 -32.41 -6.45
CA VAL F 155 11.92 -32.10 -7.86
C VAL F 155 11.46 -33.25 -8.74
N LEU F 156 11.68 -34.49 -8.30
CA LEU F 156 11.23 -35.64 -9.09
C LEU F 156 9.72 -35.62 -9.29
N GLN F 157 8.98 -35.17 -8.28
CA GLN F 157 7.53 -35.03 -8.42
C GLN F 157 7.18 -33.81 -9.28
N LYS F 158 7.80 -32.66 -8.97
CA LYS F 158 7.44 -31.42 -9.64
C LYS F 158 7.73 -31.49 -11.13
N THR F 159 8.89 -32.02 -11.50
CA THR F 159 9.27 -32.13 -12.90
C THR F 159 8.91 -33.47 -13.53
N GLY F 160 9.04 -34.56 -12.78
CA GLY F 160 8.69 -35.87 -13.31
C GLY F 160 7.24 -36.02 -13.71
N GLY F 161 6.35 -35.24 -13.11
CA GLY F 161 4.93 -35.35 -13.40
C GLY F 161 4.60 -35.34 -14.89
N LEU F 162 4.95 -34.27 -15.58
CA LEU F 162 4.64 -34.17 -17.01
C LEU F 162 5.68 -34.89 -17.87
N PHE F 163 6.93 -34.91 -17.43
CA PHE F 163 7.93 -35.79 -18.04
C PHE F 163 7.40 -37.22 -18.09
N GLY F 164 6.95 -37.74 -16.95
CA GLY F 164 6.46 -39.10 -16.90
C GLY F 164 5.15 -39.30 -17.61
N LEU F 165 4.34 -38.24 -17.71
CA LEU F 165 3.09 -38.34 -18.46
C LEU F 165 3.38 -38.48 -19.95
N ALA F 166 4.21 -37.61 -20.50
CA ALA F 166 4.53 -37.67 -21.92
C ALA F 166 5.15 -39.01 -22.28
N VAL F 167 6.19 -39.43 -21.53
CA VAL F 167 6.86 -40.69 -21.85
C VAL F 167 5.94 -41.87 -21.58
N GLY F 168 5.22 -41.84 -20.46
CA GLY F 168 4.31 -42.92 -20.13
C GLY F 168 3.21 -43.09 -21.16
N LEU F 169 2.66 -41.98 -21.65
CA LEU F 169 1.65 -42.09 -22.70
C LEU F 169 2.26 -42.69 -23.97
N MET F 170 3.48 -42.26 -24.32
CA MET F 170 4.15 -42.84 -25.48
C MET F 170 4.32 -44.35 -25.33
N GLN F 171 4.69 -44.82 -24.13
CA GLN F 171 4.95 -46.23 -23.91
C GLN F 171 3.68 -47.06 -24.02
N LEU F 172 2.51 -46.48 -23.75
CA LEU F 172 1.26 -47.19 -23.96
C LEU F 172 1.08 -47.64 -25.40
N PHE F 173 1.75 -46.96 -26.35
CA PHE F 173 1.64 -47.26 -27.77
C PHE F 173 2.96 -47.73 -28.36
N SER F 174 3.82 -48.35 -27.55
CA SER F 174 5.15 -48.72 -28.00
C SER F 174 5.47 -50.16 -27.63
N ASP F 175 6.25 -50.82 -28.49
CA ASP F 175 6.80 -52.12 -28.16
C ASP F 175 8.06 -52.03 -27.31
N TYR F 176 8.66 -50.84 -27.23
CA TYR F 176 9.85 -50.63 -26.39
C TYR F 176 9.37 -50.56 -24.94
N LYS F 177 9.76 -51.56 -24.13
CA LYS F 177 9.25 -51.70 -22.77
C LYS F 177 10.34 -51.61 -21.71
N GLU F 178 11.53 -51.12 -22.04
CA GLU F 178 12.59 -51.01 -21.06
C GLU F 178 12.30 -49.87 -20.09
N ASP F 179 12.99 -49.91 -18.94
CA ASP F 179 12.71 -48.97 -17.85
C ASP F 179 13.42 -47.66 -18.12
N LEU F 180 12.63 -46.61 -18.42
CA LEU F 180 13.15 -45.27 -18.66
C LEU F 180 13.08 -44.39 -17.42
N LYS F 181 12.49 -44.89 -16.33
CA LYS F 181 12.29 -44.05 -15.14
C LYS F 181 13.59 -43.55 -14.53
N PRO F 182 14.64 -44.37 -14.34
CA PRO F 182 15.88 -43.82 -13.77
C PRO F 182 16.46 -42.68 -14.59
N LEU F 183 16.37 -42.78 -15.92
CA LEU F 183 16.84 -41.69 -16.78
C LEU F 183 15.92 -40.49 -16.68
N LEU F 184 14.60 -40.72 -16.61
CA LEU F 184 13.67 -39.62 -16.42
C LEU F 184 13.95 -38.88 -15.12
N ASN F 185 14.30 -39.62 -14.07
CA ASN F 185 14.64 -39.01 -12.78
C ASN F 185 15.87 -38.12 -12.90
N THR F 186 16.92 -38.62 -13.56
CA THR F 186 18.13 -37.85 -13.74
C THR F 186 17.86 -36.57 -14.53
N LEU F 187 17.10 -36.68 -15.62
CA LEU F 187 16.79 -35.50 -16.43
C LEU F 187 15.92 -34.51 -15.67
N GLY F 188 15.02 -34.98 -14.83
CA GLY F 188 14.20 -34.07 -14.04
C GLY F 188 15.04 -33.23 -13.09
N LEU F 189 15.94 -33.88 -12.35
CA LEU F 189 16.87 -33.14 -11.50
C LEU F 189 17.73 -32.20 -12.33
N PHE F 190 18.26 -32.70 -13.45
CA PHE F 190 19.11 -31.90 -14.31
C PHE F 190 18.41 -30.62 -14.76
N PHE F 191 17.19 -30.74 -15.26
CA PHE F 191 16.48 -29.56 -15.77
C PHE F 191 16.21 -28.56 -14.65
N GLN F 192 15.79 -29.03 -13.48
CA GLN F 192 15.39 -28.10 -12.41
C GLN F 192 16.59 -27.41 -11.80
N ILE F 193 17.66 -28.17 -11.50
CA ILE F 193 18.83 -27.55 -10.89
C ILE F 193 19.51 -26.61 -11.87
N ARG F 194 19.58 -26.99 -13.15
CA ARG F 194 20.06 -26.06 -14.17
C ARG F 194 19.21 -24.80 -14.19
N ASP F 195 17.91 -24.95 -13.97
CA ASP F 195 17.03 -23.78 -13.95
C ASP F 195 17.28 -22.92 -12.72
N ASP F 196 17.46 -23.55 -11.55
CA ASP F 196 17.84 -22.82 -10.34
C ASP F 196 19.17 -22.09 -10.55
N TYR F 197 20.13 -22.76 -11.17
CA TYR F 197 21.45 -22.17 -11.37
C TYR F 197 21.37 -20.97 -12.31
N ALA F 198 20.71 -21.15 -13.47
CA ALA F 198 20.58 -20.05 -14.42
C ALA F 198 19.88 -18.85 -13.79
N ASN F 199 18.89 -19.11 -12.93
CA ASN F 199 18.09 -18.01 -12.40
C ASN F 199 18.94 -17.05 -11.57
N LEU F 200 19.93 -17.57 -10.83
CA LEU F 200 20.76 -16.73 -9.97
C LEU F 200 22.12 -16.42 -10.58
N HIS F 201 22.54 -17.16 -11.59
CA HIS F 201 23.88 -16.97 -12.15
C HIS F 201 23.86 -16.22 -13.47
N SER F 202 22.67 -15.87 -13.98
CA SER F 202 22.52 -15.09 -15.20
C SER F 202 23.07 -15.84 -16.41
N LYS F 209 13.02 -14.70 -17.05
CA LYS F 209 12.74 -13.90 -15.86
C LYS F 209 13.73 -12.74 -15.74
N SER F 210 13.41 -11.79 -14.87
CA SER F 210 14.31 -10.69 -14.56
C SER F 210 15.44 -11.16 -13.63
N PHE F 211 16.18 -10.19 -13.09
CA PHE F 211 17.38 -10.48 -12.30
C PHE F 211 17.01 -11.19 -11.01
N CYS F 212 17.64 -12.36 -10.78
CA CYS F 212 17.43 -13.22 -9.62
C CYS F 212 16.00 -13.19 -9.09
N GLU F 213 15.03 -13.54 -9.94
CA GLU F 213 13.63 -13.56 -9.52
C GLU F 213 13.37 -14.61 -8.44
N ASP F 214 14.12 -15.71 -8.44
CA ASP F 214 13.95 -16.74 -7.41
C ASP F 214 14.12 -16.16 -6.01
N LEU F 215 15.03 -15.18 -5.86
CA LEU F 215 15.18 -14.55 -4.55
C LEU F 215 13.95 -13.74 -4.18
N THR F 216 13.36 -13.03 -5.15
CA THR F 216 12.12 -12.28 -4.90
C THR F 216 10.99 -13.23 -4.54
N GLU F 217 10.92 -14.38 -5.22
CA GLU F 217 9.91 -15.37 -4.90
C GLU F 217 10.08 -15.91 -3.47
N GLY F 218 11.32 -15.97 -2.99
CA GLY F 218 11.63 -16.49 -1.68
C GLY F 218 11.80 -18.00 -1.64
N LYS F 219 11.83 -18.67 -2.78
CA LYS F 219 11.88 -20.12 -2.80
C LYS F 219 13.26 -20.61 -2.38
N PHE F 220 13.29 -21.81 -1.81
CA PHE F 220 14.54 -22.51 -1.53
C PHE F 220 14.91 -23.28 -2.78
N SER F 221 15.99 -22.85 -3.43
CA SER F 221 16.51 -23.47 -4.64
C SER F 221 17.84 -24.11 -4.31
N PHE F 222 18.38 -24.87 -5.26
CA PHE F 222 19.57 -25.66 -4.99
C PHE F 222 20.74 -24.83 -4.45
N PRO F 223 21.10 -23.68 -5.03
CA PRO F 223 22.22 -22.92 -4.46
C PRO F 223 21.97 -22.40 -3.06
N THR F 224 20.77 -21.88 -2.78
CA THR F 224 20.50 -21.31 -1.47
C THR F 224 20.38 -22.41 -0.41
N ILE F 225 19.87 -23.58 -0.79
CA ILE F 225 19.84 -24.72 0.12
C ILE F 225 21.26 -25.09 0.55
N HIS F 226 22.20 -25.08 -0.40
CA HIS F 226 23.59 -25.38 -0.04
C HIS F 226 24.16 -24.34 0.91
N ALA F 227 23.96 -23.07 0.61
CA ALA F 227 24.49 -22.01 1.47
C ALA F 227 23.88 -22.06 2.86
N ILE F 228 22.59 -22.38 2.95
CA ILE F 228 21.92 -22.37 4.26
C ILE F 228 22.48 -23.46 5.15
N TRP F 229 22.58 -24.68 4.63
CA TRP F 229 23.03 -25.81 5.43
C TRP F 229 24.53 -25.82 5.67
N SER F 230 25.32 -25.36 4.71
CA SER F 230 26.77 -25.44 4.83
C SER F 230 27.37 -24.33 5.69
N ARG F 231 26.63 -23.25 5.93
CA ARG F 231 27.05 -22.19 6.83
C ARG F 231 25.95 -21.94 7.86
N PRO F 232 25.74 -22.88 8.78
CA PRO F 232 24.58 -22.80 9.68
C PRO F 232 24.66 -21.69 10.71
N GLU F 233 25.80 -21.04 10.89
CA GLU F 233 25.87 -19.96 11.88
C GLU F 233 25.31 -18.65 11.35
N SER F 234 24.90 -18.59 10.09
CA SER F 234 24.31 -17.41 9.50
C SER F 234 22.87 -17.69 9.06
N THR F 235 22.01 -16.70 9.26
CA THR F 235 20.63 -16.73 8.80
C THR F 235 20.40 -15.72 7.68
N GLN F 236 21.49 -15.30 7.04
CA GLN F 236 21.47 -14.24 6.03
C GLN F 236 20.55 -14.59 4.87
N VAL F 237 20.68 -15.82 4.34
CA VAL F 237 19.93 -16.19 3.15
C VAL F 237 18.44 -16.31 3.49
N GLN F 238 18.12 -17.00 4.59
CA GLN F 238 16.74 -17.11 5.04
C GLN F 238 16.10 -15.73 5.18
N ASN F 239 16.82 -14.79 5.78
CA ASN F 239 16.25 -13.47 6.00
C ASN F 239 16.06 -12.73 4.68
N ILE F 240 17.02 -12.84 3.76
CA ILE F 240 16.89 -12.21 2.45
C ILE F 240 15.70 -12.79 1.70
N LEU F 241 15.56 -14.12 1.69
CA LEU F 241 14.41 -14.75 1.03
C LEU F 241 13.10 -14.30 1.67
N ARG F 242 13.11 -14.12 3.00
CA ARG F 242 11.89 -13.70 3.70
C ARG F 242 11.47 -12.29 3.30
N GLN F 243 12.42 -11.45 2.91
CA GLN F 243 12.10 -10.09 2.49
C GLN F 243 11.28 -10.04 1.21
N ARG F 244 11.31 -11.11 0.39
CA ARG F 244 10.60 -11.14 -0.88
C ARG F 244 10.88 -9.87 -1.68
N THR F 245 12.15 -9.51 -1.76
CA THR F 245 12.52 -8.17 -2.17
C THR F 245 12.82 -8.11 -3.67
N GLU F 246 12.51 -6.95 -4.26
CA GLU F 246 12.90 -6.63 -5.61
C GLU F 246 14.17 -5.78 -5.64
N ASN F 247 14.73 -5.48 -4.48
CA ASN F 247 15.89 -4.61 -4.38
C ASN F 247 17.11 -5.27 -5.03
N ILE F 248 17.69 -4.60 -6.03
CA ILE F 248 18.79 -5.19 -6.79
C ILE F 248 20.04 -5.32 -5.93
N ASP F 249 20.27 -4.36 -5.04
CA ASP F 249 21.47 -4.40 -4.21
C ASP F 249 21.42 -5.56 -3.22
N ILE F 250 20.25 -5.80 -2.62
CA ILE F 250 20.10 -6.97 -1.76
C ILE F 250 20.31 -8.25 -2.55
N LYS F 251 19.81 -8.28 -3.78
CA LYS F 251 19.98 -9.48 -4.62
C LYS F 251 21.44 -9.67 -4.98
N LYS F 252 22.11 -8.59 -5.41
CA LYS F 252 23.53 -8.66 -5.70
C LYS F 252 24.32 -9.09 -4.48
N TYR F 253 23.95 -8.57 -3.30
CA TYR F 253 24.62 -8.99 -2.08
C TYR F 253 24.47 -10.49 -1.85
N CYS F 254 23.26 -11.02 -2.07
CA CYS F 254 23.00 -12.42 -1.74
C CYS F 254 23.68 -13.35 -2.73
N VAL F 255 23.84 -12.92 -3.98
CA VAL F 255 24.57 -13.70 -4.97
C VAL F 255 26.06 -13.75 -4.62
N HIS F 256 26.62 -12.63 -4.17
CA HIS F 256 28.03 -12.61 -3.77
C HIS F 256 28.29 -13.57 -2.61
N TYR F 257 27.38 -13.60 -1.64
CA TYR F 257 27.51 -14.55 -0.54
C TYR F 257 27.45 -15.98 -1.06
N LEU F 258 26.48 -16.27 -1.93
CA LEU F 258 26.40 -17.60 -2.54
C LEU F 258 27.70 -17.98 -3.23
N GLU F 259 28.28 -17.03 -3.95
CA GLU F 259 29.56 -17.29 -4.61
C GLU F 259 30.66 -17.58 -3.60
N ASP F 260 30.75 -16.76 -2.55
CA ASP F 260 31.87 -16.86 -1.62
C ASP F 260 31.84 -18.13 -0.79
N VAL F 261 30.66 -18.67 -0.48
CA VAL F 261 30.61 -19.88 0.32
C VAL F 261 30.56 -21.12 -0.57
N GLY F 262 30.78 -20.92 -1.87
CA GLY F 262 30.93 -22.03 -2.80
C GLY F 262 29.66 -22.66 -3.32
N SER F 263 28.51 -22.00 -3.14
CA SER F 263 27.24 -22.62 -3.56
C SER F 263 27.14 -22.77 -5.07
N PHE F 264 27.67 -21.82 -5.82
CA PHE F 264 27.60 -21.91 -7.28
C PHE F 264 28.54 -23.01 -7.80
N GLU F 265 29.73 -23.10 -7.21
CA GLU F 265 30.64 -24.20 -7.57
C GLU F 265 30.01 -25.55 -7.24
N TYR F 266 29.34 -25.65 -6.09
CA TYR F 266 28.68 -26.90 -5.70
C TYR F 266 27.55 -27.27 -6.65
N THR F 267 26.79 -26.26 -7.11
CA THR F 267 25.70 -26.55 -8.06
C THR F 267 26.24 -26.97 -9.41
N ARG F 268 27.29 -26.30 -9.90
CA ARG F 268 27.91 -26.71 -11.17
C ARG F 268 28.41 -28.15 -11.09
N ASN F 269 29.02 -28.51 -9.96
CA ASN F 269 29.53 -29.87 -9.80
C ASN F 269 28.38 -30.89 -9.76
N THR F 270 27.31 -30.58 -9.02
CA THR F 270 26.14 -31.45 -9.03
C THR F 270 25.61 -31.61 -10.46
N LEU F 271 25.57 -30.51 -11.21
CA LEU F 271 25.10 -30.57 -12.59
C LEU F 271 26.03 -31.42 -13.47
N LYS F 272 27.35 -31.33 -13.25
CA LYS F 272 28.27 -32.14 -14.05
C LYS F 272 28.11 -33.62 -13.76
N GLU F 273 27.82 -33.97 -12.50
CA GLU F 273 27.54 -35.36 -12.17
C GLU F 273 26.26 -35.84 -12.84
N LEU F 274 25.23 -34.98 -12.85
CA LEU F 274 23.97 -35.34 -13.47
C LEU F 274 24.12 -35.51 -14.98
N GLU F 275 24.91 -34.63 -15.61
CA GLU F 275 25.17 -34.77 -17.04
C GLU F 275 25.86 -36.11 -17.34
N ALA F 276 26.90 -36.44 -16.58
CA ALA F 276 27.61 -37.70 -16.79
C ALA F 276 26.69 -38.90 -16.56
N LYS F 277 25.83 -38.84 -15.54
CA LYS F 277 24.92 -39.94 -15.26
C LYS F 277 23.93 -40.14 -16.40
N ALA F 278 23.39 -39.05 -16.95
CA ALA F 278 22.51 -39.15 -18.10
C ALA F 278 23.18 -39.89 -19.25
N TYR F 279 24.43 -39.53 -19.56
CA TYR F 279 25.13 -40.22 -20.64
C TYR F 279 25.28 -41.70 -20.34
N LYS F 280 25.57 -42.04 -19.07
CA LYS F 280 25.70 -43.45 -18.69
C LYS F 280 24.39 -44.18 -18.88
N GLN F 281 23.28 -43.59 -18.43
CA GLN F 281 21.97 -44.22 -18.54
C GLN F 281 21.48 -44.28 -19.98
N ILE F 282 21.83 -43.30 -20.81
CA ILE F 282 21.45 -43.35 -22.22
C ILE F 282 22.19 -44.49 -22.92
N ASP F 283 23.47 -44.66 -22.62
CA ASP F 283 24.22 -45.76 -23.22
C ASP F 283 23.72 -47.11 -22.73
N ALA F 284 23.29 -47.19 -21.47
CA ALA F 284 22.71 -48.41 -20.94
C ALA F 284 21.42 -48.80 -21.66
N ARG F 285 20.79 -47.86 -22.37
CA ARG F 285 19.57 -48.11 -23.11
C ARG F 285 19.83 -48.20 -24.62
N GLY F 286 21.07 -48.45 -25.02
CA GLY F 286 21.43 -48.64 -26.41
C GLY F 286 21.88 -47.39 -27.13
N GLY F 287 22.00 -46.26 -26.43
CA GLY F 287 22.37 -45.03 -27.09
C GLY F 287 21.17 -44.24 -27.58
N ASN F 288 21.41 -42.95 -27.83
CA ASN F 288 20.41 -42.00 -28.32
C ASN F 288 21.11 -40.71 -28.73
N PRO F 289 21.59 -40.63 -29.98
CA PRO F 289 22.33 -39.43 -30.41
C PRO F 289 21.59 -38.12 -30.21
N GLU F 290 20.27 -38.10 -30.42
CA GLU F 290 19.51 -36.87 -30.23
C GLU F 290 19.49 -36.44 -28.78
N LEU F 291 19.29 -37.38 -27.86
CA LEU F 291 19.25 -37.03 -26.44
C LEU F 291 20.62 -36.59 -25.94
N VAL F 292 21.69 -37.26 -26.39
CA VAL F 292 23.04 -36.86 -25.98
C VAL F 292 23.32 -35.42 -26.41
N ALA F 293 23.00 -35.09 -27.66
CA ALA F 293 23.26 -33.73 -28.15
C ALA F 293 22.43 -32.71 -27.39
N LEU F 294 21.21 -33.06 -27.02
CA LEU F 294 20.38 -32.14 -26.25
C LEU F 294 20.94 -31.95 -24.84
N VAL F 295 21.33 -33.05 -24.18
CA VAL F 295 21.95 -32.95 -22.86
C VAL F 295 23.23 -32.11 -22.93
N LYS F 296 24.07 -32.40 -23.93
CA LYS F 296 25.32 -31.66 -24.08
C LYS F 296 25.05 -30.18 -24.30
N HIS F 297 24.08 -29.84 -25.16
CA HIS F 297 23.76 -28.44 -25.40
C HIS F 297 23.25 -27.76 -24.14
N LEU F 298 22.32 -28.40 -23.43
CA LEU F 298 21.79 -27.81 -22.20
C LEU F 298 22.85 -27.65 -21.13
N SER F 299 23.93 -28.44 -21.20
CA SER F 299 24.95 -28.41 -20.16
C SER F 299 26.00 -27.35 -20.38
N LYS F 300 25.96 -26.65 -21.51
CA LYS F 300 26.81 -25.48 -21.69
C LYS F 300 26.50 -24.38 -20.68
N MET F 301 25.28 -24.39 -20.12
CA MET F 301 24.84 -23.33 -19.21
C MET F 301 25.71 -23.26 -17.96
N PHE F 302 26.27 -24.37 -17.49
CA PHE F 302 27.07 -24.36 -16.27
C PHE F 302 28.56 -24.58 -16.54
N LYS F 303 29.04 -24.17 -17.71
CA LYS F 303 30.43 -24.38 -18.09
C LYS F 303 31.03 -23.05 -18.51
N GLU F 304 32.34 -22.92 -18.30
CA GLU F 304 33.05 -21.68 -18.59
C GLU F 304 33.76 -21.78 -19.95
#